data_7RYT
#
_entry.id   7RYT
#
_cell.length_a   93.018
_cell.length_b   160.991
_cell.length_c   161.976
_cell.angle_alpha   90.000
_cell.angle_beta   90.000
_cell.angle_gamma   90.000
#
_symmetry.space_group_name_H-M   'P 21 21 21'
#
loop_
_entity.id
_entity.type
_entity.pdbx_description
1 polymer 'Homoserine O-acetyltransferase'
2 non-polymer 'COENZYME A'
3 non-polymer DI(HYDROXYETHYL)ETHER
4 non-polymer 'SULFATE ION'
5 water water
#
_entity_poly.entity_id   1
_entity_poly.type   'polypeptide(L)'
_entity_poly.pdbx_seq_one_letter_code
;TQTLPAEGEIGLIDVGSLQLESGAVIDDVCIAVQRWGKLSPARDNVVVVLHALTGDSHITGPAGPGHPTPGWWDGVAGPG
APIDTTRWCAVATNVLGGCRGSTGPSSLARDGKPWGSRFPLISIRDQVQADVAALAALGITEVAAVVGG(OAS)MGGARA
LEWVVGYPDRVRAGLLLAVGARATADQIGTQTTQIAAIKADPDWQSGDYHETGRAPDAGLRLARRFAHLTYRGEIELDTR
FANHNQGNEDPTAGGRYAVQSYLEHQGDKLLSRFDAGSYVILTEALNSHDVGRGRGGVSAALRACPVPVVVGGITSDRLY
PLRLQQELADLLPGCAGLRVVESVYGHDGFLVETEAVGELIRQTLGLADREG
;
_entity_poly.pdbx_strand_id   A,B,C,D,E,F
#
# COMPACT_ATOMS: atom_id res chain seq x y z
N GLN A 2 35.52 -7.02 -48.21
CA GLN A 2 35.31 -5.64 -47.82
C GLN A 2 35.78 -5.39 -46.40
N THR A 3 36.17 -4.14 -46.11
CA THR A 3 36.68 -3.77 -44.80
C THR A 3 35.73 -2.80 -44.11
N LEU A 4 35.80 -2.79 -42.78
CA LEU A 4 34.99 -1.87 -42.00
C LEU A 4 35.37 -0.43 -42.31
N PRO A 5 34.42 0.51 -42.22
CA PRO A 5 34.76 1.91 -42.45
C PRO A 5 35.64 2.45 -41.35
N ALA A 6 36.37 3.52 -41.68
CA ALA A 6 37.17 4.20 -40.68
C ALA A 6 36.33 4.51 -39.46
N GLU A 7 36.91 4.31 -38.28
CA GLU A 7 36.23 4.48 -37.01
C GLU A 7 35.51 5.82 -36.94
N GLY A 8 34.18 5.80 -37.03
CA GLY A 8 33.40 7.02 -37.01
C GLY A 8 32.78 7.39 -38.34
N GLU A 9 33.55 7.24 -39.42
CA GLU A 9 33.08 7.61 -40.75
C GLU A 9 31.96 6.68 -41.21
N ILE A 10 31.35 7.05 -42.34
CA ILE A 10 30.25 6.29 -42.94
C ILE A 10 30.83 5.33 -43.97
N GLY A 11 30.14 4.21 -44.19
CA GLY A 11 30.58 3.21 -45.13
C GLY A 11 29.41 2.46 -45.72
N LEU A 12 29.60 2.01 -46.96
CA LEU A 12 28.58 1.24 -47.68
C LEU A 12 29.08 -0.17 -47.92
N ILE A 13 28.20 -1.14 -47.70
CA ILE A 13 28.52 -2.56 -47.84
C ILE A 13 27.55 -3.15 -48.83
N ASP A 14 28.05 -3.55 -50.01
CA ASP A 14 27.21 -4.17 -51.02
C ASP A 14 27.11 -5.67 -50.73
N VAL A 15 25.89 -6.14 -50.49
CA VAL A 15 25.64 -7.55 -50.19
C VAL A 15 25.00 -8.27 -51.37
N GLY A 16 24.87 -7.60 -52.52
CA GLY A 16 24.27 -8.23 -53.67
C GLY A 16 22.78 -8.46 -53.49
N SER A 17 22.24 -9.32 -54.36
CA SER A 17 20.82 -9.62 -54.32
C SER A 17 20.45 -10.31 -53.01
N LEU A 18 19.24 -10.04 -52.54
CA LEU A 18 18.72 -10.61 -51.31
C LEU A 18 17.31 -11.14 -51.56
N GLN A 19 17.11 -12.43 -51.33
CA GLN A 19 15.80 -13.05 -51.44
C GLN A 19 15.04 -12.86 -50.14
N LEU A 20 13.86 -12.25 -50.21
CA LEU A 20 13.07 -11.94 -49.03
C LEU A 20 12.18 -13.11 -48.64
N GLU A 21 11.65 -13.03 -47.41
CA GLU A 21 10.78 -14.08 -46.89
C GLU A 21 9.56 -14.29 -47.79
N SER A 22 9.12 -13.24 -48.48
CA SER A 22 7.94 -13.33 -49.34
C SER A 22 8.24 -13.98 -50.69
N GLY A 23 9.52 -14.21 -51.00
CA GLY A 23 9.92 -14.69 -52.30
C GLY A 23 10.50 -13.62 -53.22
N ALA A 24 10.13 -12.36 -53.00
CA ALA A 24 10.67 -11.28 -53.81
C ALA A 24 12.18 -11.22 -53.67
N VAL A 25 12.83 -10.67 -54.69
CA VAL A 25 14.29 -10.58 -54.76
C VAL A 25 14.66 -9.14 -55.08
N ILE A 26 15.18 -8.42 -54.08
CA ILE A 26 15.70 -7.07 -54.28
C ILE A 26 17.21 -7.19 -54.47
N ASP A 27 17.70 -6.67 -55.59
CA ASP A 27 19.09 -6.82 -55.98
C ASP A 27 19.87 -5.52 -55.77
N ASP A 28 21.19 -5.64 -55.77
CA ASP A 28 22.09 -4.50 -55.60
C ASP A 28 21.78 -3.76 -54.31
N VAL A 29 21.72 -4.52 -53.21
CA VAL A 29 21.36 -3.97 -51.91
C VAL A 29 22.61 -3.44 -51.22
N CYS A 30 22.55 -2.17 -50.81
CA CYS A 30 23.61 -1.56 -50.02
C CYS A 30 23.13 -1.38 -48.58
N ILE A 31 24.07 -1.44 -47.65
CA ILE A 31 23.77 -1.31 -46.22
C ILE A 31 24.78 -0.35 -45.63
N ALA A 32 24.33 0.86 -45.28
CA ALA A 32 25.20 1.79 -44.60
C ALA A 32 25.55 1.26 -43.21
N VAL A 33 26.73 1.65 -42.72
CA VAL A 33 27.23 1.15 -41.44
C VAL A 33 28.21 2.15 -40.87
N GLN A 34 28.28 2.21 -39.55
CA GLN A 34 29.29 2.97 -38.83
C GLN A 34 29.77 2.13 -37.66
N ARG A 35 31.03 2.31 -37.28
CA ARG A 35 31.65 1.53 -36.23
C ARG A 35 32.42 2.43 -35.28
N TRP A 36 32.27 2.14 -33.99
CA TRP A 36 33.11 2.72 -32.95
C TRP A 36 33.79 1.57 -32.23
N GLY A 37 35.09 1.70 -32.00
CA GLY A 37 35.87 0.64 -31.40
C GLY A 37 36.77 -0.04 -32.42
N LYS A 38 37.60 -0.93 -31.90
CA LYS A 38 38.70 -1.52 -32.66
C LYS A 38 38.43 -3.00 -32.84
N LEU A 39 38.30 -3.43 -34.10
CA LEU A 39 38.01 -4.83 -34.40
C LEU A 39 39.14 -5.73 -33.87
N SER A 40 38.75 -6.86 -33.28
CA SER A 40 39.71 -7.76 -32.68
C SER A 40 40.39 -8.62 -33.74
N PRO A 41 41.63 -9.06 -33.49
CA PRO A 41 42.31 -9.94 -34.44
C PRO A 41 41.52 -11.20 -34.78
N ALA A 42 40.64 -11.63 -33.87
CA ALA A 42 39.77 -12.77 -34.12
C ALA A 42 38.39 -12.38 -34.62
N ARG A 43 38.12 -11.08 -34.74
CA ARG A 43 36.81 -10.59 -35.17
C ARG A 43 35.70 -11.22 -34.33
N ASP A 44 35.87 -11.14 -33.01
CA ASP A 44 34.96 -11.78 -32.07
C ASP A 44 34.49 -10.82 -30.98
N ASN A 45 34.67 -9.52 -31.16
CA ASN A 45 34.25 -8.51 -30.19
C ASN A 45 33.32 -7.49 -30.82
N VAL A 46 32.47 -7.95 -31.74
CA VAL A 46 31.54 -7.07 -32.43
C VAL A 46 30.25 -7.01 -31.63
N VAL A 47 29.84 -5.80 -31.26
CA VAL A 47 28.57 -5.55 -30.60
C VAL A 47 27.70 -4.78 -31.59
N VAL A 48 26.68 -5.43 -32.12
CA VAL A 48 25.82 -4.85 -33.15
C VAL A 48 24.69 -4.08 -32.48
N VAL A 49 24.64 -2.78 -32.73
CA VAL A 49 23.60 -1.91 -32.19
C VAL A 49 22.53 -1.73 -33.28
N LEU A 50 21.30 -2.11 -32.96
CA LEU A 50 20.19 -2.07 -33.90
C LEU A 50 19.28 -0.90 -33.56
N HIS A 51 19.02 -0.04 -34.55
CA HIS A 51 18.25 1.17 -34.31
C HIS A 51 16.75 0.90 -34.45
N ALA A 52 15.96 1.89 -34.06
CA ALA A 52 14.51 1.78 -34.04
C ALA A 52 13.94 2.32 -35.35
N LEU A 53 12.66 2.71 -35.35
CA LEU A 53 11.95 3.07 -36.57
C LEU A 53 12.69 4.14 -37.37
N THR A 54 12.89 5.31 -36.76
CA THR A 54 13.44 6.47 -37.46
C THR A 54 14.93 6.65 -37.20
N GLY A 55 15.58 5.69 -36.57
CA GLY A 55 17.00 5.80 -36.32
C GLY A 55 17.85 5.44 -37.53
N ASP A 56 19.15 5.62 -37.39
CA ASP A 56 20.11 5.32 -38.44
C ASP A 56 21.37 4.75 -37.77
N SER A 57 22.48 4.78 -38.50
CA SER A 57 23.74 4.23 -38.01
C SER A 57 24.48 5.16 -37.08
N HIS A 58 24.05 6.42 -36.95
CA HIS A 58 24.73 7.40 -36.11
C HIS A 58 24.26 7.22 -34.66
N ILE A 59 24.84 6.23 -33.99
CA ILE A 59 24.39 5.89 -32.64
C ILE A 59 24.97 6.83 -31.59
N THR A 60 26.16 7.38 -31.83
CA THR A 60 26.80 8.25 -30.84
C THR A 60 27.63 9.30 -31.56
N GLY A 61 27.84 10.42 -30.87
CA GLY A 61 28.62 11.50 -31.41
C GLY A 61 27.83 12.79 -31.56
N PRO A 62 28.53 13.91 -31.67
CA PRO A 62 27.85 15.20 -31.82
C PRO A 62 27.26 15.40 -33.20
N ALA A 63 26.53 16.50 -33.39
CA ALA A 63 25.92 16.81 -34.66
C ALA A 63 26.95 17.52 -35.55
N GLY A 64 26.51 18.03 -36.70
CA GLY A 64 27.37 18.76 -37.59
C GLY A 64 27.29 18.24 -39.02
N PRO A 65 28.39 18.40 -39.77
CA PRO A 65 28.39 17.93 -41.15
C PRO A 65 28.09 16.44 -41.24
N GLY A 66 27.16 16.09 -42.13
CA GLY A 66 26.76 14.72 -42.33
C GLY A 66 25.78 14.19 -41.30
N HIS A 67 25.63 14.86 -40.16
CA HIS A 67 24.72 14.41 -39.11
C HIS A 67 23.96 15.62 -38.57
N PRO A 68 22.72 15.85 -39.02
CA PRO A 68 21.95 16.98 -38.50
C PRO A 68 21.78 16.91 -36.99
N THR A 69 21.26 15.78 -36.49
CA THR A 69 21.09 15.57 -35.06
C THR A 69 22.15 14.63 -34.53
N PRO A 70 22.49 14.73 -33.25
CA PRO A 70 23.47 13.80 -32.66
C PRO A 70 22.93 12.37 -32.60
N GLY A 71 23.74 11.45 -32.08
CA GLY A 71 23.31 10.06 -32.04
C GLY A 71 22.14 9.84 -31.10
N TRP A 72 21.32 8.84 -31.43
CA TRP A 72 20.14 8.57 -30.60
C TRP A 72 20.51 7.90 -29.29
N TRP A 73 21.66 7.22 -29.23
CA TRP A 73 22.21 6.78 -27.96
C TRP A 73 23.54 7.48 -27.67
N ASP A 74 23.55 8.81 -27.76
CA ASP A 74 24.77 9.57 -27.54
C ASP A 74 25.41 9.17 -26.23
N GLY A 75 26.62 8.61 -26.31
CA GLY A 75 27.37 8.20 -25.14
C GLY A 75 27.36 6.72 -24.84
N VAL A 76 26.76 5.90 -25.71
CA VAL A 76 26.68 4.48 -25.40
C VAL A 76 27.92 3.73 -25.87
N ALA A 77 28.74 4.34 -26.72
CA ALA A 77 29.97 3.73 -27.22
C ALA A 77 31.13 4.67 -26.99
N GLY A 78 32.19 4.17 -26.37
CA GLY A 78 33.35 4.96 -26.06
C GLY A 78 34.12 4.39 -24.87
N PRO A 79 35.24 5.00 -24.53
CA PRO A 79 36.02 4.54 -23.37
C PRO A 79 35.21 4.67 -22.09
N GLY A 80 35.10 3.56 -21.36
CA GLY A 80 34.34 3.53 -20.13
C GLY A 80 32.83 3.58 -20.29
N ALA A 81 32.33 3.70 -21.51
CA ALA A 81 30.91 3.76 -21.76
C ALA A 81 30.29 2.37 -21.65
N PRO A 82 28.95 2.27 -21.68
CA PRO A 82 28.31 0.95 -21.62
C PRO A 82 28.94 -0.06 -22.58
N ILE A 83 29.10 0.30 -23.84
CA ILE A 83 29.82 -0.52 -24.81
C ILE A 83 31.23 0.05 -24.85
N ASP A 84 32.11 -0.54 -24.04
CA ASP A 84 33.49 -0.07 -23.95
C ASP A 84 34.22 -0.31 -25.25
N THR A 85 34.45 0.76 -26.01
CA THR A 85 35.11 0.64 -27.31
C THR A 85 36.59 0.30 -27.19
N THR A 86 37.18 0.41 -25.99
CA THR A 86 38.56 0.00 -25.81
C THR A 86 38.73 -1.50 -25.94
N ARG A 87 37.65 -2.27 -25.80
CA ARG A 87 37.69 -3.72 -25.99
C ARG A 87 36.53 -4.26 -26.81
N TRP A 88 35.52 -3.45 -27.11
CA TRP A 88 34.40 -3.86 -27.94
C TRP A 88 34.37 -3.05 -29.22
N CYS A 89 33.76 -3.61 -30.25
CA CYS A 89 33.60 -2.96 -31.55
C CYS A 89 32.11 -2.73 -31.78
N ALA A 90 31.65 -1.52 -31.52
CA ALA A 90 30.25 -1.16 -31.72
C ALA A 90 30.01 -0.94 -33.22
N VAL A 91 29.25 -1.85 -33.83
CA VAL A 91 28.92 -1.78 -35.25
C VAL A 91 27.42 -1.52 -35.37
N ALA A 92 27.08 -0.41 -36.02
CA ALA A 92 25.69 -0.04 -36.25
C ALA A 92 25.46 0.08 -37.75
N THR A 93 24.29 -0.37 -38.20
CA THR A 93 23.94 -0.34 -39.61
C THR A 93 22.61 0.36 -39.80
N ASN A 94 22.43 0.94 -40.98
CA ASN A 94 21.12 1.48 -41.37
C ASN A 94 20.25 0.34 -41.85
N VAL A 95 19.08 0.18 -41.21
CA VAL A 95 18.23 -0.96 -41.52
C VAL A 95 17.89 -0.99 -43.01
N LEU A 96 17.64 -2.19 -43.52
CA LEU A 96 17.13 -2.33 -44.87
C LEU A 96 15.76 -1.66 -44.98
N GLY A 97 15.56 -0.91 -46.05
CA GLY A 97 14.35 -0.14 -46.20
C GLY A 97 14.39 1.24 -45.60
N GLY A 98 15.50 1.62 -44.96
CA GLY A 98 15.65 2.93 -44.39
C GLY A 98 15.94 3.99 -45.44
N CYS A 99 16.34 5.17 -44.96
CA CYS A 99 16.61 6.30 -45.86
C CYS A 99 17.87 7.06 -45.48
N ARG A 100 18.75 6.47 -44.68
CA ARG A 100 19.97 7.13 -44.23
C ARG A 100 21.22 6.45 -44.77
N GLY A 101 21.15 5.99 -46.03
CA GLY A 101 22.30 5.40 -46.72
C GLY A 101 22.03 4.01 -47.26
N SER A 102 21.11 3.28 -46.65
CA SER A 102 20.82 1.92 -47.07
C SER A 102 19.69 1.89 -48.08
N THR A 103 19.62 0.78 -48.82
CA THR A 103 18.61 0.63 -49.86
C THR A 103 17.21 0.76 -49.27
N GLY A 104 16.40 1.63 -49.88
CA GLY A 104 15.04 1.83 -49.45
C GLY A 104 14.18 2.42 -50.56
N PRO A 105 12.92 2.72 -50.25
CA PRO A 105 12.02 3.28 -51.27
C PRO A 105 12.58 4.51 -51.98
N SER A 106 13.41 5.31 -51.31
CA SER A 106 13.97 6.50 -51.95
C SER A 106 15.21 6.19 -52.78
N SER A 107 15.81 5.02 -52.61
CA SER A 107 16.97 4.65 -53.42
C SER A 107 16.56 4.40 -54.86
N LEU A 108 17.56 4.42 -55.75
CA LEU A 108 17.33 4.19 -57.16
C LEU A 108 17.46 2.71 -57.49
N ALA A 109 16.63 2.23 -58.40
CA ALA A 109 16.68 0.84 -58.85
C ALA A 109 17.55 0.75 -60.09
N ARG A 110 17.35 -0.28 -60.92
CA ARG A 110 18.15 -0.43 -62.13
C ARG A 110 17.70 0.52 -63.24
N ASP A 111 16.40 0.75 -63.36
CA ASP A 111 15.90 1.67 -64.39
C ASP A 111 16.28 3.12 -64.13
N GLY A 112 17.16 3.37 -63.16
CA GLY A 112 17.65 4.71 -62.89
C GLY A 112 16.69 5.62 -62.18
N LYS A 113 15.59 5.10 -61.65
CA LYS A 113 14.53 5.88 -61.03
C LYS A 113 14.20 5.29 -59.67
N PRO A 114 13.64 6.09 -58.76
CA PRO A 114 13.50 5.63 -57.38
C PRO A 114 12.58 4.42 -57.27
N TRP A 115 12.93 3.54 -56.32
CA TRP A 115 12.13 2.34 -56.08
C TRP A 115 10.66 2.71 -55.89
N GLY A 116 10.38 3.61 -54.96
CA GLY A 116 9.01 4.08 -54.77
C GLY A 116 8.07 2.94 -54.49
N SER A 117 6.90 2.97 -55.15
CA SER A 117 5.87 1.97 -54.95
C SER A 117 6.33 0.57 -55.35
N ARG A 118 7.42 0.44 -56.09
CA ARG A 118 7.91 -0.86 -56.50
C ARG A 118 8.77 -1.54 -55.44
N PHE A 119 9.07 -0.85 -54.34
CA PHE A 119 9.84 -1.47 -53.28
C PHE A 119 9.05 -2.63 -52.67
N PRO A 120 9.64 -3.81 -52.53
CA PRO A 120 8.90 -4.93 -51.97
C PRO A 120 8.69 -4.77 -50.48
N LEU A 121 7.59 -5.33 -49.99
CA LEU A 121 7.33 -5.33 -48.56
C LEU A 121 8.34 -6.23 -47.85
N ILE A 122 8.91 -5.72 -46.77
CA ILE A 122 9.94 -6.44 -46.02
C ILE A 122 9.42 -6.76 -44.63
N SER A 123 10.10 -7.70 -43.99
CA SER A 123 9.78 -8.14 -42.63
C SER A 123 10.99 -7.92 -41.73
N ILE A 124 10.78 -8.11 -40.43
CA ILE A 124 11.89 -7.97 -39.50
C ILE A 124 12.96 -9.01 -39.78
N ARG A 125 12.58 -10.19 -40.25
CA ARG A 125 13.56 -11.22 -40.58
C ARG A 125 14.34 -10.86 -41.84
N ASP A 126 13.72 -10.13 -42.76
CA ASP A 126 14.46 -9.64 -43.93
C ASP A 126 15.47 -8.57 -43.53
N GLN A 127 15.09 -7.67 -42.62
CA GLN A 127 16.04 -6.69 -42.11
C GLN A 127 17.21 -7.37 -41.41
N VAL A 128 16.98 -8.51 -40.77
CA VAL A 128 18.07 -9.19 -40.08
C VAL A 128 18.98 -9.89 -41.08
N GLN A 129 18.41 -10.52 -42.10
CA GLN A 129 19.25 -11.16 -43.12
C GLN A 129 20.15 -10.16 -43.80
N ALA A 130 19.67 -8.93 -44.01
CA ALA A 130 20.50 -7.89 -44.60
C ALA A 130 21.65 -7.52 -43.67
N ASP A 131 21.37 -7.35 -42.37
CA ASP A 131 22.43 -7.02 -41.43
C ASP A 131 23.44 -8.16 -41.31
N VAL A 132 22.96 -9.39 -41.20
CA VAL A 132 23.87 -10.53 -41.11
C VAL A 132 24.72 -10.64 -42.37
N ALA A 133 24.09 -10.48 -43.54
CA ALA A 133 24.84 -10.50 -44.78
C ALA A 133 25.83 -9.34 -44.84
N ALA A 134 25.42 -8.16 -44.36
CA ALA A 134 26.33 -7.02 -44.35
C ALA A 134 27.58 -7.32 -43.52
N LEU A 135 27.40 -7.99 -42.37
CA LEU A 135 28.54 -8.34 -41.54
C LEU A 135 29.39 -9.42 -42.21
N ALA A 136 28.74 -10.40 -42.85
CA ALA A 136 29.48 -11.44 -43.55
C ALA A 136 30.39 -10.84 -44.63
N ALA A 137 29.90 -9.82 -45.34
CA ALA A 137 30.72 -9.16 -46.35
C ALA A 137 31.99 -8.56 -45.76
N LEU A 138 32.10 -8.44 -44.44
CA LEU A 138 33.28 -7.92 -43.79
C LEU A 138 34.09 -9.00 -43.08
N GLY A 139 33.71 -10.27 -43.22
CA GLY A 139 34.41 -11.35 -42.57
C GLY A 139 33.98 -11.63 -41.15
N ILE A 140 32.78 -11.18 -40.75
CA ILE A 140 32.27 -11.36 -39.40
C ILE A 140 31.06 -12.27 -39.49
N THR A 141 31.19 -13.48 -38.94
CA THR A 141 30.11 -14.46 -38.95
C THR A 141 29.36 -14.51 -37.62
N GLU A 142 30.08 -14.54 -36.51
CA GLU A 142 29.50 -14.43 -35.18
C GLU A 142 29.85 -13.08 -34.56
N VAL A 143 28.88 -12.48 -33.89
CA VAL A 143 29.07 -11.25 -33.15
C VAL A 143 28.95 -11.54 -31.66
N ALA A 144 29.57 -10.68 -30.85
CA ALA A 144 29.55 -10.91 -29.41
C ALA A 144 28.15 -10.73 -28.84
N ALA A 145 27.48 -9.65 -29.22
CA ALA A 145 26.15 -9.36 -28.68
C ALA A 145 25.38 -8.50 -29.66
N VAL A 146 24.06 -8.54 -29.53
CA VAL A 146 23.15 -7.68 -30.28
C VAL A 146 22.26 -6.96 -29.29
N VAL A 147 22.10 -5.65 -29.47
CA VAL A 147 21.34 -4.82 -28.54
C VAL A 147 20.47 -3.85 -29.35
N GLY A 148 19.23 -3.68 -28.91
CA GLY A 148 18.32 -2.76 -29.57
C GLY A 148 17.02 -2.61 -28.81
N GLY A 149 16.32 -1.52 -29.11
CA GLY A 149 15.00 -1.28 -28.55
C GLY A 149 13.96 -1.03 -29.62
N MET A 151 11.92 -1.53 -32.67
CA MET A 151 12.25 -2.25 -33.89
C MET A 151 13.63 -2.86 -33.76
N GLY A 152 14.56 -2.10 -33.18
CA GLY A 152 15.86 -2.65 -32.88
C GLY A 152 15.79 -3.84 -31.96
N GLY A 153 14.83 -3.82 -31.03
CA GLY A 153 14.61 -4.99 -30.19
C GLY A 153 14.04 -6.16 -30.97
N ALA A 154 13.07 -5.90 -31.85
CA ALA A 154 12.57 -6.95 -32.72
C ALA A 154 13.66 -7.49 -33.62
N ARG A 155 14.55 -6.62 -34.11
CA ARG A 155 15.66 -7.08 -34.92
C ARG A 155 16.62 -7.95 -34.09
N ALA A 156 16.84 -7.57 -32.84
CA ALA A 156 17.70 -8.37 -31.97
C ALA A 156 17.04 -9.69 -31.56
N LEU A 157 15.72 -9.75 -31.58
CA LEU A 157 15.03 -11.00 -31.24
C LEU A 157 15.10 -12.01 -32.38
N GLU A 158 14.91 -11.55 -33.61
CA GLU A 158 15.04 -12.43 -34.76
C GLU A 158 16.49 -12.81 -35.03
N TRP A 159 17.44 -12.04 -34.51
CA TRP A 159 18.86 -12.40 -34.65
C TRP A 159 19.24 -13.53 -33.71
N VAL A 160 18.79 -13.48 -32.47
CA VAL A 160 19.12 -14.53 -31.51
C VAL A 160 18.30 -15.79 -31.73
N VAL A 161 17.13 -15.68 -32.37
CA VAL A 161 16.29 -16.85 -32.61
C VAL A 161 16.57 -17.45 -33.99
N GLY A 162 16.84 -16.61 -34.99
CA GLY A 162 17.10 -17.13 -36.32
C GLY A 162 18.53 -17.53 -36.56
N TYR A 163 19.47 -16.89 -35.87
CA TYR A 163 20.90 -17.17 -36.02
C TYR A 163 21.54 -17.34 -34.64
N PRO A 164 21.09 -18.32 -33.86
CA PRO A 164 21.60 -18.45 -32.49
C PRO A 164 23.09 -18.72 -32.40
N ASP A 165 23.68 -19.33 -33.42
CA ASP A 165 25.10 -19.67 -33.40
C ASP A 165 25.99 -18.55 -33.90
N ARG A 166 25.43 -17.46 -34.39
CA ARG A 166 26.19 -16.31 -34.88
C ARG A 166 26.17 -15.14 -33.90
N VAL A 167 25.72 -15.37 -32.67
CA VAL A 167 25.69 -14.34 -31.64
C VAL A 167 25.84 -15.02 -30.29
N ARG A 168 26.55 -14.36 -29.37
CA ARG A 168 26.82 -14.93 -28.05
C ARG A 168 25.86 -14.43 -26.98
N ALA A 169 25.30 -13.24 -27.15
CA ALA A 169 24.36 -12.70 -26.16
C ALA A 169 23.52 -11.62 -26.84
N GLY A 170 22.38 -11.33 -26.24
CA GLY A 170 21.47 -10.33 -26.78
C GLY A 170 20.80 -9.55 -25.69
N LEU A 171 20.51 -8.28 -26.00
CA LEU A 171 19.77 -7.39 -25.12
C LEU A 171 18.46 -7.01 -25.83
N LEU A 172 17.34 -7.45 -25.28
CA LEU A 172 16.02 -7.15 -25.83
C LEU A 172 15.37 -6.07 -24.97
N LEU A 173 15.18 -4.89 -25.55
CA LEU A 173 14.75 -3.71 -24.81
C LEU A 173 13.43 -3.20 -25.38
N ALA A 174 12.41 -3.13 -24.53
CA ALA A 174 11.12 -2.54 -24.90
C ALA A 174 10.60 -3.12 -26.21
N VAL A 175 10.35 -4.43 -26.20
CA VAL A 175 9.88 -5.15 -27.38
C VAL A 175 9.09 -6.37 -26.91
N GLY A 176 8.27 -6.91 -27.79
CA GLY A 176 7.50 -8.11 -27.53
C GLY A 176 7.82 -9.20 -28.53
N ALA A 177 7.30 -10.40 -28.24
CA ALA A 177 7.52 -11.53 -29.14
C ALA A 177 6.80 -11.35 -30.47
N ARG A 178 5.77 -10.51 -30.53
CA ARG A 178 5.03 -10.27 -31.76
C ARG A 178 4.34 -8.92 -31.64
N ALA A 179 3.83 -8.45 -32.78
CA ALA A 179 3.04 -7.22 -32.79
C ALA A 179 1.70 -7.46 -32.10
N THR A 180 1.24 -6.46 -31.37
CA THR A 180 -0.05 -6.52 -30.70
C THR A 180 -1.10 -5.73 -31.47
N ALA A 181 -2.37 -6.04 -31.19
CA ALA A 181 -3.46 -5.35 -31.88
C ALA A 181 -3.36 -3.84 -31.71
N ASP A 182 -3.00 -3.37 -30.51
CA ASP A 182 -2.87 -1.94 -30.28
C ASP A 182 -1.77 -1.34 -31.16
N GLN A 183 -0.64 -2.03 -31.27
CA GLN A 183 0.46 -1.53 -32.09
C GLN A 183 0.09 -1.50 -33.57
N ILE A 184 -0.52 -2.58 -34.06
CA ILE A 184 -0.93 -2.61 -35.46
C ILE A 184 -2.02 -1.60 -35.73
N GLY A 185 -2.95 -1.42 -34.79
CA GLY A 185 -4.03 -0.48 -34.99
C GLY A 185 -3.54 0.93 -35.21
N THR A 186 -2.64 1.40 -34.34
CA THR A 186 -2.12 2.76 -34.50
C THR A 186 -1.15 2.87 -35.65
N GLN A 187 -0.39 1.80 -35.94
CA GLN A 187 0.60 1.87 -37.00
C GLN A 187 -0.05 1.77 -38.38
N THR A 188 -1.05 0.91 -38.54
CA THR A 188 -1.76 0.86 -39.82
C THR A 188 -2.52 2.15 -40.07
N THR A 189 -2.97 2.83 -39.01
CA THR A 189 -3.63 4.12 -39.19
C THR A 189 -2.61 5.23 -39.44
N GLN A 190 -1.43 5.17 -38.82
CA GLN A 190 -0.35 6.06 -39.20
C GLN A 190 -0.04 5.94 -40.69
N ILE A 191 -0.01 4.71 -41.20
CA ILE A 191 0.23 4.50 -42.63
C ILE A 191 -0.91 5.11 -43.44
N ALA A 192 -2.15 4.87 -43.02
CA ALA A 192 -3.29 5.44 -43.73
C ALA A 192 -3.24 6.96 -43.73
N ALA A 193 -2.60 7.56 -42.72
CA ALA A 193 -2.46 9.01 -42.69
C ALA A 193 -1.53 9.49 -43.78
N ILE A 194 -0.40 8.79 -43.97
CA ILE A 194 0.53 9.16 -45.03
C ILE A 194 -0.08 8.86 -46.40
N LYS A 195 -0.83 7.78 -46.52
CA LYS A 195 -1.41 7.39 -47.81
C LYS A 195 -2.60 8.26 -48.19
N ALA A 196 -3.25 8.91 -47.23
CA ALA A 196 -4.36 9.81 -47.54
C ALA A 196 -3.90 11.19 -47.96
N ASP A 197 -2.62 11.51 -47.78
CA ASP A 197 -2.09 12.78 -48.26
C ASP A 197 -2.10 12.80 -49.78
N PRO A 198 -2.60 13.86 -50.41
CA PRO A 198 -2.63 13.89 -51.88
C PRO A 198 -1.27 13.71 -52.52
N ASP A 199 -0.21 14.20 -51.88
CA ASP A 199 1.14 14.14 -52.43
C ASP A 199 1.79 12.78 -52.26
N TRP A 200 1.11 11.82 -51.63
CA TRP A 200 1.66 10.47 -51.54
C TRP A 200 1.88 9.88 -52.93
N GLN A 201 0.96 10.13 -53.86
CA GLN A 201 1.10 9.72 -55.25
C GLN A 201 1.46 8.24 -55.35
N SER A 202 0.70 7.41 -54.63
CA SER A 202 0.85 5.96 -54.66
C SER A 202 2.25 5.50 -54.30
N GLY A 203 3.00 6.31 -53.55
CA GLY A 203 4.35 5.98 -53.14
C GLY A 203 5.44 6.40 -54.10
N ASP A 204 5.08 6.92 -55.28
CA ASP A 204 6.06 7.38 -56.26
C ASP A 204 6.16 8.90 -56.28
N TYR A 205 6.19 9.53 -55.11
CA TYR A 205 6.32 10.97 -55.01
C TYR A 205 7.76 11.44 -55.18
N HIS A 206 8.73 10.54 -55.04
CA HIS A 206 10.13 10.92 -55.10
C HIS A 206 10.45 11.63 -56.41
N GLU A 207 11.24 12.69 -56.32
CA GLU A 207 11.74 13.41 -57.49
C GLU A 207 10.60 14.02 -58.30
N THR A 208 9.49 14.33 -57.64
CA THR A 208 8.38 15.05 -58.27
C THR A 208 8.18 16.45 -57.73
N GLY A 209 8.83 16.80 -56.62
CA GLY A 209 8.70 18.10 -56.00
C GLY A 209 7.75 18.14 -54.82
N ARG A 210 6.71 17.31 -54.83
CA ARG A 210 5.72 17.28 -53.76
C ARG A 210 5.85 15.98 -52.99
N ALA A 211 5.81 16.07 -51.67
CA ALA A 211 5.88 14.93 -50.77
C ALA A 211 4.71 14.99 -49.79
N PRO A 212 4.37 13.87 -49.17
CA PRO A 212 3.26 13.86 -48.19
C PRO A 212 3.70 14.36 -46.82
N ASP A 213 4.05 15.65 -46.77
CA ASP A 213 4.54 16.24 -45.52
C ASP A 213 3.45 16.25 -44.46
N ALA A 214 2.24 16.69 -44.82
CA ALA A 214 1.15 16.76 -43.86
C ALA A 214 0.86 15.39 -43.27
N GLY A 215 0.76 14.36 -44.12
CA GLY A 215 0.49 13.02 -43.62
C GLY A 215 1.60 12.51 -42.73
N LEU A 216 2.85 12.82 -43.07
CA LEU A 216 3.97 12.35 -42.26
C LEU A 216 3.96 13.00 -40.88
N ARG A 217 3.67 14.31 -40.82
CA ARG A 217 3.56 14.98 -39.52
C ARG A 217 2.44 14.38 -38.68
N LEU A 218 1.29 14.13 -39.29
CA LEU A 218 0.19 13.49 -38.58
C LEU A 218 0.65 12.17 -37.97
N ALA A 219 1.23 11.29 -38.79
CA ALA A 219 1.66 9.99 -38.29
C ALA A 219 2.64 10.13 -37.13
N ARG A 220 3.62 11.03 -37.27
CA ARG A 220 4.63 11.18 -36.24
C ARG A 220 4.04 11.74 -34.94
N ARG A 221 3.11 12.68 -35.05
CA ARG A 221 2.51 13.26 -33.85
C ARG A 221 1.73 12.20 -33.08
N PHE A 222 0.91 11.41 -33.77
CA PHE A 222 0.18 10.34 -33.11
C PHE A 222 1.14 9.31 -32.50
N ALA A 223 2.20 8.96 -33.23
CA ALA A 223 3.14 7.98 -32.73
C ALA A 223 3.88 8.50 -31.50
N HIS A 224 4.29 9.77 -31.52
CA HIS A 224 5.01 10.31 -30.38
C HIS A 224 4.20 10.20 -29.09
N LEU A 225 2.87 10.27 -29.17
CA LEU A 225 2.06 10.12 -27.97
C LEU A 225 2.19 8.72 -27.40
N THR A 226 2.22 7.70 -28.26
CA THR A 226 2.41 6.33 -27.78
C THR A 226 3.81 6.07 -27.26
N TYR A 227 4.76 6.97 -27.53
CA TYR A 227 6.12 6.82 -27.02
C TYR A 227 6.27 7.36 -25.61
N ARG A 228 5.41 8.27 -25.17
CA ARG A 228 5.55 8.96 -23.90
C ARG A 228 4.61 8.37 -22.85
N GLY A 229 4.85 8.75 -21.60
CA GLY A 229 4.00 8.34 -20.49
C GLY A 229 2.92 9.36 -20.21
N GLU A 230 1.72 8.87 -19.91
CA GLU A 230 0.59 9.76 -19.69
C GLU A 230 0.89 10.77 -18.60
N ILE A 231 1.37 10.31 -17.45
CA ILE A 231 1.60 11.21 -16.33
C ILE A 231 2.69 12.22 -16.66
N GLU A 232 3.77 11.77 -17.30
CA GLU A 232 4.85 12.69 -17.64
C GLU A 232 4.36 13.85 -18.50
N LEU A 233 3.46 13.57 -19.45
CA LEU A 233 2.96 14.62 -20.33
C LEU A 233 2.16 15.66 -19.54
N ASP A 234 1.23 15.20 -18.70
CA ASP A 234 0.41 16.13 -17.93
C ASP A 234 1.25 16.94 -16.95
N THR A 235 2.15 16.26 -16.23
CA THR A 235 3.01 16.98 -15.29
C THR A 235 3.86 18.03 -15.98
N ARG A 236 4.24 17.80 -17.24
CA ARG A 236 5.15 18.68 -17.96
C ARG A 236 4.42 19.76 -18.75
N PHE A 237 3.31 19.41 -19.39
CA PHE A 237 2.56 20.35 -20.22
C PHE A 237 1.18 20.69 -19.69
N ALA A 238 0.51 19.75 -19.01
CA ALA A 238 -0.84 19.96 -18.55
C ALA A 238 -1.71 20.52 -19.65
N ASN A 239 -2.65 21.41 -19.33
CA ASN A 239 -3.45 22.11 -20.31
C ASN A 239 -2.97 23.55 -20.52
N HIS A 240 -1.74 23.86 -20.11
CA HIS A 240 -1.21 25.20 -20.25
C HIS A 240 -1.16 25.61 -21.72
N ASN A 241 -1.20 26.92 -21.95
CA ASN A 241 -1.06 27.47 -23.29
C ASN A 241 0.41 27.64 -23.63
N GLN A 242 0.71 27.58 -24.93
CA GLN A 242 2.05 27.87 -25.42
C GLN A 242 2.36 29.34 -25.16
N GLY A 243 3.32 29.61 -24.29
CA GLY A 243 3.64 30.98 -23.92
C GLY A 243 2.42 31.76 -23.47
N ASN A 244 2.09 32.83 -24.20
CA ASN A 244 0.91 33.63 -23.92
C ASN A 244 -0.15 33.51 -25.01
N GLU A 245 -0.09 32.44 -25.81
CA GLU A 245 -1.04 32.28 -26.89
C GLU A 245 -2.43 31.93 -26.36
N ASP A 246 -3.43 32.10 -27.23
CA ASP A 246 -4.82 31.80 -26.89
C ASP A 246 -5.32 30.69 -27.82
N PRO A 247 -5.44 29.46 -27.34
CA PRO A 247 -5.95 28.39 -28.22
C PRO A 247 -7.37 28.63 -28.70
N THR A 248 -8.10 29.56 -28.08
CA THR A 248 -9.45 29.85 -28.51
C THR A 248 -9.48 30.66 -29.80
N ALA A 249 -8.42 31.42 -30.07
CA ALA A 249 -8.38 32.33 -31.22
C ALA A 249 -7.03 32.21 -31.94
N GLY A 250 -6.70 30.98 -32.34
CA GLY A 250 -5.54 30.73 -33.19
C GLY A 250 -4.29 30.28 -32.46
N GLY A 251 -4.24 30.40 -31.14
CA GLY A 251 -3.09 29.97 -30.39
C GLY A 251 -2.97 28.46 -30.36
N ARG A 252 -2.09 27.98 -29.49
CA ARG A 252 -1.86 26.55 -29.33
C ARG A 252 -1.66 26.22 -27.86
N TYR A 253 -1.94 24.97 -27.52
CA TYR A 253 -1.59 24.45 -26.20
C TYR A 253 -0.12 24.07 -26.16
N ALA A 254 0.44 24.02 -24.95
CA ALA A 254 1.83 23.64 -24.79
C ALA A 254 2.12 22.31 -25.48
N VAL A 255 1.36 21.28 -25.11
CA VAL A 255 1.58 19.96 -25.70
C VAL A 255 1.39 19.99 -27.20
N GLN A 256 0.45 20.82 -27.69
CA GLN A 256 0.24 20.92 -29.13
C GLN A 256 1.45 21.50 -29.83
N SER A 257 2.03 22.57 -29.27
CA SER A 257 3.25 23.13 -29.84
C SER A 257 4.41 22.15 -29.74
N TYR A 258 4.43 21.33 -28.70
CA TYR A 258 5.49 20.33 -28.54
C TYR A 258 5.39 19.24 -29.60
N LEU A 259 4.18 18.84 -29.96
CA LEU A 259 4.01 17.78 -30.95
C LEU A 259 4.33 18.27 -32.36
N GLU A 260 3.91 19.49 -32.69
CA GLU A 260 4.24 20.05 -34.01
C GLU A 260 5.74 20.11 -34.21
N HIS A 261 6.49 20.54 -33.19
CA HIS A 261 7.94 20.54 -33.29
C HIS A 261 8.48 19.13 -33.49
N GLN A 262 7.93 18.16 -32.77
CA GLN A 262 8.39 16.78 -32.90
C GLN A 262 8.20 16.25 -34.31
N GLY A 263 7.09 16.62 -34.95
CA GLY A 263 6.87 16.24 -36.34
C GLY A 263 7.76 17.01 -37.31
N ASP A 264 8.05 18.27 -36.99
CA ASP A 264 8.93 19.06 -37.85
C ASP A 264 10.35 18.49 -37.86
N LYS A 265 10.85 18.07 -36.70
CA LYS A 265 12.17 17.48 -36.64
C LYS A 265 12.27 16.24 -37.53
N LEU A 266 11.16 15.53 -37.73
CA LEU A 266 11.19 14.32 -38.53
C LEU A 266 11.12 14.62 -40.02
N LEU A 267 10.36 15.64 -40.42
CA LEU A 267 10.25 15.99 -41.83
C LEU A 267 11.61 16.31 -42.44
N SER A 268 12.43 17.02 -41.68
CA SER A 268 13.75 17.50 -42.21
C SER A 268 14.78 16.37 -42.33
N ARG A 269 14.46 15.16 -41.90
CA ARG A 269 15.50 14.09 -41.90
C ARG A 269 14.92 12.75 -42.36
N PHE A 270 13.60 12.56 -42.34
CA PHE A 270 13.03 11.23 -42.65
C PHE A 270 12.19 11.26 -43.94
N ASP A 271 12.09 10.10 -44.60
CA ASP A 271 11.34 9.96 -45.84
C ASP A 271 10.05 9.18 -45.57
N ALA A 272 8.94 9.68 -46.12
CA ALA A 272 7.65 9.04 -45.88
C ALA A 272 7.64 7.59 -46.36
N GLY A 273 8.21 7.33 -47.53
CA GLY A 273 8.24 5.98 -48.05
C GLY A 273 8.88 5.00 -47.07
N SER A 274 10.00 5.41 -46.47
CA SER A 274 10.63 4.55 -45.47
C SER A 274 9.77 4.41 -44.23
N TYR A 275 9.06 5.48 -43.85
CA TYR A 275 8.17 5.39 -42.69
C TYR A 275 7.09 4.34 -42.91
N VAL A 276 6.56 4.24 -44.13
CA VAL A 276 5.55 3.24 -44.43
C VAL A 276 6.16 1.85 -44.44
N ILE A 277 7.21 1.66 -45.23
CA ILE A 277 7.80 0.33 -45.38
C ILE A 277 8.28 -0.22 -44.03
N LEU A 278 8.91 0.63 -43.23
CA LEU A 278 9.42 0.16 -41.94
C LEU A 278 8.29 -0.09 -40.94
N THR A 279 7.21 0.69 -41.03
CA THR A 279 6.06 0.45 -40.15
C THR A 279 5.34 -0.84 -40.52
N GLU A 280 5.22 -1.12 -41.82
CA GLU A 280 4.61 -2.37 -42.24
C GLU A 280 5.45 -3.57 -41.79
N ALA A 281 6.77 -3.40 -41.69
CA ALA A 281 7.61 -4.46 -41.16
C ALA A 281 7.34 -4.69 -39.69
N LEU A 282 7.13 -3.61 -38.93
CA LEU A 282 6.78 -3.74 -37.52
C LEU A 282 5.49 -4.53 -37.35
N ASN A 283 4.48 -4.24 -38.16
CA ASN A 283 3.21 -4.96 -38.07
C ASN A 283 3.40 -6.45 -38.30
N SER A 284 4.33 -6.83 -39.19
CA SER A 284 4.56 -8.23 -39.49
C SER A 284 5.44 -8.93 -38.46
N HIS A 285 5.85 -8.22 -37.40
CA HIS A 285 6.70 -8.83 -36.39
C HIS A 285 6.00 -9.99 -35.72
N ASP A 286 6.66 -11.15 -35.71
CA ASP A 286 6.09 -12.36 -35.12
C ASP A 286 7.14 -13.46 -35.08
N VAL A 287 7.71 -13.72 -33.90
CA VAL A 287 8.80 -14.68 -33.78
C VAL A 287 8.33 -16.12 -33.91
N GLY A 288 7.04 -16.37 -33.82
CA GLY A 288 6.51 -17.72 -33.90
C GLY A 288 6.08 -18.17 -35.28
N ARG A 289 6.05 -17.28 -36.25
CA ARG A 289 5.61 -17.64 -37.59
C ARG A 289 6.57 -18.67 -38.19
N GLY A 290 6.02 -19.79 -38.64
CA GLY A 290 6.81 -20.83 -39.26
C GLY A 290 7.78 -21.51 -38.31
N ARG A 291 7.60 -21.30 -37.00
CA ARG A 291 8.44 -21.92 -35.99
C ARG A 291 7.65 -22.74 -34.98
N GLY A 292 6.33 -22.85 -35.13
CA GLY A 292 5.52 -23.58 -34.19
C GLY A 292 4.92 -22.75 -33.10
N GLY A 293 4.73 -21.45 -33.31
CA GLY A 293 4.17 -20.56 -32.32
C GLY A 293 5.24 -19.80 -31.56
N VAL A 294 4.79 -18.78 -30.83
CA VAL A 294 5.71 -17.94 -30.08
C VAL A 294 6.40 -18.74 -28.99
N SER A 295 5.62 -19.49 -28.20
CA SER A 295 6.18 -20.20 -27.06
C SER A 295 7.25 -21.20 -27.51
N ALA A 296 6.96 -21.97 -28.56
CA ALA A 296 7.93 -22.95 -29.03
C ALA A 296 9.22 -22.29 -29.51
N ALA A 297 9.09 -21.22 -30.29
CA ALA A 297 10.27 -20.56 -30.83
C ALA A 297 11.16 -19.99 -29.72
N LEU A 298 10.55 -19.51 -28.64
CA LEU A 298 11.34 -18.96 -27.55
C LEU A 298 11.92 -20.05 -26.66
N ARG A 299 11.15 -21.09 -26.37
CA ARG A 299 11.66 -22.18 -25.55
C ARG A 299 12.85 -22.86 -26.22
N ALA A 300 12.90 -22.85 -27.56
CA ALA A 300 13.95 -23.52 -28.31
C ALA A 300 15.14 -22.62 -28.59
N CYS A 301 15.21 -21.44 -27.98
CA CYS A 301 16.30 -20.51 -28.22
C CYS A 301 17.27 -20.57 -27.05
N PRO A 302 18.51 -21.01 -27.26
CA PRO A 302 19.47 -21.12 -26.15
C PRO A 302 20.32 -19.89 -25.90
N VAL A 303 20.25 -18.88 -26.76
CA VAL A 303 21.16 -17.73 -26.63
C VAL A 303 20.88 -17.02 -25.31
N PRO A 304 21.91 -16.68 -24.53
CA PRO A 304 21.67 -15.90 -23.31
C PRO A 304 21.28 -14.46 -23.66
N VAL A 305 20.19 -14.00 -23.06
CA VAL A 305 19.64 -12.69 -23.38
C VAL A 305 19.22 -11.98 -22.09
N VAL A 306 19.29 -10.65 -22.13
CA VAL A 306 18.81 -9.79 -21.04
C VAL A 306 17.58 -9.06 -21.57
N VAL A 307 16.46 -9.20 -20.85
CA VAL A 307 15.19 -8.61 -21.24
C VAL A 307 14.91 -7.43 -20.32
N GLY A 308 14.67 -6.26 -20.89
CA GLY A 308 14.35 -5.07 -20.13
C GLY A 308 13.03 -4.48 -20.57
N GLY A 309 12.24 -4.04 -19.61
CA GLY A 309 10.93 -3.45 -19.90
C GLY A 309 10.73 -2.19 -19.08
N ILE A 310 9.96 -1.26 -19.67
CA ILE A 310 9.69 0.03 -19.05
C ILE A 310 8.29 0.01 -18.44
N THR A 311 8.17 0.50 -17.20
CA THR A 311 6.91 0.43 -16.47
C THR A 311 5.81 1.22 -17.16
N SER A 312 6.06 2.50 -17.42
CA SER A 312 5.05 3.40 -17.99
C SER A 312 4.91 3.30 -19.50
N ASP A 313 5.54 2.30 -20.13
CA ASP A 313 5.46 2.15 -21.58
C ASP A 313 4.03 1.90 -22.02
N ARG A 314 3.50 2.77 -22.88
CA ARG A 314 2.14 2.65 -23.37
C ARG A 314 2.04 1.93 -24.72
N LEU A 315 3.14 1.86 -25.48
CA LEU A 315 3.13 1.18 -26.77
C LEU A 315 3.55 -0.27 -26.67
N TYR A 316 4.51 -0.59 -25.79
CA TYR A 316 4.96 -1.95 -25.54
C TYR A 316 4.79 -2.21 -24.04
N PRO A 317 3.57 -2.49 -23.58
CA PRO A 317 3.33 -2.67 -22.15
C PRO A 317 4.31 -3.65 -21.51
N LEU A 318 4.49 -3.52 -20.19
CA LEU A 318 5.44 -4.38 -19.48
C LEU A 318 5.11 -5.86 -19.64
N ARG A 319 3.82 -6.19 -19.81
CA ARG A 319 3.43 -7.60 -19.89
C ARG A 319 4.14 -8.31 -21.04
N LEU A 320 4.48 -7.59 -22.11
CA LEU A 320 5.11 -8.21 -23.26
C LEU A 320 6.53 -8.67 -22.95
N GLN A 321 7.30 -7.85 -22.24
CA GLN A 321 8.65 -8.25 -21.85
C GLN A 321 8.61 -9.37 -20.82
N GLN A 322 7.63 -9.35 -19.92
CA GLN A 322 7.48 -10.45 -18.97
C GLN A 322 7.32 -11.78 -19.70
N GLU A 323 6.52 -11.80 -20.78
CA GLU A 323 6.36 -13.01 -21.56
C GLU A 323 7.70 -13.46 -22.16
N LEU A 324 8.46 -12.52 -22.74
CA LEU A 324 9.73 -12.87 -23.35
C LEU A 324 10.69 -13.50 -22.34
N ALA A 325 10.80 -12.90 -21.16
CA ALA A 325 11.75 -13.40 -20.16
C ALA A 325 11.35 -14.77 -19.65
N ASP A 326 10.05 -15.01 -19.49
CA ASP A 326 9.59 -16.30 -18.95
C ASP A 326 9.88 -17.43 -19.92
N LEU A 327 9.78 -17.16 -21.23
CA LEU A 327 9.89 -18.22 -22.23
C LEU A 327 11.32 -18.42 -22.73
N LEU A 328 12.13 -17.37 -22.75
CA LEU A 328 13.51 -17.51 -23.20
C LEU A 328 14.34 -18.21 -22.14
N PRO A 329 14.84 -19.43 -22.37
CA PRO A 329 15.61 -20.11 -21.33
C PRO A 329 16.90 -19.40 -20.98
N GLY A 330 17.46 -18.62 -21.91
CA GLY A 330 18.67 -17.88 -21.63
C GLY A 330 18.50 -16.63 -20.80
N CYS A 331 17.28 -16.34 -20.35
CA CYS A 331 16.98 -15.13 -19.58
C CYS A 331 16.57 -15.53 -18.18
N ALA A 332 17.29 -15.02 -17.18
CA ALA A 332 16.97 -15.32 -15.78
C ALA A 332 15.57 -14.84 -15.43
N GLY A 333 15.30 -13.55 -15.63
CA GLY A 333 14.00 -12.99 -15.33
C GLY A 333 13.90 -11.59 -15.86
N LEU A 334 12.68 -11.04 -15.79
CA LEU A 334 12.45 -9.70 -16.30
C LEU A 334 13.31 -8.69 -15.56
N ARG A 335 13.83 -7.71 -16.29
CA ARG A 335 14.74 -6.69 -15.79
C ARG A 335 14.03 -5.34 -15.98
N VAL A 336 13.26 -4.93 -14.97
CA VAL A 336 12.41 -3.76 -15.11
C VAL A 336 13.23 -2.49 -15.10
N VAL A 337 12.93 -1.58 -16.03
CA VAL A 337 13.57 -0.27 -16.11
C VAL A 337 12.58 0.76 -15.58
N GLU A 338 12.91 1.37 -14.44
CA GLU A 338 12.08 2.42 -13.90
C GLU A 338 12.19 3.67 -14.77
N SER A 339 11.04 4.22 -15.17
CA SER A 339 11.03 5.40 -16.02
C SER A 339 9.60 5.92 -16.15
N VAL A 340 9.45 7.24 -16.20
CA VAL A 340 8.16 7.87 -16.38
C VAL A 340 7.94 8.34 -17.81
N TYR A 341 8.92 8.12 -18.71
CA TYR A 341 8.86 8.64 -20.07
C TYR A 341 8.33 7.61 -21.06
N GLY A 342 7.64 6.58 -20.59
CA GLY A 342 7.03 5.63 -21.50
C GLY A 342 8.06 4.93 -22.37
N HIS A 343 7.66 4.65 -23.62
CA HIS A 343 8.52 3.91 -24.53
C HIS A 343 9.88 4.59 -24.70
N ASP A 344 9.92 5.92 -24.64
CA ASP A 344 11.18 6.66 -24.79
C ASP A 344 12.12 6.40 -23.62
N GLY A 345 11.68 5.59 -22.65
CA GLY A 345 12.52 5.32 -21.49
C GLY A 345 13.85 4.71 -21.86
N PHE A 346 13.86 3.76 -22.80
CA PHE A 346 15.11 3.14 -23.21
C PHE A 346 16.02 4.10 -23.98
N LEU A 347 15.56 5.33 -24.25
CA LEU A 347 16.39 6.35 -24.87
C LEU A 347 16.86 7.42 -23.91
N VAL A 348 16.14 7.64 -22.81
CA VAL A 348 16.42 8.74 -21.89
C VAL A 348 17.11 8.24 -20.62
N GLU A 349 16.75 7.07 -20.13
CA GLU A 349 17.32 6.53 -18.89
C GLU A 349 18.73 6.02 -19.17
N THR A 350 19.67 6.97 -19.23
CA THR A 350 21.05 6.64 -19.56
C THR A 350 21.61 5.57 -18.62
N GLU A 351 21.60 5.85 -17.32
CA GLU A 351 22.24 4.93 -16.37
C GLU A 351 21.51 3.59 -16.31
N ALA A 352 20.18 3.61 -16.33
CA ALA A 352 19.43 2.36 -16.25
C ALA A 352 19.70 1.46 -17.44
N VAL A 353 19.71 2.03 -18.65
CA VAL A 353 20.00 1.23 -19.83
C VAL A 353 21.47 0.84 -19.88
N GLY A 354 22.36 1.69 -19.36
CA GLY A 354 23.77 1.34 -19.32
C GLY A 354 24.05 0.08 -18.51
N GLU A 355 23.29 -0.12 -17.42
CA GLU A 355 23.49 -1.30 -16.59
C GLU A 355 23.07 -2.56 -17.34
N LEU A 356 21.99 -2.49 -18.12
CA LEU A 356 21.54 -3.66 -18.86
C LEU A 356 22.50 -4.02 -19.98
N ILE A 357 23.07 -3.01 -20.64
CA ILE A 357 24.08 -3.28 -21.66
C ILE A 357 25.32 -3.92 -21.05
N ARG A 358 25.79 -3.36 -19.93
CA ARG A 358 26.96 -3.92 -19.27
C ARG A 358 26.71 -5.35 -18.78
N GLN A 359 25.48 -5.65 -18.37
CA GLN A 359 25.16 -7.03 -18.02
C GLN A 359 25.14 -7.93 -19.24
N THR A 360 24.74 -7.40 -20.39
CA THR A 360 24.69 -8.22 -21.59
C THR A 360 26.09 -8.56 -22.09
N LEU A 361 27.04 -7.65 -21.96
CA LEU A 361 28.37 -7.96 -22.47
C LEU A 361 29.06 -8.97 -21.57
N GLY A 362 28.72 -9.00 -20.28
CA GLY A 362 29.28 -10.00 -19.39
C GLY A 362 28.91 -11.41 -19.78
N LEU A 363 27.68 -11.59 -20.29
CA LEU A 363 27.30 -12.91 -20.78
C LEU A 363 28.04 -13.26 -22.07
N ALA A 364 28.29 -12.26 -22.92
CA ALA A 364 29.07 -12.51 -24.13
C ALA A 364 30.46 -13.02 -23.80
N ASP A 365 31.02 -12.60 -22.67
CA ASP A 365 32.32 -13.08 -22.21
C ASP A 365 32.21 -14.53 -21.74
N THR B 1 -46.97 27.88 -27.35
CA THR B 1 -46.05 27.62 -26.25
C THR B 1 -45.12 26.46 -26.59
N GLN B 2 -43.88 26.53 -26.10
CA GLN B 2 -42.91 25.47 -26.31
C GLN B 2 -43.13 24.37 -25.29
N THR B 3 -43.33 23.14 -25.77
CA THR B 3 -43.62 22.00 -24.93
C THR B 3 -42.61 20.88 -25.18
N LEU B 4 -42.54 19.96 -24.22
CA LEU B 4 -41.72 18.78 -24.40
C LEU B 4 -42.28 17.92 -25.54
N PRO B 5 -41.43 17.18 -26.24
CA PRO B 5 -41.91 16.27 -27.28
C PRO B 5 -42.45 14.98 -26.67
N ALA B 6 -43.30 14.31 -27.44
CA ALA B 6 -43.84 13.04 -26.99
C ALA B 6 -42.73 12.02 -26.80
N GLU B 7 -42.94 11.10 -25.87
CA GLU B 7 -41.95 10.06 -25.60
C GLU B 7 -41.61 9.30 -26.88
N GLY B 8 -40.32 9.29 -27.23
CA GLY B 8 -39.86 8.69 -28.45
C GLY B 8 -39.67 9.65 -29.61
N GLU B 9 -40.32 10.82 -29.54
CA GLU B 9 -40.18 11.83 -30.58
C GLU B 9 -39.00 12.75 -30.27
N ILE B 10 -38.67 13.59 -31.25
CA ILE B 10 -37.64 14.61 -31.10
C ILE B 10 -38.29 15.97 -31.09
N GLY B 11 -37.81 16.86 -30.23
CA GLY B 11 -38.32 18.22 -30.14
C GLY B 11 -37.22 19.23 -30.40
N LEU B 12 -37.59 20.34 -31.04
CA LEU B 12 -36.66 21.41 -31.38
C LEU B 12 -37.06 22.64 -30.57
N ILE B 13 -36.34 22.89 -29.48
CA ILE B 13 -36.62 24.03 -28.61
C ILE B 13 -35.80 25.21 -29.07
N ASP B 14 -36.46 26.36 -29.24
CA ASP B 14 -35.79 27.59 -29.61
C ASP B 14 -35.45 28.38 -28.35
N VAL B 15 -34.19 28.80 -28.24
CA VAL B 15 -33.73 29.57 -27.09
C VAL B 15 -33.24 30.96 -27.51
N GLY B 16 -33.46 31.35 -28.76
CA GLY B 16 -33.05 32.67 -29.19
C GLY B 16 -31.53 32.79 -29.29
N SER B 17 -31.05 34.00 -29.07
CA SER B 17 -29.62 34.30 -29.18
C SER B 17 -28.93 34.10 -27.83
N LEU B 18 -27.79 33.43 -27.85
CA LEU B 18 -26.98 33.19 -26.67
C LEU B 18 -25.61 33.84 -26.85
N GLN B 19 -25.10 34.45 -25.78
CA GLN B 19 -23.77 35.04 -25.78
C GLN B 19 -22.79 34.06 -25.16
N LEU B 20 -21.77 33.70 -25.91
CA LEU B 20 -20.81 32.69 -25.48
C LEU B 20 -19.84 33.27 -24.45
N GLU B 21 -19.11 32.37 -23.79
CA GLU B 21 -18.13 32.78 -22.80
C GLU B 21 -17.07 33.69 -23.39
N SER B 22 -16.71 33.46 -24.67
CA SER B 22 -15.68 34.26 -25.33
C SER B 22 -16.16 35.65 -25.70
N GLY B 23 -17.46 35.92 -25.63
CA GLY B 23 -18.04 37.18 -26.04
C GLY B 23 -18.84 37.09 -27.33
N ALA B 24 -18.53 36.11 -28.17
CA ALA B 24 -19.26 35.93 -29.42
C ALA B 24 -20.75 35.69 -29.14
N VAL B 25 -21.56 35.89 -30.16
CA VAL B 25 -23.01 35.72 -30.07
C VAL B 25 -23.45 34.72 -31.12
N ILE B 26 -24.34 33.81 -30.72
CA ILE B 26 -24.90 32.80 -31.61
C ILE B 26 -26.40 33.05 -31.67
N ASP B 27 -26.91 33.32 -32.88
CA ASP B 27 -28.28 33.75 -33.09
C ASP B 27 -29.17 32.57 -33.42
N ASP B 28 -30.40 32.60 -32.90
CA ASP B 28 -31.43 31.62 -33.25
C ASP B 28 -30.98 30.20 -32.91
N VAL B 29 -30.39 30.03 -31.73
CA VAL B 29 -29.95 28.71 -31.31
C VAL B 29 -31.14 27.77 -31.19
N CYS B 30 -30.98 26.55 -31.68
CA CYS B 30 -32.01 25.53 -31.63
C CYS B 30 -31.42 24.27 -31.01
N ILE B 31 -32.04 23.79 -29.94
CA ILE B 31 -31.55 22.63 -29.19
C ILE B 31 -32.57 21.51 -29.31
N ALA B 32 -32.13 20.36 -29.82
CA ALA B 32 -32.99 19.19 -29.91
C ALA B 32 -33.04 18.47 -28.58
N VAL B 33 -34.23 17.96 -28.24
CA VAL B 33 -34.46 17.35 -26.93
C VAL B 33 -35.34 16.12 -27.08
N GLN B 34 -35.15 15.16 -26.19
CA GLN B 34 -35.97 13.96 -26.12
C GLN B 34 -36.30 13.67 -24.66
N ARG B 35 -37.46 13.07 -24.44
CA ARG B 35 -37.96 12.82 -23.09
C ARG B 35 -38.24 11.33 -22.89
N TRP B 36 -38.28 10.93 -21.63
CA TRP B 36 -38.71 9.59 -21.24
C TRP B 36 -39.38 9.70 -19.88
N GLY B 37 -40.68 9.41 -19.83
CA GLY B 37 -41.42 9.46 -18.58
C GLY B 37 -42.10 10.81 -18.37
N LYS B 38 -43.08 10.78 -17.47
CA LYS B 38 -43.88 11.97 -17.20
C LYS B 38 -43.20 12.86 -16.15
N LEU B 39 -43.54 14.14 -16.20
CA LEU B 39 -43.11 15.08 -15.17
C LEU B 39 -43.91 14.87 -13.90
N SER B 40 -43.25 14.96 -12.76
CA SER B 40 -43.93 14.82 -11.48
C SER B 40 -44.74 16.07 -11.19
N PRO B 41 -45.62 16.02 -10.19
CA PRO B 41 -46.44 17.20 -9.89
C PRO B 41 -45.64 18.48 -9.69
N ALA B 42 -44.61 18.46 -8.86
CA ALA B 42 -43.77 19.63 -8.62
C ALA B 42 -42.70 19.82 -9.69
N ARG B 43 -42.67 19.02 -10.70
CA ARG B 43 -41.64 19.10 -11.78
C ARG B 43 -40.25 19.03 -11.13
N ASP B 44 -40.05 17.96 -10.28
CA ASP B 44 -38.78 17.92 -9.56
C ASP B 44 -38.03 16.62 -9.84
N ASN B 45 -38.43 15.91 -10.89
CA ASN B 45 -37.90 14.58 -11.19
C ASN B 45 -37.20 14.56 -12.54
N VAL B 46 -36.64 15.68 -12.97
CA VAL B 46 -35.97 15.75 -14.25
C VAL B 46 -34.53 15.27 -14.09
N VAL B 47 -34.17 14.22 -14.83
CA VAL B 47 -32.82 13.65 -14.82
C VAL B 47 -32.22 13.95 -16.19
N VAL B 48 -31.27 14.89 -16.23
CA VAL B 48 -30.65 15.30 -17.48
C VAL B 48 -29.54 14.31 -17.84
N VAL B 49 -29.62 13.74 -19.05
CA VAL B 49 -28.64 12.79 -19.54
C VAL B 49 -27.82 13.49 -20.63
N LEU B 50 -26.53 13.64 -20.39
CA LEU B 50 -25.63 14.40 -21.26
C LEU B 50 -24.72 13.44 -22.01
N HIS B 51 -24.83 13.42 -23.34
CA HIS B 51 -24.10 12.47 -24.16
C HIS B 51 -22.65 12.90 -24.34
N ALA B 52 -21.88 12.01 -24.96
CA ALA B 52 -20.44 12.19 -25.11
C ALA B 52 -20.15 12.91 -26.43
N LEU B 53 -18.93 12.76 -26.94
CA LEU B 53 -18.49 13.55 -28.09
C LEU B 53 -19.41 13.38 -29.29
N THR B 54 -19.62 12.13 -29.71
CA THR B 54 -20.39 11.83 -30.91
C THR B 54 -21.78 11.32 -30.61
N GLY B 55 -22.31 11.60 -29.41
CA GLY B 55 -23.62 11.15 -29.03
C GLY B 55 -24.72 12.14 -29.41
N ASP B 56 -25.95 11.75 -29.11
CA ASP B 56 -27.11 12.58 -29.40
C ASP B 56 -28.17 12.32 -28.34
N SER B 57 -29.38 12.85 -28.58
CA SER B 57 -30.46 12.74 -27.60
C SER B 57 -31.07 11.35 -27.55
N HIS B 58 -30.77 10.47 -28.51
CA HIS B 58 -31.32 9.11 -28.52
C HIS B 58 -30.54 8.27 -27.52
N ILE B 59 -30.89 8.43 -26.24
CA ILE B 59 -30.17 7.73 -25.19
C ILE B 59 -30.59 6.27 -25.10
N THR B 60 -31.84 5.96 -25.48
CA THR B 60 -32.31 4.58 -25.42
C THR B 60 -33.37 4.39 -26.49
N GLY B 61 -33.59 3.12 -26.84
CA GLY B 61 -34.57 2.77 -27.84
C GLY B 61 -33.93 2.08 -29.03
N PRO B 62 -34.73 1.37 -29.81
CA PRO B 62 -34.22 0.66 -30.98
C PRO B 62 -34.07 1.62 -32.17
N ALA B 63 -33.60 1.07 -33.28
CA ALA B 63 -33.47 1.84 -34.50
C ALA B 63 -34.83 1.98 -35.18
N GLY B 64 -35.08 3.16 -35.74
CA GLY B 64 -36.34 3.44 -36.39
C GLY B 64 -36.31 4.74 -37.16
N PRO B 65 -37.49 5.25 -37.53
CA PRO B 65 -37.57 6.50 -38.29
C PRO B 65 -36.87 7.64 -37.54
N GLY B 66 -35.81 8.15 -38.15
CA GLY B 66 -35.02 9.22 -37.56
C GLY B 66 -33.92 8.78 -36.63
N HIS B 67 -33.78 7.47 -36.38
CA HIS B 67 -32.74 6.95 -35.50
C HIS B 67 -32.16 5.70 -36.13
N PRO B 68 -31.13 5.83 -36.96
CA PRO B 68 -30.56 4.63 -37.60
C PRO B 68 -29.97 3.65 -36.61
N THR B 69 -29.33 4.14 -35.55
CA THR B 69 -28.72 3.28 -34.55
C THR B 69 -29.47 3.38 -33.23
N PRO B 70 -29.56 2.29 -32.48
CA PRO B 70 -30.18 2.34 -31.15
C PRO B 70 -29.43 3.31 -30.24
N GLY B 71 -30.05 3.61 -29.11
CA GLY B 71 -29.46 4.55 -28.18
C GLY B 71 -28.13 4.06 -27.65
N TRP B 72 -27.25 5.02 -27.33
CA TRP B 72 -25.93 4.70 -26.81
C TRP B 72 -26.00 4.09 -25.41
N TRP B 73 -27.00 4.46 -24.62
CA TRP B 73 -27.36 3.73 -23.41
C TRP B 73 -28.72 3.07 -23.59
N ASP B 74 -28.76 2.09 -24.49
CA ASP B 74 -29.96 1.28 -24.66
C ASP B 74 -30.29 0.59 -23.34
N GLY B 75 -31.45 0.92 -22.77
CA GLY B 75 -31.90 0.32 -21.54
C GLY B 75 -31.60 1.11 -20.27
N VAL B 76 -31.09 2.33 -20.38
CA VAL B 76 -30.75 3.09 -19.18
C VAL B 76 -31.97 3.81 -18.62
N ALA B 77 -32.96 4.11 -19.46
CA ALA B 77 -34.17 4.78 -19.01
C ALA B 77 -35.39 3.97 -19.41
N GLY B 78 -36.33 3.84 -18.47
CA GLY B 78 -37.53 3.08 -18.71
C GLY B 78 -38.08 2.47 -17.43
N PRO B 79 -39.17 1.71 -17.54
CA PRO B 79 -39.77 1.10 -16.35
C PRO B 79 -38.80 0.14 -15.68
N GLY B 80 -38.45 0.44 -14.44
CA GLY B 80 -37.53 -0.38 -13.67
C GLY B 80 -36.08 -0.27 -14.08
N ALA B 81 -35.75 0.54 -15.08
CA ALA B 81 -34.37 0.72 -15.49
C ALA B 81 -33.63 1.58 -14.47
N PRO B 82 -32.31 1.76 -14.64
CA PRO B 82 -31.58 2.66 -13.74
C PRO B 82 -32.28 3.99 -13.53
N ILE B 83 -32.65 4.67 -14.61
CA ILE B 83 -33.50 5.86 -14.53
C ILE B 83 -34.94 5.36 -14.68
N ASP B 84 -35.53 4.95 -13.55
CA ASP B 84 -36.87 4.38 -13.56
C ASP B 84 -37.88 5.44 -13.97
N THR B 85 -38.43 5.31 -15.18
CA THR B 85 -39.36 6.31 -15.69
C THR B 85 -40.67 6.34 -14.93
N THR B 86 -40.97 5.33 -14.11
CA THR B 86 -42.14 5.41 -13.24
C THR B 86 -41.98 6.48 -12.18
N ARG B 87 -40.75 6.93 -11.93
CA ARG B 87 -40.47 7.97 -10.94
C ARG B 87 -39.79 9.19 -11.52
N TRP B 88 -38.87 9.01 -12.47
CA TRP B 88 -38.05 10.09 -13.00
C TRP B 88 -38.39 10.36 -14.46
N CYS B 89 -38.14 11.60 -14.88
CA CYS B 89 -38.34 12.02 -16.26
C CYS B 89 -36.96 12.20 -16.89
N ALA B 90 -36.56 11.27 -17.75
CA ALA B 90 -35.26 11.31 -18.40
C ALA B 90 -35.32 12.30 -19.56
N VAL B 91 -34.58 13.40 -19.43
CA VAL B 91 -34.51 14.43 -20.47
C VAL B 91 -33.10 14.47 -21.01
N ALA B 92 -32.95 14.29 -22.32
CA ALA B 92 -31.66 14.32 -22.99
C ALA B 92 -31.72 15.31 -24.15
N THR B 93 -30.63 16.04 -24.34
CA THR B 93 -30.53 17.03 -25.41
C THR B 93 -29.40 16.65 -26.36
N ASN B 94 -29.42 17.28 -27.52
CA ASN B 94 -28.27 17.25 -28.42
C ASN B 94 -27.41 18.48 -28.11
N VAL B 95 -26.13 18.24 -27.88
CA VAL B 95 -25.24 19.32 -27.43
C VAL B 95 -25.21 20.45 -28.45
N LEU B 96 -25.01 21.66 -27.95
CA LEU B 96 -24.73 22.80 -28.83
C LEU B 96 -23.48 22.50 -29.66
N GLY B 97 -23.49 22.95 -30.91
CA GLY B 97 -22.43 22.64 -31.84
C GLY B 97 -22.52 21.25 -32.44
N GLY B 98 -23.47 20.44 -32.01
CA GLY B 98 -23.67 19.13 -32.60
C GLY B 98 -24.23 19.24 -34.01
N CYS B 99 -24.12 18.11 -34.71
CA CYS B 99 -24.66 17.96 -36.05
C CYS B 99 -25.93 17.14 -36.07
N ARG B 100 -26.40 16.70 -34.91
CA ARG B 100 -27.40 15.65 -34.81
C ARG B 100 -28.77 16.18 -34.35
N GLY B 101 -29.03 17.46 -34.55
CA GLY B 101 -30.32 18.03 -34.18
C GLY B 101 -30.25 19.50 -33.81
N SER B 102 -29.32 19.85 -32.92
CA SER B 102 -29.20 21.21 -32.42
C SER B 102 -28.43 22.09 -33.40
N THR B 103 -28.31 23.37 -33.07
CA THR B 103 -27.56 24.30 -33.90
C THR B 103 -26.08 23.94 -33.90
N GLY B 104 -25.47 23.91 -35.07
CA GLY B 104 -24.07 23.60 -35.20
C GLY B 104 -23.52 24.06 -36.55
N PRO B 105 -22.27 23.69 -36.82
CA PRO B 105 -21.64 24.11 -38.09
C PRO B 105 -22.47 23.79 -39.33
N SER B 106 -23.19 22.66 -39.33
CA SER B 106 -23.93 22.27 -40.51
C SER B 106 -25.27 23.01 -40.64
N SER B 107 -25.79 23.55 -39.55
CA SER B 107 -27.08 24.25 -39.59
C SER B 107 -26.98 25.53 -40.41
N LEU B 108 -28.10 25.92 -41.01
CA LEU B 108 -28.15 27.14 -41.79
C LEU B 108 -28.25 28.34 -40.86
N ALA B 109 -27.44 29.37 -41.12
CA ALA B 109 -27.51 30.60 -40.35
C ALA B 109 -28.61 31.51 -40.89
N ARG B 110 -28.50 32.82 -40.61
CA ARG B 110 -29.53 33.75 -41.06
C ARG B 110 -29.38 34.08 -42.55
N ASP B 111 -28.14 34.15 -43.04
CA ASP B 111 -27.91 34.49 -44.44
C ASP B 111 -28.40 33.42 -45.40
N GLY B 112 -28.85 32.27 -44.90
CA GLY B 112 -29.39 31.20 -45.71
C GLY B 112 -28.47 30.00 -45.87
N LYS B 113 -27.16 30.22 -45.81
CA LYS B 113 -26.18 29.16 -45.96
C LYS B 113 -25.69 28.68 -44.60
N PRO B 114 -24.99 27.55 -44.56
CA PRO B 114 -24.58 26.98 -43.27
C PRO B 114 -23.59 27.87 -42.55
N TRP B 115 -23.48 27.65 -41.24
CA TRP B 115 -22.49 28.36 -40.44
C TRP B 115 -21.08 28.06 -40.94
N GLY B 116 -20.68 26.79 -40.90
CA GLY B 116 -19.38 26.41 -41.42
C GLY B 116 -18.26 27.07 -40.65
N SER B 117 -17.31 27.66 -41.38
CA SER B 117 -16.20 28.36 -40.76
C SER B 117 -16.64 29.53 -39.90
N ARG B 118 -17.93 29.91 -39.96
CA ARG B 118 -18.44 31.03 -39.20
C ARG B 118 -18.94 30.65 -37.81
N PHE B 119 -19.00 29.36 -37.50
CA PHE B 119 -19.44 28.91 -36.19
C PHE B 119 -18.33 29.15 -35.17
N PRO B 120 -18.56 29.96 -34.14
CA PRO B 120 -17.48 30.27 -33.19
C PRO B 120 -17.23 29.11 -32.23
N LEU B 121 -15.99 29.03 -31.77
CA LEU B 121 -15.65 28.00 -30.79
C LEU B 121 -16.47 28.17 -29.53
N ILE B 122 -16.96 27.05 -28.99
CA ILE B 122 -17.73 27.04 -27.77
C ILE B 122 -16.97 26.24 -26.72
N SER B 123 -17.25 26.56 -25.47
CA SER B 123 -16.67 25.83 -24.35
C SER B 123 -17.73 24.90 -23.74
N ILE B 124 -17.25 23.99 -22.88
CA ILE B 124 -18.18 23.14 -22.15
C ILE B 124 -19.20 23.99 -21.40
N ARG B 125 -18.77 25.14 -20.87
CA ARG B 125 -19.68 26.02 -20.17
C ARG B 125 -20.73 26.61 -21.11
N ASP B 126 -20.41 26.77 -22.39
CA ASP B 126 -21.41 27.23 -23.34
C ASP B 126 -22.47 26.16 -23.59
N GLN B 127 -22.05 24.89 -23.69
CA GLN B 127 -23.00 23.81 -23.88
C GLN B 127 -23.94 23.68 -22.69
N VAL B 128 -23.44 23.97 -21.48
CA VAL B 128 -24.30 23.92 -20.30
C VAL B 128 -25.29 25.07 -20.32
N GLN B 129 -24.84 26.26 -20.71
CA GLN B 129 -25.76 27.40 -20.78
C GLN B 129 -26.90 27.13 -21.76
N ALA B 130 -26.60 26.49 -22.89
CA ALA B 130 -27.65 26.19 -23.85
C ALA B 130 -28.66 25.20 -23.29
N ASP B 131 -28.18 24.11 -22.69
CA ASP B 131 -29.10 23.12 -22.13
C ASP B 131 -29.97 23.73 -21.04
N VAL B 132 -29.37 24.52 -20.15
CA VAL B 132 -30.16 25.19 -19.11
C VAL B 132 -31.15 26.16 -19.74
N ALA B 133 -30.73 26.85 -20.81
CA ALA B 133 -31.66 27.73 -21.51
C ALA B 133 -32.77 26.96 -22.19
N ALA B 134 -32.49 25.74 -22.66
CA ALA B 134 -33.53 24.93 -23.26
C ALA B 134 -34.59 24.55 -22.24
N LEU B 135 -34.17 24.00 -21.10
CA LEU B 135 -35.13 23.66 -20.05
C LEU B 135 -35.91 24.89 -19.61
N ALA B 136 -35.24 26.04 -19.48
CA ALA B 136 -35.94 27.25 -19.09
C ALA B 136 -36.97 27.67 -20.14
N ALA B 137 -36.65 27.48 -21.42
CA ALA B 137 -37.60 27.82 -22.48
C ALA B 137 -38.88 27.03 -22.34
N LEU B 138 -38.78 25.77 -21.92
CA LEU B 138 -39.98 24.98 -21.64
C LEU B 138 -40.64 25.42 -20.34
N GLY B 139 -39.85 25.60 -19.29
CA GLY B 139 -40.37 26.03 -18.01
C GLY B 139 -39.69 25.34 -16.86
N ILE B 140 -38.65 24.56 -17.16
CA ILE B 140 -37.90 23.84 -16.14
C ILE B 140 -36.70 24.68 -15.72
N THR B 141 -36.61 24.96 -14.43
CA THR B 141 -35.51 25.73 -13.87
C THR B 141 -34.69 24.94 -12.85
N GLU B 142 -35.08 23.70 -12.55
CA GLU B 142 -34.42 22.91 -11.53
C GLU B 142 -34.56 21.44 -11.88
N VAL B 143 -33.45 20.72 -11.92
CA VAL B 143 -33.45 19.31 -12.26
C VAL B 143 -33.03 18.51 -11.03
N ALA B 144 -33.43 17.24 -11.02
CA ALA B 144 -33.10 16.37 -9.89
C ALA B 144 -31.64 15.97 -9.94
N ALA B 145 -31.12 15.61 -11.11
CA ALA B 145 -29.75 15.15 -11.22
C ALA B 145 -29.29 15.27 -12.67
N VAL B 146 -27.97 15.35 -12.83
CA VAL B 146 -27.32 15.32 -14.14
C VAL B 146 -26.37 14.14 -14.15
N VAL B 147 -26.36 13.39 -15.26
CA VAL B 147 -25.53 12.20 -15.40
C VAL B 147 -24.90 12.20 -16.79
N GLY B 148 -23.65 11.75 -16.87
CA GLY B 148 -22.97 11.66 -18.15
C GLY B 148 -21.56 11.15 -17.96
N GLY B 149 -21.01 10.68 -19.08
CA GLY B 149 -19.62 10.24 -19.12
C GLY B 149 -18.83 10.99 -20.19
N MET B 151 -17.25 13.68 -22.31
CA MET B 151 -17.77 15.03 -22.50
C MET B 151 -19.10 15.18 -21.78
N GLY B 152 -19.86 14.08 -21.72
CA GLY B 152 -21.06 14.08 -20.91
C GLY B 152 -20.76 14.29 -19.44
N GLY B 153 -19.63 13.74 -18.97
CA GLY B 153 -19.21 14.01 -17.60
C GLY B 153 -18.72 15.43 -17.40
N ALA B 154 -18.02 15.97 -18.41
CA ALA B 154 -17.58 17.36 -18.33
C ALA B 154 -18.76 18.31 -18.29
N ARG B 155 -19.79 18.06 -19.10
CA ARG B 155 -20.99 18.87 -19.06
C ARG B 155 -21.65 18.79 -17.69
N ALA B 156 -21.75 17.58 -17.13
CA ALA B 156 -22.33 17.41 -15.81
C ALA B 156 -21.51 18.13 -14.75
N LEU B 157 -20.18 18.10 -14.88
CA LEU B 157 -19.33 18.74 -13.89
C LEU B 157 -19.54 20.24 -13.88
N GLU B 158 -19.53 20.88 -15.06
CA GLU B 158 -19.76 22.32 -15.13
C GLU B 158 -21.19 22.69 -14.76
N TRP B 159 -22.11 21.73 -14.77
CA TRP B 159 -23.49 22.02 -14.38
C TRP B 159 -23.61 22.11 -12.86
N VAL B 160 -23.11 21.11 -12.14
CA VAL B 160 -23.17 21.15 -10.68
C VAL B 160 -22.33 22.30 -10.14
N VAL B 161 -21.21 22.61 -10.79
CA VAL B 161 -20.36 23.68 -10.30
C VAL B 161 -20.92 25.05 -10.66
N GLY B 162 -21.57 25.17 -11.81
CA GLY B 162 -22.05 26.46 -12.28
C GLY B 162 -23.45 26.79 -11.83
N TYR B 163 -24.26 25.76 -11.55
CA TYR B 163 -25.64 25.93 -11.11
C TYR B 163 -25.92 25.02 -9.93
N PRO B 164 -25.16 25.16 -8.84
CA PRO B 164 -25.33 24.24 -7.70
C PRO B 164 -26.72 24.31 -7.09
N ASP B 165 -27.40 25.45 -7.16
CA ASP B 165 -28.71 25.61 -6.56
C ASP B 165 -29.85 25.15 -7.45
N ARG B 166 -29.54 24.71 -8.68
CA ARG B 166 -30.57 24.25 -9.61
C ARG B 166 -30.39 22.78 -9.97
N VAL B 167 -29.62 22.04 -9.17
CA VAL B 167 -29.43 20.61 -9.37
C VAL B 167 -29.17 19.97 -8.02
N ARG B 168 -29.78 18.81 -7.79
CA ARG B 168 -29.70 18.17 -6.49
C ARG B 168 -28.58 17.15 -6.40
N ALA B 169 -28.23 16.49 -7.50
CA ALA B 169 -27.16 15.50 -7.49
C ALA B 169 -26.62 15.35 -8.90
N GLY B 170 -25.49 14.64 -9.02
CA GLY B 170 -24.87 14.41 -10.31
C GLY B 170 -24.05 13.15 -10.32
N LEU B 171 -23.87 12.62 -11.53
CA LEU B 171 -23.03 11.44 -11.76
C LEU B 171 -21.93 11.81 -12.76
N LEU B 172 -20.68 11.66 -12.34
CA LEU B 172 -19.53 11.98 -13.16
C LEU B 172 -18.79 10.68 -13.47
N LEU B 173 -18.84 10.26 -14.73
CA LEU B 173 -18.24 9.01 -15.17
C LEU B 173 -17.09 9.30 -16.14
N ALA B 174 -15.94 8.68 -15.87
CA ALA B 174 -14.81 8.67 -16.80
C ALA B 174 -14.53 10.08 -17.35
N VAL B 175 -14.18 10.98 -16.44
CA VAL B 175 -13.86 12.35 -16.80
C VAL B 175 -12.98 12.94 -15.71
N GLY B 176 -12.28 14.03 -16.03
CA GLY B 176 -11.40 14.69 -15.10
C GLY B 176 -11.81 16.15 -14.87
N ALA B 177 -11.14 16.77 -13.91
CA ALA B 177 -11.42 18.18 -13.62
C ALA B 177 -11.10 19.07 -14.82
N ARG B 178 -10.12 18.70 -15.62
CA ARG B 178 -9.70 19.48 -16.77
C ARG B 178 -9.11 18.56 -17.81
N ALA B 179 -8.99 19.07 -19.04
CA ALA B 179 -8.35 18.31 -20.10
C ALA B 179 -6.89 18.07 -19.76
N THR B 180 -6.40 16.87 -20.04
CA THR B 180 -5.02 16.52 -19.80
C THR B 180 -4.16 16.82 -21.03
N ALA B 181 -2.85 16.68 -20.87
CA ALA B 181 -1.93 16.88 -21.99
C ALA B 181 -2.07 15.76 -23.02
N ASP B 182 -2.16 14.51 -22.57
CA ASP B 182 -2.35 13.41 -23.50
C ASP B 182 -3.66 13.54 -24.26
N GLN B 183 -4.71 14.03 -23.60
CA GLN B 183 -5.99 14.22 -24.28
C GLN B 183 -5.89 15.34 -25.31
N ILE B 184 -5.38 16.50 -24.89
CA ILE B 184 -5.23 17.63 -25.81
C ILE B 184 -4.30 17.27 -26.96
N GLY B 185 -3.29 16.45 -26.69
CA GLY B 185 -2.36 16.05 -27.73
C GLY B 185 -3.03 15.30 -28.86
N THR B 186 -3.69 14.18 -28.55
CA THR B 186 -4.35 13.41 -29.58
C THR B 186 -5.55 14.14 -30.17
N GLN B 187 -6.22 14.98 -29.38
CA GLN B 187 -7.43 15.63 -29.87
C GLN B 187 -7.11 16.78 -30.82
N THR B 188 -6.08 17.58 -30.50
CA THR B 188 -5.63 18.59 -31.45
C THR B 188 -5.15 17.94 -32.74
N THR B 189 -4.41 16.84 -32.63
CA THR B 189 -3.92 16.16 -33.83
C THR B 189 -5.06 15.60 -34.66
N GLN B 190 -6.13 15.11 -33.99
CA GLN B 190 -7.31 14.69 -34.72
C GLN B 190 -7.92 15.84 -35.50
N ILE B 191 -8.01 17.02 -34.88
CA ILE B 191 -8.49 18.19 -35.57
C ILE B 191 -7.59 18.51 -36.76
N ALA B 192 -6.27 18.41 -36.57
CA ALA B 192 -5.35 18.66 -37.67
C ALA B 192 -5.54 17.65 -38.80
N ALA B 193 -5.90 16.40 -38.46
CA ALA B 193 -6.12 15.40 -39.50
C ALA B 193 -7.33 15.73 -40.34
N ILE B 194 -8.34 16.38 -39.76
CA ILE B 194 -9.53 16.76 -40.52
C ILE B 194 -9.24 17.98 -41.39
N LYS B 195 -8.48 18.94 -40.87
CA LYS B 195 -8.17 20.15 -41.61
C LYS B 195 -7.14 19.91 -42.71
N ALA B 196 -6.28 18.89 -42.55
CA ALA B 196 -5.33 18.56 -43.60
C ALA B 196 -6.01 17.95 -44.82
N ASP B 197 -7.25 17.50 -44.68
CA ASP B 197 -7.99 16.95 -45.81
C ASP B 197 -8.24 18.05 -46.84
N PRO B 198 -7.87 17.85 -48.11
CA PRO B 198 -8.09 18.90 -49.11
C PRO B 198 -9.55 19.29 -49.28
N ASP B 199 -10.48 18.44 -48.85
CA ASP B 199 -11.90 18.74 -48.95
C ASP B 199 -12.44 19.49 -47.74
N TRP B 200 -11.62 19.72 -46.71
CA TRP B 200 -12.05 20.52 -45.58
C TRP B 200 -12.55 21.89 -46.03
N GLN B 201 -11.85 22.51 -47.00
CA GLN B 201 -12.25 23.78 -47.57
C GLN B 201 -12.52 24.82 -46.47
N SER B 202 -11.58 24.90 -45.53
CA SER B 202 -11.65 25.85 -44.41
C SER B 202 -12.87 25.63 -43.53
N GLY B 203 -13.58 24.52 -43.69
CA GLY B 203 -14.80 24.26 -42.97
C GLY B 203 -16.07 24.58 -43.74
N ASP B 204 -15.96 25.17 -44.91
CA ASP B 204 -17.12 25.55 -45.72
C ASP B 204 -17.35 24.56 -46.85
N TYR B 205 -17.40 23.28 -46.50
CA TYR B 205 -17.59 22.19 -47.46
C TYR B 205 -19.03 21.73 -47.57
N HIS B 206 -19.91 22.21 -46.69
CA HIS B 206 -21.19 21.55 -46.48
C HIS B 206 -22.03 21.49 -47.76
N GLU B 207 -22.07 22.58 -48.52
CA GLU B 207 -22.90 22.65 -49.72
C GLU B 207 -22.05 22.64 -50.99
N THR B 208 -21.06 21.75 -51.05
CA THR B 208 -20.17 21.66 -52.19
C THR B 208 -20.09 20.27 -52.82
N GLY B 209 -20.78 19.28 -52.25
CA GLY B 209 -20.66 17.92 -52.72
C GLY B 209 -19.39 17.20 -52.31
N ARG B 210 -18.41 17.91 -51.78
CA ARG B 210 -17.19 17.33 -51.25
C ARG B 210 -17.16 17.48 -49.74
N ALA B 211 -16.61 16.48 -49.05
CA ALA B 211 -16.51 16.50 -47.61
C ALA B 211 -15.22 15.81 -47.18
N PRO B 212 -14.59 16.29 -46.11
CA PRO B 212 -13.32 15.67 -45.68
C PRO B 212 -13.54 14.30 -45.05
N ASP B 213 -13.88 13.31 -45.88
CA ASP B 213 -14.12 11.97 -45.37
C ASP B 213 -12.82 11.30 -44.93
N ALA B 214 -11.74 11.51 -45.69
CA ALA B 214 -10.46 10.92 -45.33
C ALA B 214 -10.01 11.39 -43.95
N GLY B 215 -10.06 12.70 -43.72
CA GLY B 215 -9.62 13.22 -42.43
C GLY B 215 -10.46 12.72 -41.27
N LEU B 216 -11.78 12.79 -41.41
CA LEU B 216 -12.68 12.34 -40.34
C LEU B 216 -12.42 10.88 -40.01
N ARG B 217 -12.30 10.03 -41.04
CA ARG B 217 -12.03 8.61 -40.79
C ARG B 217 -10.73 8.43 -40.02
N LEU B 218 -9.69 9.20 -40.37
CA LEU B 218 -8.42 9.11 -39.66
C LEU B 218 -8.59 9.54 -38.21
N ALA B 219 -9.22 10.68 -37.98
CA ALA B 219 -9.43 11.17 -36.62
C ALA B 219 -10.20 10.14 -35.79
N ARG B 220 -11.21 9.50 -36.39
CA ARG B 220 -12.01 8.55 -35.64
C ARG B 220 -11.23 7.29 -35.31
N ARG B 221 -10.46 6.77 -36.27
CA ARG B 221 -9.69 5.56 -36.01
C ARG B 221 -8.71 5.76 -34.85
N PHE B 222 -8.03 6.90 -34.82
CA PHE B 222 -7.11 7.17 -33.71
C PHE B 222 -7.87 7.35 -32.40
N ALA B 223 -9.00 8.05 -32.45
CA ALA B 223 -9.78 8.27 -31.23
C ALA B 223 -10.35 6.97 -30.68
N HIS B 224 -10.82 6.09 -31.56
CA HIS B 224 -11.37 4.81 -31.11
C HIS B 224 -10.33 4.00 -30.37
N LEU B 225 -9.06 4.10 -30.76
CA LEU B 225 -8.00 3.38 -30.05
C LEU B 225 -7.93 3.82 -28.59
N THR B 226 -7.98 5.13 -28.34
CA THR B 226 -7.96 5.64 -26.97
C THR B 226 -9.21 5.25 -26.19
N TYR B 227 -10.25 4.77 -26.85
CA TYR B 227 -11.50 4.38 -26.18
C TYR B 227 -11.49 2.94 -25.70
N ARG B 228 -10.51 2.13 -26.10
CA ARG B 228 -10.49 0.71 -25.80
C ARG B 228 -9.30 0.38 -24.91
N GLY B 229 -9.30 -0.83 -24.38
CA GLY B 229 -8.23 -1.30 -23.53
C GLY B 229 -7.18 -2.08 -24.31
N GLU B 230 -5.93 -1.95 -23.87
CA GLU B 230 -4.83 -2.61 -24.56
C GLU B 230 -5.03 -4.12 -24.60
N ILE B 231 -5.34 -4.73 -23.45
CA ILE B 231 -5.47 -6.19 -23.39
C ILE B 231 -6.71 -6.64 -24.15
N GLU B 232 -7.82 -5.89 -24.04
CA GLU B 232 -9.02 -6.20 -24.81
C GLU B 232 -8.69 -6.43 -26.28
N LEU B 233 -7.99 -5.46 -26.90
CA LEU B 233 -7.72 -5.54 -28.32
C LEU B 233 -6.88 -6.77 -28.67
N ASP B 234 -5.78 -6.97 -27.94
CA ASP B 234 -4.90 -8.09 -28.26
C ASP B 234 -5.62 -9.42 -28.10
N THR B 235 -6.44 -9.56 -27.06
CA THR B 235 -7.21 -10.78 -26.89
C THR B 235 -8.24 -10.95 -28.00
N ARG B 236 -8.76 -9.83 -28.52
CA ARG B 236 -9.82 -9.89 -29.52
C ARG B 236 -9.27 -10.12 -30.92
N PHE B 237 -8.25 -9.35 -31.31
CA PHE B 237 -7.71 -9.39 -32.66
C PHE B 237 -6.27 -9.87 -32.74
N ALA B 238 -5.45 -9.64 -31.71
CA ALA B 238 -4.04 -9.99 -31.76
C ALA B 238 -3.41 -9.43 -33.03
N ASN B 239 -2.54 -10.22 -33.67
CA ASN B 239 -1.97 -9.87 -34.96
C ASN B 239 -2.62 -10.64 -36.11
N HIS B 240 -3.81 -11.17 -35.89
CA HIS B 240 -4.47 -11.99 -36.90
C HIS B 240 -4.75 -11.17 -38.16
N ASN B 241 -4.76 -11.86 -39.30
CA ASN B 241 -5.19 -11.26 -40.55
C ASN B 241 -6.71 -11.13 -40.58
N GLN B 242 -7.20 -10.28 -41.47
CA GLN B 242 -8.63 -10.11 -41.68
C GLN B 242 -9.08 -11.11 -42.75
N GLY B 243 -9.86 -12.11 -42.34
CA GLY B 243 -10.32 -13.10 -43.30
C GLY B 243 -9.16 -13.76 -43.99
N ASN B 244 -9.23 -13.82 -45.32
CA ASN B 244 -8.19 -14.42 -46.14
C ASN B 244 -7.20 -13.41 -46.69
N GLU B 245 -7.40 -12.12 -46.40
CA GLU B 245 -6.44 -11.11 -46.84
C GLU B 245 -5.06 -11.41 -46.29
N ASP B 246 -4.04 -10.97 -47.02
CA ASP B 246 -2.64 -11.18 -46.62
C ASP B 246 -1.92 -9.84 -46.57
N PRO B 247 -1.55 -9.37 -45.37
CA PRO B 247 -0.83 -8.08 -45.29
C PRO B 247 0.43 -8.05 -46.14
N THR B 248 1.13 -9.19 -46.29
CA THR B 248 2.35 -9.20 -47.08
C THR B 248 2.09 -8.74 -48.51
N ALA B 249 0.90 -9.01 -49.04
CA ALA B 249 0.52 -8.63 -50.39
C ALA B 249 -0.51 -7.50 -50.38
N GLY B 250 -0.34 -6.53 -49.50
CA GLY B 250 -1.25 -5.40 -49.42
C GLY B 250 -2.54 -5.67 -48.67
N GLY B 251 -2.61 -6.75 -47.89
CA GLY B 251 -3.81 -7.07 -47.16
C GLY B 251 -3.91 -6.35 -45.82
N ARG B 252 -5.06 -6.52 -45.18
CA ARG B 252 -5.36 -5.85 -43.91
C ARG B 252 -5.24 -6.81 -42.74
N TYR B 253 -4.90 -6.25 -41.58
CA TYR B 253 -4.94 -6.99 -40.33
C TYR B 253 -6.33 -6.93 -39.73
N ALA B 254 -6.60 -7.85 -38.79
CA ALA B 254 -7.91 -7.91 -38.16
C ALA B 254 -8.25 -6.60 -37.46
N VAL B 255 -7.35 -6.13 -36.59
CA VAL B 255 -7.59 -4.86 -35.91
C VAL B 255 -7.65 -3.71 -36.90
N GLN B 256 -6.91 -3.81 -38.01
CA GLN B 256 -6.96 -2.78 -39.03
C GLN B 256 -8.36 -2.69 -39.65
N SER B 257 -8.91 -3.83 -40.07
CA SER B 257 -10.27 -3.84 -40.60
C SER B 257 -11.26 -3.32 -39.58
N TYR B 258 -11.06 -3.65 -38.31
CA TYR B 258 -11.96 -3.22 -37.26
C TYR B 258 -11.95 -1.70 -37.13
N LEU B 259 -10.76 -1.09 -37.10
CA LEU B 259 -10.68 0.36 -36.98
C LEU B 259 -11.29 1.05 -38.20
N GLU B 260 -11.06 0.51 -39.39
CA GLU B 260 -11.65 1.10 -40.59
C GLU B 260 -13.17 1.12 -40.50
N HIS B 261 -13.78 0.02 -40.05
CA HIS B 261 -15.23 -0.01 -39.92
C HIS B 261 -15.73 1.02 -38.91
N GLN B 262 -14.95 1.29 -37.87
CA GLN B 262 -15.35 2.31 -36.90
C GLN B 262 -15.38 3.69 -37.55
N GLY B 263 -14.39 3.99 -38.39
CA GLY B 263 -14.40 5.28 -39.06
C GLY B 263 -15.58 5.45 -40.00
N ASP B 264 -15.80 4.46 -40.87
CA ASP B 264 -16.94 4.52 -41.78
C ASP B 264 -18.25 4.61 -41.02
N LYS B 265 -18.39 3.86 -39.93
CA LYS B 265 -19.64 3.86 -39.18
C LYS B 265 -19.97 5.24 -38.65
N LEU B 266 -18.97 5.94 -38.10
CA LEU B 266 -19.17 7.33 -37.70
C LEU B 266 -19.28 8.25 -38.89
N LEU B 267 -18.67 7.90 -40.02
CA LEU B 267 -18.59 8.82 -41.15
C LEU B 267 -19.96 9.11 -41.73
N SER B 268 -20.89 8.16 -41.61
CA SER B 268 -22.20 8.25 -42.23
C SER B 268 -23.29 8.79 -41.30
N ARG B 269 -22.95 9.12 -40.06
CA ARG B 269 -23.92 9.67 -39.12
C ARG B 269 -23.45 10.95 -38.44
N PHE B 270 -22.27 11.47 -38.78
CA PHE B 270 -21.70 12.59 -38.08
C PHE B 270 -21.13 13.59 -39.07
N ASP B 271 -21.00 14.83 -38.63
CA ASP B 271 -20.45 15.90 -39.45
C ASP B 271 -19.04 16.24 -38.98
N ALA B 272 -18.12 16.37 -39.95
CA ALA B 272 -16.75 16.73 -39.59
C ALA B 272 -16.69 18.07 -38.88
N GLY B 273 -17.48 19.03 -39.33
CA GLY B 273 -17.47 20.34 -38.69
C GLY B 273 -17.81 20.27 -37.22
N SER B 274 -18.84 19.50 -36.87
CA SER B 274 -19.19 19.33 -35.47
C SER B 274 -18.09 18.62 -34.71
N TYR B 275 -17.47 17.59 -35.33
CA TYR B 275 -16.37 16.90 -34.70
C TYR B 275 -15.28 17.87 -34.25
N VAL B 276 -14.95 18.84 -35.10
CA VAL B 276 -13.91 19.80 -34.77
C VAL B 276 -14.37 20.73 -33.65
N ILE B 277 -15.58 21.28 -33.77
CA ILE B 277 -16.07 22.24 -32.79
C ILE B 277 -16.20 21.58 -31.42
N LEU B 278 -16.71 20.35 -31.38
CA LEU B 278 -16.87 19.65 -30.11
C LEU B 278 -15.54 19.18 -29.56
N THR B 279 -14.66 18.66 -30.42
CA THR B 279 -13.34 18.23 -29.97
C THR B 279 -12.58 19.37 -29.32
N GLU B 280 -12.81 20.60 -29.77
CA GLU B 280 -12.11 21.74 -29.20
C GLU B 280 -12.79 22.29 -27.94
N ALA B 281 -14.07 21.98 -27.74
CA ALA B 281 -14.68 22.25 -26.45
C ALA B 281 -14.09 21.34 -25.37
N LEU B 282 -13.73 20.11 -25.74
CA LEU B 282 -13.04 19.23 -24.81
C LEU B 282 -11.68 19.82 -24.43
N ASN B 283 -10.93 20.33 -25.40
CA ASN B 283 -9.62 20.89 -25.12
C ASN B 283 -9.71 22.02 -24.10
N SER B 284 -10.73 22.87 -24.21
CA SER B 284 -10.88 24.01 -23.33
C SER B 284 -11.48 23.64 -21.97
N HIS B 285 -11.82 22.37 -21.75
CA HIS B 285 -12.42 21.96 -20.50
C HIS B 285 -11.47 22.25 -19.34
N ASP B 286 -11.93 23.08 -18.40
CA ASP B 286 -11.13 23.44 -17.23
C ASP B 286 -12.09 24.06 -16.20
N VAL B 287 -12.55 23.22 -15.27
CA VAL B 287 -13.53 23.66 -14.29
C VAL B 287 -12.96 24.74 -13.38
N GLY B 288 -11.64 24.92 -13.38
CA GLY B 288 -11.02 25.95 -12.55
C GLY B 288 -10.90 27.31 -13.20
N ARG B 289 -11.09 27.41 -14.50
CA ARG B 289 -10.96 28.69 -15.19
C ARG B 289 -11.89 29.72 -14.56
N GLY B 290 -11.35 30.91 -14.30
CA GLY B 290 -12.11 31.98 -13.71
C GLY B 290 -12.64 31.71 -12.31
N ARG B 291 -12.17 30.66 -11.64
CA ARG B 291 -12.64 30.31 -10.31
C ARG B 291 -11.50 30.09 -9.32
N GLY B 292 -10.28 30.50 -9.67
CA GLY B 292 -9.15 30.33 -8.79
C GLY B 292 -8.47 28.98 -8.84
N GLY B 293 -8.72 28.19 -9.88
CA GLY B 293 -8.07 26.91 -10.05
C GLY B 293 -9.04 25.75 -9.86
N VAL B 294 -8.51 24.55 -10.10
CA VAL B 294 -9.31 23.35 -9.99
C VAL B 294 -9.72 23.09 -8.55
N SER B 295 -8.76 23.16 -7.62
CA SER B 295 -9.06 22.82 -6.23
C SER B 295 -10.05 23.79 -5.61
N ALA B 296 -9.90 25.08 -5.90
CA ALA B 296 -10.82 26.07 -5.33
C ALA B 296 -12.24 25.87 -5.85
N ALA B 297 -12.39 25.68 -7.16
CA ALA B 297 -13.72 25.56 -7.75
C ALA B 297 -14.43 24.32 -7.23
N LEU B 298 -13.71 23.19 -7.13
CA LEU B 298 -14.34 21.96 -6.64
C LEU B 298 -14.60 22.04 -5.15
N ARG B 299 -13.69 22.63 -4.39
CA ARG B 299 -13.88 22.76 -2.94
C ARG B 299 -15.14 23.55 -2.60
N ALA B 300 -15.55 24.46 -3.50
CA ALA B 300 -16.70 25.32 -3.23
C ALA B 300 -18.02 24.73 -3.72
N CYS B 301 -18.00 23.63 -4.46
CA CYS B 301 -19.23 23.03 -4.96
C CYS B 301 -19.75 22.03 -3.93
N PRO B 302 -20.93 22.28 -3.32
CA PRO B 302 -21.45 21.40 -2.29
C PRO B 302 -22.44 20.33 -2.75
N VAL B 303 -22.64 20.19 -4.06
CA VAL B 303 -23.66 19.26 -4.56
C VAL B 303 -23.20 17.83 -4.33
N PRO B 304 -24.04 16.94 -3.84
CA PRO B 304 -23.66 15.52 -3.74
C PRO B 304 -23.50 14.92 -5.12
N VAL B 305 -22.40 14.20 -5.33
CA VAL B 305 -22.07 13.62 -6.63
C VAL B 305 -21.58 12.19 -6.44
N VAL B 306 -21.73 11.39 -7.49
CA VAL B 306 -21.16 10.06 -7.57
C VAL B 306 -20.12 10.07 -8.68
N VAL B 307 -18.89 9.71 -8.35
CA VAL B 307 -17.78 9.71 -9.30
C VAL B 307 -17.31 8.28 -9.51
N GLY B 308 -17.25 7.87 -10.77
CA GLY B 308 -16.81 6.52 -11.10
C GLY B 308 -15.84 6.54 -12.26
N GLY B 309 -14.94 5.56 -12.27
CA GLY B 309 -13.95 5.45 -13.32
C GLY B 309 -13.73 4.01 -13.71
N ILE B 310 -13.19 3.84 -14.92
CA ILE B 310 -12.91 2.53 -15.49
C ILE B 310 -11.45 2.17 -15.22
N THR B 311 -11.21 0.91 -14.86
CA THR B 311 -9.84 0.49 -14.53
C THR B 311 -8.92 0.60 -15.73
N SER B 312 -9.36 0.17 -16.90
CA SER B 312 -8.53 0.14 -18.10
C SER B 312 -8.71 1.37 -18.99
N ASP B 313 -9.31 2.44 -18.46
CA ASP B 313 -9.46 3.67 -19.24
C ASP B 313 -8.09 4.21 -19.63
N ARG B 314 -7.87 4.35 -20.94
CA ARG B 314 -6.61 4.87 -21.44
C ARG B 314 -6.67 6.34 -21.83
N LEU B 315 -7.86 6.90 -22.02
CA LEU B 315 -8.02 8.30 -22.34
C LEU B 315 -8.26 9.16 -21.10
N TYR B 316 -9.11 8.69 -20.19
CA TYR B 316 -9.37 9.35 -18.91
C TYR B 316 -8.93 8.38 -17.81
N PRO B 317 -7.64 8.33 -17.50
CA PRO B 317 -7.14 7.32 -16.55
C PRO B 317 -7.81 7.45 -15.18
N LEU B 318 -7.75 6.37 -14.42
CA LEU B 318 -8.39 6.34 -13.11
C LEU B 318 -7.91 7.47 -12.21
N ARG B 319 -6.65 7.88 -12.35
CA ARG B 319 -6.13 8.96 -11.49
C ARG B 319 -6.93 10.24 -11.66
N LEU B 320 -7.55 10.44 -12.82
CA LEU B 320 -8.37 11.64 -13.03
C LEU B 320 -9.64 11.58 -12.20
N GLN B 321 -10.34 10.45 -12.23
CA GLN B 321 -11.53 10.30 -11.40
C GLN B 321 -11.17 10.36 -9.92
N GLN B 322 -10.04 9.77 -9.55
CA GLN B 322 -9.60 9.81 -8.16
C GLN B 322 -9.43 11.24 -7.68
N GLU B 323 -8.92 12.12 -8.55
CA GLU B 323 -8.75 13.52 -8.17
C GLU B 323 -10.10 14.21 -7.98
N LEU B 324 -11.02 14.02 -8.92
CA LEU B 324 -12.35 14.59 -8.77
C LEU B 324 -12.99 14.15 -7.46
N ALA B 325 -12.91 12.85 -7.17
CA ALA B 325 -13.51 12.33 -5.94
C ALA B 325 -12.89 12.96 -4.70
N ASP B 326 -11.60 13.29 -4.75
CA ASP B 326 -10.91 13.82 -3.58
C ASP B 326 -11.19 15.30 -3.37
N LEU B 327 -11.42 16.05 -4.44
CA LEU B 327 -11.59 17.51 -4.33
C LEU B 327 -13.04 17.94 -4.18
N LEU B 328 -14.00 17.08 -4.51
CA LEU B 328 -15.41 17.44 -4.38
C LEU B 328 -15.91 17.01 -3.01
N PRO B 329 -16.30 17.95 -2.14
CA PRO B 329 -16.79 17.55 -0.81
C PRO B 329 -18.08 16.74 -0.87
N GLY B 330 -18.88 16.93 -1.92
CA GLY B 330 -20.10 16.16 -2.08
C GLY B 330 -19.93 14.73 -2.51
N CYS B 331 -18.69 14.26 -2.67
CA CYS B 331 -18.44 12.88 -3.05
C CYS B 331 -17.95 12.11 -1.83
N ALA B 332 -18.51 10.93 -1.61
CA ALA B 332 -18.11 10.10 -0.48
C ALA B 332 -16.86 9.28 -0.76
N GLY B 333 -16.52 9.07 -2.02
CA GLY B 333 -15.35 8.29 -2.37
C GLY B 333 -15.43 7.78 -3.81
N LEU B 334 -14.27 7.56 -4.43
CA LEU B 334 -14.26 7.09 -5.80
C LEU B 334 -14.88 5.70 -5.90
N ARG B 335 -15.74 5.53 -6.89
CA ARG B 335 -16.31 4.22 -7.22
C ARG B 335 -15.58 3.68 -8.45
N VAL B 336 -14.93 2.55 -8.30
CA VAL B 336 -14.11 1.95 -9.35
C VAL B 336 -14.93 0.88 -10.06
N VAL B 337 -15.03 0.99 -11.38
CA VAL B 337 -15.70 0.01 -12.22
C VAL B 337 -14.64 -0.85 -12.88
N GLU B 338 -14.73 -2.16 -12.68
CA GLU B 338 -13.75 -3.11 -13.21
C GLU B 338 -14.19 -3.55 -14.59
N SER B 339 -13.52 -3.05 -15.62
CA SER B 339 -13.83 -3.37 -17.01
C SER B 339 -12.55 -3.54 -17.80
N VAL B 340 -12.64 -4.30 -18.89
CA VAL B 340 -11.52 -4.50 -19.79
C VAL B 340 -11.65 -3.68 -21.07
N TYR B 341 -12.74 -2.93 -21.22
CA TYR B 341 -13.04 -2.23 -22.45
C TYR B 341 -12.62 -0.76 -22.42
N GLY B 342 -11.74 -0.39 -21.50
CA GLY B 342 -11.23 0.96 -21.45
C GLY B 342 -12.32 1.99 -21.29
N HIS B 343 -12.07 3.18 -21.86
CA HIS B 343 -13.00 4.29 -21.74
C HIS B 343 -14.41 3.92 -22.17
N ASP B 344 -14.54 2.99 -23.14
CA ASP B 344 -15.85 2.57 -23.59
C ASP B 344 -16.60 1.77 -22.53
N GLY B 345 -15.96 1.43 -21.42
CA GLY B 345 -16.64 0.66 -20.38
C GLY B 345 -17.84 1.36 -19.80
N PHE B 346 -17.80 2.70 -19.72
CA PHE B 346 -18.95 3.43 -19.20
C PHE B 346 -20.17 3.29 -20.08
N LEU B 347 -20.01 2.81 -21.33
CA LEU B 347 -21.13 2.49 -22.19
C LEU B 347 -21.45 1.00 -22.21
N VAL B 348 -20.48 0.15 -21.93
CA VAL B 348 -20.66 -1.30 -22.04
C VAL B 348 -21.15 -1.90 -20.72
N GLU B 349 -20.47 -1.59 -19.62
CA GLU B 349 -20.84 -2.15 -18.33
C GLU B 349 -22.16 -1.56 -17.84
N THR B 350 -23.27 -1.93 -18.48
CA THR B 350 -24.56 -1.37 -18.12
C THR B 350 -25.01 -1.78 -16.71
N GLU B 351 -24.49 -2.89 -16.19
CA GLU B 351 -24.88 -3.33 -14.85
C GLU B 351 -24.14 -2.55 -13.77
N ALA B 352 -22.83 -2.34 -13.95
CA ALA B 352 -22.06 -1.58 -12.97
C ALA B 352 -22.36 -0.09 -13.05
N VAL B 353 -22.53 0.45 -14.25
CA VAL B 353 -22.92 1.84 -14.40
C VAL B 353 -24.36 2.05 -13.95
N GLY B 354 -25.20 1.02 -14.08
CA GLY B 354 -26.57 1.16 -13.64
C GLY B 354 -26.68 1.43 -12.15
N GLU B 355 -25.82 0.79 -11.35
CA GLU B 355 -25.86 0.99 -9.91
C GLU B 355 -25.43 2.39 -9.53
N LEU B 356 -24.38 2.91 -10.18
CA LEU B 356 -23.94 4.28 -9.90
C LEU B 356 -25.04 5.27 -10.22
N ILE B 357 -25.80 5.02 -11.29
CA ILE B 357 -26.93 5.89 -11.61
C ILE B 357 -28.00 5.79 -10.52
N ARG B 358 -28.23 4.58 -10.01
CA ARG B 358 -29.20 4.42 -8.92
C ARG B 358 -28.73 5.10 -7.65
N GLN B 359 -27.41 5.11 -7.39
CA GLN B 359 -26.89 5.82 -6.24
C GLN B 359 -27.07 7.33 -6.40
N THR B 360 -26.82 7.84 -7.61
CA THR B 360 -27.04 9.26 -7.87
C THR B 360 -28.49 9.65 -7.63
N LEU B 361 -29.42 8.90 -8.22
CA LEU B 361 -30.84 9.19 -8.02
C LEU B 361 -31.23 9.05 -6.56
N GLY B 362 -30.58 8.16 -5.82
CA GLY B 362 -30.84 8.07 -4.38
C GLY B 362 -30.46 9.35 -3.65
N LEU B 363 -29.35 9.96 -4.05
CA LEU B 363 -28.97 11.23 -3.46
C LEU B 363 -29.96 12.33 -3.84
N ALA B 364 -30.47 12.30 -5.06
CA ALA B 364 -31.46 13.29 -5.46
C ALA B 364 -32.75 13.16 -4.66
N ASP B 365 -33.16 11.92 -4.36
CA ASP B 365 -34.31 11.71 -3.50
C ASP B 365 -34.07 12.27 -2.11
N ARG B 366 -32.95 11.90 -1.49
CA ARG B 366 -32.65 12.37 -0.14
C ARG B 366 -32.60 13.88 -0.08
N GLU B 367 -32.05 14.52 -1.11
CA GLU B 367 -31.91 15.97 -1.12
C GLU B 367 -33.22 16.69 -1.44
N GLY B 368 -34.20 15.98 -1.99
CA GLY B 368 -35.48 16.59 -2.32
C GLY B 368 -36.45 16.58 -1.15
N GLN C 2 48.16 26.00 1.95
CA GLN C 2 47.10 25.21 2.55
C GLN C 2 47.23 23.73 2.20
N THR C 3 47.03 22.86 3.18
CA THR C 3 47.15 21.43 2.96
C THR C 3 46.17 20.70 3.87
N LEU C 4 45.89 19.45 3.51
CA LEU C 4 45.00 18.63 4.32
C LEU C 4 45.62 18.38 5.69
N PRO C 5 44.85 18.45 6.77
CA PRO C 5 45.41 18.14 8.09
C PRO C 5 45.73 16.66 8.25
N ALA C 6 46.12 16.25 9.45
CA ALA C 6 46.36 14.85 9.72
C ALA C 6 45.05 14.13 9.98
N GLU C 7 45.03 12.83 9.64
CA GLU C 7 43.82 12.03 9.84
C GLU C 7 43.37 12.09 11.30
N GLY C 8 42.07 12.30 11.51
CA GLY C 8 41.55 12.46 12.85
C GLY C 8 41.81 13.81 13.47
N GLU C 9 42.10 14.82 12.67
CA GLU C 9 42.48 16.13 13.18
C GLU C 9 42.04 17.23 12.22
N ILE C 10 41.58 18.33 12.81
CA ILE C 10 40.81 19.35 12.13
C ILE C 10 41.74 20.36 11.48
N GLY C 11 41.32 20.88 10.33
CA GLY C 11 42.05 21.92 9.63
C GLY C 11 41.18 23.11 9.31
N LEU C 12 41.68 24.31 9.58
CA LEU C 12 40.99 25.56 9.28
C LEU C 12 41.50 26.06 7.94
N ILE C 13 40.74 25.80 6.87
CA ILE C 13 41.15 26.16 5.52
C ILE C 13 40.66 27.57 5.22
N ASP C 14 41.58 28.44 4.82
CA ASP C 14 41.26 29.81 4.43
C ASP C 14 40.98 29.84 2.94
N VAL C 15 39.72 30.02 2.56
CA VAL C 15 39.34 30.04 1.15
C VAL C 15 39.45 31.43 0.53
N GLY C 16 39.64 32.47 1.34
CA GLY C 16 39.72 33.82 0.83
C GLY C 16 38.36 34.47 0.69
N SER C 17 38.13 35.13 -0.45
CA SER C 17 36.86 35.77 -0.74
C SER C 17 36.02 34.88 -1.64
N LEU C 18 34.73 34.77 -1.33
CA LEU C 18 33.81 33.95 -2.08
C LEU C 18 32.60 34.77 -2.50
N GLN C 19 32.19 34.62 -3.75
CA GLN C 19 31.07 35.37 -4.32
C GLN C 19 29.79 34.56 -4.15
N LEU C 20 28.83 35.13 -3.45
CA LEU C 20 27.57 34.44 -3.20
C LEU C 20 26.62 34.60 -4.39
N GLU C 21 25.49 33.90 -4.31
CA GLU C 21 24.47 34.03 -5.34
C GLU C 21 23.83 35.41 -5.34
N SER C 22 23.90 36.12 -4.21
CA SER C 22 23.34 37.47 -4.13
C SER C 22 24.21 38.52 -4.81
N GLY C 23 25.35 38.13 -5.37
CA GLY C 23 26.29 39.06 -5.98
C GLY C 23 27.32 39.61 -5.03
N ALA C 24 26.96 39.82 -3.77
CA ALA C 24 27.93 40.28 -2.78
C ALA C 24 29.01 39.23 -2.56
N VAL C 25 30.21 39.71 -2.25
CA VAL C 25 31.37 38.85 -2.02
C VAL C 25 31.75 38.96 -0.55
N ILE C 26 31.70 37.85 0.16
CA ILE C 26 32.13 37.78 1.55
C ILE C 26 33.58 37.34 1.58
N ASP C 27 34.40 38.04 2.37
CA ASP C 27 35.83 37.82 2.40
C ASP C 27 36.26 37.21 3.74
N ASP C 28 37.43 36.56 3.71
CA ASP C 28 38.02 35.97 4.91
C ASP C 28 37.23 34.77 5.39
N VAL C 29 36.76 33.95 4.44
CA VAL C 29 35.98 32.77 4.77
C VAL C 29 36.91 31.65 5.23
N CYS C 30 36.46 30.89 6.23
CA CYS C 30 37.24 29.79 6.79
C CYS C 30 36.34 28.57 6.88
N ILE C 31 36.77 27.47 6.27
CA ILE C 31 36.00 26.23 6.25
C ILE C 31 36.82 25.15 6.96
N ALA C 32 36.31 24.67 8.09
CA ALA C 32 36.98 23.60 8.83
C ALA C 32 36.75 22.27 8.12
N VAL C 33 37.81 21.47 8.01
CA VAL C 33 37.78 20.23 7.27
C VAL C 33 38.46 19.13 8.07
N GLN C 34 37.95 17.91 7.94
CA GLN C 34 38.57 16.70 8.49
C GLN C 34 38.67 15.67 7.38
N ARG C 35 39.62 14.75 7.53
CA ARG C 35 39.93 13.80 6.48
C ARG C 35 40.13 12.41 7.07
N TRP C 36 39.92 11.40 6.21
CA TRP C 36 40.10 10.01 6.60
C TRP C 36 40.56 9.25 5.35
N GLY C 37 41.80 8.77 5.37
CA GLY C 37 42.38 8.03 4.27
C GLY C 37 43.40 8.86 3.50
N LYS C 38 44.14 8.16 2.65
CA LYS C 38 45.19 8.78 1.85
C LYS C 38 44.60 9.54 0.67
N LEU C 39 45.32 10.58 0.24
CA LEU C 39 44.99 11.30 -0.98
C LEU C 39 45.82 10.72 -2.12
N SER C 40 45.14 10.20 -3.15
CA SER C 40 45.84 9.56 -4.25
C SER C 40 46.78 10.55 -4.94
N PRO C 41 47.70 10.04 -5.76
CA PRO C 41 48.64 10.95 -6.44
C PRO C 41 47.95 11.95 -7.35
N ALA C 42 46.96 11.51 -8.12
CA ALA C 42 46.30 12.36 -9.10
C ALA C 42 45.28 13.31 -8.49
N ARG C 43 45.17 13.37 -7.16
CA ARG C 43 44.24 14.27 -6.50
C ARG C 43 42.80 13.98 -6.95
N ASP C 44 42.44 12.70 -6.96
CA ASP C 44 41.17 12.30 -7.58
C ASP C 44 40.46 11.16 -6.86
N ASN C 45 40.74 10.92 -5.59
CA ASN C 45 40.05 9.88 -4.83
C ASN C 45 39.29 10.44 -3.64
N VAL C 46 39.02 11.74 -3.65
CA VAL C 46 38.32 12.39 -2.54
C VAL C 46 36.84 12.05 -2.61
N VAL C 47 36.29 11.58 -1.49
CA VAL C 47 34.86 11.38 -1.33
C VAL C 47 34.37 12.41 -0.32
N VAL C 48 33.42 13.24 -0.74
CA VAL C 48 33.00 14.42 0.02
C VAL C 48 31.74 14.07 0.80
N VAL C 49 31.84 14.14 2.13
CA VAL C 49 30.73 13.83 3.02
C VAL C 49 30.15 15.13 3.55
N LEU C 50 28.87 15.36 3.29
CA LEU C 50 28.20 16.62 3.60
C LEU C 50 27.20 16.40 4.72
N HIS C 51 27.40 17.10 5.83
CA HIS C 51 26.60 16.89 7.02
C HIS C 51 25.26 17.59 6.89
N ALA C 52 24.44 17.49 7.95
CA ALA C 52 23.07 17.96 7.95
C ALA C 52 22.97 19.27 8.75
N LEU C 53 21.73 19.61 9.17
CA LEU C 53 21.47 20.91 9.79
C LEU C 53 22.43 21.18 10.95
N THR C 54 22.60 20.20 11.83
CA THR C 54 23.39 20.38 13.04
C THR C 54 24.70 19.60 13.02
N GLY C 55 25.02 18.93 11.91
CA GLY C 55 26.25 18.17 11.83
C GLY C 55 27.47 19.06 11.68
N ASP C 56 28.63 18.41 11.71
CA ASP C 56 29.91 19.10 11.51
C ASP C 56 30.81 18.17 10.72
N SER C 57 32.12 18.43 10.77
CA SER C 57 33.10 17.65 10.01
C SER C 57 33.41 16.31 10.67
N HIS C 58 33.13 16.15 11.96
CA HIS C 58 33.45 14.92 12.69
C HIS C 58 32.45 13.84 12.29
N ILE C 59 32.67 13.28 11.10
CA ILE C 59 31.73 12.29 10.57
C ILE C 59 31.85 10.98 11.34
N THR C 60 33.07 10.53 11.62
CA THR C 60 33.28 9.26 12.30
C THR C 60 34.35 9.43 13.36
N GLY C 61 34.37 8.49 14.30
CA GLY C 61 35.32 8.51 15.38
C GLY C 61 34.67 8.66 16.74
N PRO C 62 35.41 8.39 17.80
CA PRO C 62 34.87 8.48 19.15
C PRO C 62 35.03 9.89 19.73
N ALA C 63 34.42 10.08 20.90
CA ALA C 63 34.55 11.34 21.60
C ALA C 63 35.93 11.45 22.25
N GLY C 64 36.42 12.68 22.36
CA GLY C 64 37.71 12.94 22.96
C GLY C 64 38.02 14.41 23.03
N PRO C 65 39.27 14.78 22.74
CA PRO C 65 39.67 16.19 22.79
C PRO C 65 39.08 16.96 21.61
N GLY C 66 38.32 18.01 21.92
CA GLY C 66 37.71 18.84 20.91
C GLY C 66 36.49 18.25 20.24
N HIS C 67 36.06 17.05 20.63
CA HIS C 67 34.90 16.38 20.05
C HIS C 67 33.99 15.91 21.17
N PRO C 68 32.98 16.71 21.53
CA PRO C 68 32.08 16.28 22.62
C PRO C 68 31.35 14.98 22.33
N THR C 69 30.84 14.83 21.11
CA THR C 69 30.08 13.66 20.71
C THR C 69 30.81 12.86 19.65
N PRO C 70 30.47 11.58 19.49
CA PRO C 70 31.05 10.79 18.39
C PRO C 70 30.48 11.24 17.05
N GLY C 71 31.10 10.74 15.99
CA GLY C 71 30.68 11.13 14.65
C GLY C 71 29.24 10.71 14.37
N TRP C 72 28.54 11.54 13.59
CA TRP C 72 27.16 11.22 13.25
C TRP C 72 27.07 9.99 12.36
N TRP C 73 27.96 9.86 11.39
CA TRP C 73 28.20 8.59 10.70
C TRP C 73 29.43 7.93 11.33
N ASP C 74 29.23 7.41 12.53
CA ASP C 74 30.27 6.61 13.18
C ASP C 74 30.40 5.29 12.45
N GLY C 75 31.53 5.08 11.78
CA GLY C 75 31.78 3.86 11.04
C GLY C 75 31.54 3.93 9.55
N VAL C 76 31.28 5.12 9.01
CA VAL C 76 31.05 5.23 7.57
C VAL C 76 32.36 5.28 6.81
N ALA C 77 33.42 5.81 7.42
CA ALA C 77 34.72 5.92 6.78
C ALA C 77 35.76 5.16 7.59
N GLY C 78 36.61 4.41 6.88
CA GLY C 78 37.64 3.62 7.52
C GLY C 78 37.95 2.36 6.75
N PRO C 79 38.95 1.62 7.21
CA PRO C 79 39.32 0.37 6.52
C PRO C 79 38.15 -0.61 6.45
N GLY C 80 37.67 -0.88 5.25
CA GLY C 80 36.58 -1.80 5.05
C GLY C 80 35.19 -1.21 5.21
N ALA C 81 35.08 0.05 5.65
CA ALA C 81 33.79 0.69 5.80
C ALA C 81 33.16 0.94 4.44
N PRO C 82 31.92 1.42 4.41
CA PRO C 82 31.31 1.78 3.12
C PRO C 82 32.19 2.72 2.29
N ILE C 83 32.77 3.74 2.94
CA ILE C 83 33.78 4.58 2.31
C ILE C 83 35.12 3.96 2.71
N ASP C 84 35.57 2.98 1.93
CA ASP C 84 36.83 2.30 2.20
C ASP C 84 38.01 3.27 2.11
N THR C 85 38.53 3.68 3.27
CA THR C 85 39.64 4.63 3.29
C THR C 85 40.96 4.02 2.82
N THR C 86 41.00 2.70 2.61
CA THR C 86 42.20 2.10 2.01
C THR C 86 42.37 2.51 0.56
N ARG C 87 41.31 3.00 -0.09
CA ARG C 87 41.35 3.38 -1.49
C ARG C 87 40.78 4.77 -1.70
N TRP C 88 39.86 5.18 -0.84
CA TRP C 88 39.22 6.49 -0.92
C TRP C 88 39.70 7.40 0.21
N CYS C 89 39.56 8.70 -0.02
CA CYS C 89 39.91 9.71 0.97
C CYS C 89 38.63 10.47 1.32
N ALA C 90 38.14 10.25 2.54
CA ALA C 90 36.87 10.83 2.98
C ALA C 90 37.13 12.21 3.57
N VAL C 91 36.62 13.24 2.91
CA VAL C 91 36.77 14.62 3.35
C VAL C 91 35.40 15.17 3.72
N ALA C 92 35.31 15.78 4.89
CA ALA C 92 34.08 16.38 5.37
C ALA C 92 34.37 17.78 5.90
N THR C 93 33.47 18.71 5.61
CA THR C 93 33.65 20.10 5.99
C THR C 93 32.53 20.55 6.91
N ASN C 94 32.81 21.55 7.72
CA ASN C 94 31.77 22.29 8.42
C ASN C 94 31.15 23.28 7.43
N VAL C 95 29.84 23.17 7.22
CA VAL C 95 29.19 23.97 6.19
C VAL C 95 29.39 25.46 6.48
N LEU C 96 29.42 26.26 5.41
CA LEU C 96 29.37 27.71 5.58
C LEU C 96 28.13 28.10 6.37
N GLY C 97 28.30 28.95 7.36
CA GLY C 97 27.22 29.30 8.25
C GLY C 97 27.11 28.43 9.49
N GLY C 98 27.95 27.42 9.63
CA GLY C 98 27.94 26.58 10.80
C GLY C 98 28.57 27.28 12.00
N CYS C 99 28.82 26.48 13.04
CA CYS C 99 29.36 27.01 14.29
C CYS C 99 30.44 26.11 14.88
N ARG C 100 31.02 25.20 14.09
CA ARG C 100 32.01 24.25 14.57
C ARG C 100 33.31 24.36 13.78
N GLY C 101 33.75 25.60 13.53
CA GLY C 101 34.99 25.82 12.81
C GLY C 101 34.85 26.74 11.62
N SER C 102 33.80 26.57 10.83
CA SER C 102 33.61 27.36 9.63
C SER C 102 33.07 28.74 9.98
N THR C 103 33.08 29.63 8.98
CA THR C 103 32.62 30.99 9.18
C THR C 103 31.09 31.02 9.28
N GLY C 104 30.58 31.66 10.32
CA GLY C 104 29.16 31.76 10.53
C GLY C 104 28.79 32.89 11.47
N PRO C 105 27.52 32.96 11.86
CA PRO C 105 27.09 34.07 12.74
C PRO C 105 27.98 34.27 13.96
N SER C 106 28.26 33.21 14.72
CA SER C 106 29.02 33.38 15.95
C SER C 106 30.50 33.66 15.69
N SER C 107 30.99 33.40 14.49
CA SER C 107 32.39 33.69 14.17
C SER C 107 32.65 35.19 14.25
N LEU C 108 33.94 35.53 14.33
CA LEU C 108 34.37 36.93 14.40
C LEU C 108 34.82 37.39 13.01
N ALA C 109 34.27 38.51 12.57
CA ALA C 109 34.66 39.09 11.28
C ALA C 109 35.97 39.86 11.45
N ARG C 110 36.36 40.62 10.44
CA ARG C 110 37.59 41.40 10.52
C ARG C 110 37.51 42.44 11.64
N ASP C 111 36.33 43.01 11.85
CA ASP C 111 36.06 44.01 12.87
C ASP C 111 36.37 43.51 14.29
N GLY C 112 36.58 42.21 14.45
CA GLY C 112 36.78 41.65 15.77
C GLY C 112 35.50 41.47 16.57
N LYS C 113 34.35 41.54 15.91
CA LYS C 113 33.03 41.45 16.51
C LYS C 113 32.24 40.35 15.83
N PRO C 114 31.37 39.64 16.55
CA PRO C 114 30.63 38.53 15.93
C PRO C 114 29.80 39.00 14.76
N TRP C 115 29.78 38.18 13.70
CA TRP C 115 28.98 38.50 12.52
C TRP C 115 27.53 38.83 12.92
N GLY C 116 26.85 37.86 13.53
CA GLY C 116 25.52 38.13 14.05
C GLY C 116 24.52 38.45 12.96
N SER C 117 23.65 39.44 13.25
CA SER C 117 22.63 39.84 12.28
C SER C 117 23.25 40.31 10.97
N ARG C 118 24.53 40.69 10.97
CA ARG C 118 25.20 41.14 9.76
C ARG C 118 25.53 39.99 8.81
N PHE C 119 25.45 38.75 9.26
CA PHE C 119 25.79 37.63 8.40
C PHE C 119 24.80 37.56 7.23
N PRO C 120 25.28 37.45 5.99
CA PRO C 120 24.36 37.39 4.86
C PRO C 120 23.56 36.10 4.86
N LEU C 121 22.36 36.19 4.31
CA LEU C 121 21.55 34.99 4.10
C LEU C 121 22.13 34.21 2.92
N ILE C 122 22.47 32.95 3.16
CA ILE C 122 23.13 32.13 2.16
C ILE C 122 22.14 31.09 1.62
N SER C 123 22.52 30.48 0.50
CA SER C 123 21.73 29.41 -0.11
C SER C 123 22.58 28.15 -0.19
N ILE C 124 21.91 27.02 -0.43
CA ILE C 124 22.62 25.76 -0.58
C ILE C 124 23.71 25.90 -1.64
N ARG C 125 23.41 26.65 -2.72
CA ARG C 125 24.42 26.88 -3.75
C ARG C 125 25.62 27.63 -3.20
N ASP C 126 25.38 28.56 -2.27
CA ASP C 126 26.50 29.27 -1.65
C ASP C 126 27.34 28.34 -0.79
N GLN C 127 26.70 27.42 -0.06
CA GLN C 127 27.45 26.46 0.74
C GLN C 127 28.26 25.53 -0.14
N VAL C 128 27.66 25.03 -1.22
CA VAL C 128 28.42 24.22 -2.17
C VAL C 128 29.51 25.04 -2.82
N GLN C 129 29.21 26.30 -3.14
CA GLN C 129 30.22 27.19 -3.71
C GLN C 129 31.42 27.33 -2.78
N ALA C 130 31.19 27.27 -1.47
CA ALA C 130 32.28 27.41 -0.51
C ALA C 130 33.07 26.11 -0.38
N ASP C 131 32.39 24.97 -0.28
CA ASP C 131 33.09 23.70 -0.18
C ASP C 131 33.97 23.43 -1.40
N VAL C 132 33.58 23.97 -2.55
CA VAL C 132 34.41 23.79 -3.76
C VAL C 132 35.66 24.66 -3.66
N ALA C 133 35.53 25.88 -3.16
CA ALA C 133 36.70 26.73 -2.99
C ALA C 133 37.67 26.14 -1.98
N ALA C 134 37.16 25.57 -0.89
CA ALA C 134 38.02 24.97 0.11
C ALA C 134 38.80 23.80 -0.47
N LEU C 135 38.12 22.91 -1.19
CA LEU C 135 38.82 21.80 -1.83
C LEU C 135 39.85 22.30 -2.83
N ALA C 136 39.58 23.42 -3.49
CA ALA C 136 40.55 23.98 -4.42
C ALA C 136 41.77 24.51 -3.68
N ALA C 137 41.56 25.21 -2.56
CA ALA C 137 42.69 25.70 -1.78
C ALA C 137 43.62 24.56 -1.36
N LEU C 138 43.09 23.35 -1.24
CA LEU C 138 43.89 22.18 -0.89
C LEU C 138 44.46 21.47 -2.12
N GLY C 139 44.30 22.05 -3.31
CA GLY C 139 44.78 21.43 -4.51
C GLY C 139 43.84 20.43 -5.16
N ILE C 140 42.69 20.18 -4.55
CA ILE C 140 41.71 19.23 -5.09
C ILE C 140 40.72 20.02 -5.93
N THR C 141 40.60 19.66 -7.21
CA THR C 141 39.68 20.31 -8.13
C THR C 141 38.57 19.41 -8.62
N GLU C 142 38.81 18.10 -8.69
CA GLU C 142 37.80 17.13 -9.09
C GLU C 142 37.62 16.11 -7.97
N VAL C 143 36.40 15.96 -7.49
CA VAL C 143 36.10 15.02 -6.43
C VAL C 143 35.50 13.76 -7.03
N ALA C 144 35.72 12.63 -6.36
CA ALA C 144 35.23 11.36 -6.87
C ALA C 144 33.72 11.23 -6.70
N ALA C 145 33.23 11.46 -5.49
CA ALA C 145 31.80 11.33 -5.20
C ALA C 145 31.41 12.31 -4.11
N VAL C 146 30.13 12.68 -4.12
CA VAL C 146 29.54 13.49 -3.06
C VAL C 146 28.49 12.64 -2.36
N VAL C 147 28.44 12.73 -1.04
CA VAL C 147 27.54 11.93 -0.23
C VAL C 147 26.91 12.81 0.83
N GLY C 148 25.62 12.57 1.11
CA GLY C 148 24.93 13.32 2.15
C GLY C 148 23.44 13.06 2.20
N GLY C 149 22.82 13.35 3.34
CA GLY C 149 21.38 13.28 3.50
C GLY C 149 20.85 14.56 4.11
N MET C 151 19.99 18.23 4.56
CA MET C 151 20.70 19.41 4.06
C MET C 151 21.96 18.99 3.30
N GLY C 152 22.61 17.93 3.77
CA GLY C 152 23.75 17.39 3.06
C GLY C 152 23.38 16.86 1.69
N GLY C 153 22.27 16.14 1.59
CA GLY C 153 21.80 15.69 0.30
C GLY C 153 21.48 16.85 -0.62
N ALA C 154 20.91 17.92 -0.07
CA ALA C 154 20.67 19.13 -0.87
C ALA C 154 21.97 19.71 -1.39
N ARG C 155 23.02 19.71 -0.56
CA ARG C 155 24.32 20.18 -1.00
C ARG C 155 24.88 19.30 -2.10
N ALA C 156 24.78 17.98 -1.92
CA ALA C 156 25.27 17.06 -2.94
C ALA C 156 24.50 17.22 -4.25
N LEU C 157 23.21 17.54 -4.17
CA LEU C 157 22.43 17.75 -5.39
C LEU C 157 22.92 18.98 -6.14
N GLU C 158 23.02 20.12 -5.45
CA GLU C 158 23.57 21.32 -6.10
C GLU C 158 25.00 21.10 -6.57
N TRP C 159 25.74 20.22 -5.90
CA TRP C 159 27.09 19.88 -6.33
C TRP C 159 27.08 19.25 -7.72
N VAL C 160 26.28 18.21 -7.91
CA VAL C 160 26.28 17.49 -9.18
C VAL C 160 25.64 18.32 -10.28
N VAL C 161 24.63 19.12 -9.96
CA VAL C 161 23.94 19.89 -10.99
C VAL C 161 24.78 21.09 -11.42
N GLY C 162 25.45 21.75 -10.47
CA GLY C 162 26.22 22.93 -10.81
C GLY C 162 27.62 22.65 -11.31
N TYR C 163 28.25 21.58 -10.81
CA TYR C 163 29.62 21.20 -11.16
C TYR C 163 29.65 19.78 -11.71
N PRO C 164 28.94 19.52 -12.80
CA PRO C 164 28.85 18.12 -13.29
C PRO C 164 30.18 17.55 -13.76
N ASP C 165 31.09 18.39 -14.25
CA ASP C 165 32.35 17.89 -14.80
C ASP C 165 33.43 17.70 -13.75
N ARG C 166 33.30 18.33 -12.59
CA ARG C 166 34.25 18.18 -11.49
C ARG C 166 33.72 17.28 -10.39
N VAL C 167 33.01 16.23 -10.78
CA VAL C 167 32.48 15.23 -9.85
C VAL C 167 32.01 14.04 -10.68
N ARG C 168 32.37 12.83 -10.26
CA ARG C 168 32.08 11.63 -11.05
C ARG C 168 30.82 10.91 -10.63
N ALA C 169 30.48 10.93 -9.35
CA ALA C 169 29.27 10.26 -8.86
C ALA C 169 28.76 10.99 -7.63
N GLY C 170 27.51 10.71 -7.28
CA GLY C 170 26.91 11.33 -6.12
C GLY C 170 25.82 10.45 -5.55
N LEU C 171 25.65 10.53 -4.23
CA LEU C 171 24.59 9.81 -3.52
C LEU C 171 23.72 10.83 -2.80
N LEU C 172 22.43 10.84 -3.12
CA LEU C 172 21.46 11.72 -2.47
C LEU C 172 20.51 10.89 -1.64
N LEU C 173 20.48 11.14 -0.33
CA LEU C 173 19.61 10.43 0.60
C LEU C 173 18.64 11.41 1.24
N ALA C 174 17.39 10.98 1.39
CA ALA C 174 16.37 11.70 2.15
C ALA C 174 16.41 13.20 1.85
N VAL C 175 16.11 13.52 0.60
CA VAL C 175 16.14 14.90 0.13
C VAL C 175 15.22 15.05 -1.08
N GLY C 176 14.97 16.29 -1.50
CA GLY C 176 14.14 16.56 -2.65
C GLY C 176 14.79 17.60 -3.55
N ALA C 177 14.09 17.87 -4.67
CA ALA C 177 14.57 18.88 -5.61
C ALA C 177 14.41 20.29 -5.06
N ARG C 178 13.37 20.51 -4.25
CA ARG C 178 13.13 21.82 -3.67
C ARG C 178 12.49 21.64 -2.31
N ALA C 179 12.47 22.72 -1.52
CA ALA C 179 11.79 22.68 -0.24
C ALA C 179 10.28 22.58 -0.46
N THR C 180 9.63 21.77 0.39
CA THR C 180 8.20 21.58 0.30
C THR C 180 7.47 22.59 1.18
N ALA C 181 6.17 22.75 0.92
CA ALA C 181 5.35 23.65 1.73
C ALA C 181 5.41 23.23 3.20
N ASP C 182 5.22 21.95 3.48
CA ASP C 182 5.30 21.47 4.85
C ASP C 182 6.67 21.75 5.45
N GLN C 183 7.74 21.50 4.69
CA GLN C 183 9.08 21.81 5.17
C GLN C 183 9.20 23.29 5.53
N ILE C 184 8.81 24.17 4.60
CA ILE C 184 8.92 25.59 4.85
C ILE C 184 8.02 26.02 6.01
N GLY C 185 6.89 25.33 6.18
CA GLY C 185 5.98 25.71 7.25
C GLY C 185 6.54 25.44 8.62
N THR C 186 7.12 24.26 8.82
CA THR C 186 7.70 23.95 10.13
C THR C 186 8.99 24.70 10.37
N GLN C 187 9.80 24.91 9.32
CA GLN C 187 11.10 25.53 9.50
C GLN C 187 10.99 27.04 9.70
N THR C 188 10.11 27.72 8.95
CA THR C 188 9.89 29.13 9.20
C THR C 188 9.32 29.38 10.59
N THR C 189 8.54 28.43 11.11
CA THR C 189 8.00 28.58 12.45
C THR C 189 9.05 28.28 13.51
N GLN C 190 9.94 27.32 13.24
CA GLN C 190 11.07 27.10 14.14
C GLN C 190 11.91 28.38 14.26
N ILE C 191 12.19 29.02 13.13
CA ILE C 191 12.90 30.29 13.16
C ILE C 191 12.14 31.30 14.00
N ALA C 192 10.82 31.38 13.80
CA ALA C 192 10.01 32.32 14.56
C ALA C 192 10.12 32.06 16.05
N ALA C 193 10.14 30.79 16.45
CA ALA C 193 10.28 30.46 17.87
C ALA C 193 11.56 31.05 18.44
N ILE C 194 12.66 30.93 17.70
CA ILE C 194 13.93 31.51 18.17
C ILE C 194 13.83 33.03 18.23
N LYS C 195 13.32 33.64 17.15
CA LYS C 195 13.23 35.09 17.12
C LYS C 195 12.22 35.64 18.13
N ALA C 196 11.32 34.80 18.64
CA ALA C 196 10.37 35.24 19.66
C ALA C 196 10.99 35.29 21.05
N ASP C 197 12.06 34.54 21.29
CA ASP C 197 12.74 34.59 22.58
C ASP C 197 13.23 36.02 22.83
N PRO C 198 12.94 36.60 23.98
CA PRO C 198 13.41 37.97 24.26
C PRO C 198 14.92 38.13 24.10
N ASP C 199 15.68 37.08 24.37
CA ASP C 199 17.14 37.15 24.32
C ASP C 199 17.70 37.03 22.91
N TRP C 200 16.85 36.85 21.90
CA TRP C 200 17.33 36.80 20.52
C TRP C 200 18.08 38.08 20.17
N GLN C 201 17.57 39.23 20.62
CA GLN C 201 18.22 40.53 20.44
C GLN C 201 18.63 40.75 18.98
N SER C 202 17.64 40.65 18.10
CA SER C 202 17.84 40.87 16.66
C SER C 202 18.97 40.02 16.10
N GLY C 203 19.30 38.92 16.77
CA GLY C 203 20.39 38.06 16.35
C GLY C 203 21.76 38.47 16.82
N ASP C 204 21.86 39.56 17.59
CA ASP C 204 23.15 40.04 18.07
C ASP C 204 23.32 39.75 19.56
N TYR C 205 23.10 38.50 19.95
CA TYR C 205 23.18 38.10 21.35
C TYR C 205 24.58 37.67 21.78
N HIS C 206 25.43 37.32 20.83
CA HIS C 206 26.74 36.76 21.17
C HIS C 206 27.52 37.72 22.06
N GLU C 207 28.06 37.19 23.16
CA GLU C 207 28.88 37.94 24.09
C GLU C 207 28.09 39.01 24.84
N THR C 208 26.79 38.77 25.06
CA THR C 208 25.96 39.69 25.80
C THR C 208 25.51 39.16 27.16
N GLY C 209 25.77 37.88 27.45
CA GLY C 209 25.35 37.30 28.71
C GLY C 209 24.15 36.38 28.55
N ARG C 210 23.18 36.79 27.75
CA ARG C 210 21.98 36.01 27.50
C ARG C 210 21.99 35.49 26.07
N ALA C 211 21.19 34.45 25.85
CA ALA C 211 21.07 33.83 24.54
C ALA C 211 19.66 33.27 24.40
N PRO C 212 19.20 33.04 23.17
CA PRO C 212 17.84 32.50 22.96
C PRO C 212 17.77 31.00 23.25
N ASP C 213 17.89 30.65 24.53
CA ASP C 213 17.92 29.24 24.91
C ASP C 213 16.51 28.63 24.83
N ALA C 214 15.52 29.33 25.36
CA ALA C 214 14.15 28.82 25.33
C ALA C 214 13.67 28.66 23.88
N GLY C 215 13.98 29.60 23.01
CA GLY C 215 13.53 29.52 21.64
C GLY C 215 14.21 28.39 20.87
N LEU C 216 15.54 28.32 20.97
CA LEU C 216 16.27 27.24 20.30
C LEU C 216 15.84 25.88 20.82
N ARG C 217 15.62 25.77 22.13
CA ARG C 217 15.17 24.51 22.70
C ARG C 217 13.80 24.11 22.15
N LEU C 218 12.92 25.09 21.95
CA LEU C 218 11.61 24.81 21.37
C LEU C 218 11.74 24.33 19.92
N ALA C 219 12.49 25.07 19.11
CA ALA C 219 12.63 24.71 17.70
C ALA C 219 13.17 23.30 17.54
N ARG C 220 14.16 22.92 18.34
CA ARG C 220 14.75 21.59 18.20
C ARG C 220 13.75 20.50 18.51
N ARG C 221 12.93 20.69 19.54
CA ARG C 221 11.94 19.69 19.90
C ARG C 221 10.97 19.43 18.75
N PHE C 222 10.45 20.51 18.14
CA PHE C 222 9.54 20.33 17.01
C PHE C 222 10.26 19.68 15.84
N ALA C 223 11.49 20.12 15.54
CA ALA C 223 12.22 19.54 14.43
C ALA C 223 12.52 18.07 14.65
N HIS C 224 12.79 17.69 15.90
CA HIS C 224 13.11 16.30 16.20
C HIS C 224 11.95 15.38 15.85
N LEU C 225 10.72 15.82 16.12
CA LEU C 225 9.56 14.99 15.79
C LEU C 225 9.49 14.73 14.29
N THR C 226 9.81 15.73 13.47
CA THR C 226 9.81 15.54 12.03
C THR C 226 10.82 14.49 11.59
N TYR C 227 11.86 14.25 12.38
CA TYR C 227 12.88 13.28 12.03
C TYR C 227 12.49 11.85 12.41
N ARG C 228 11.49 11.68 13.26
CA ARG C 228 11.17 10.38 13.84
C ARG C 228 10.01 9.72 13.12
N GLY C 229 9.85 8.41 13.39
CA GLY C 229 8.74 7.65 12.85
C GLY C 229 7.62 7.59 13.84
N GLU C 230 6.40 7.84 13.36
CA GLU C 230 5.24 7.90 14.24
C GLU C 230 5.07 6.61 15.03
N ILE C 231 5.12 5.47 14.33
CA ILE C 231 4.92 4.19 15.01
C ILE C 231 6.04 3.93 16.00
N GLU C 232 7.30 4.13 15.56
CA GLU C 232 8.43 3.86 16.44
C GLU C 232 8.39 4.72 17.70
N LEU C 233 7.88 5.94 17.60
CA LEU C 233 7.74 6.78 18.78
C LEU C 233 6.77 6.16 19.78
N ASP C 234 5.58 5.78 19.30
CA ASP C 234 4.58 5.19 20.19
C ASP C 234 5.11 3.90 20.82
N THR C 235 5.87 3.12 20.06
CA THR C 235 6.41 1.87 20.60
C THR C 235 7.40 2.12 21.73
N ARG C 236 8.18 3.20 21.65
CA ARG C 236 9.21 3.48 22.62
C ARG C 236 8.70 4.23 23.84
N PHE C 237 7.77 5.17 23.65
CA PHE C 237 7.30 6.01 24.73
C PHE C 237 5.81 5.83 25.04
N ALA C 238 4.98 5.64 24.02
CA ALA C 238 3.54 5.63 24.24
C ALA C 238 3.13 6.87 25.02
N ASN C 239 2.16 6.73 25.93
CA ASN C 239 1.81 7.81 26.83
C ASN C 239 2.35 7.58 28.24
N HIS C 240 3.41 6.79 28.37
CA HIS C 240 3.99 6.51 29.67
C HIS C 240 4.46 7.80 30.34
N ASN C 241 4.41 7.82 31.67
CA ASN C 241 4.99 8.91 32.43
C ASN C 241 6.51 8.77 32.47
N GLN C 242 7.17 9.87 32.85
CA GLN C 242 8.61 9.86 33.02
C GLN C 242 8.93 9.34 34.41
N GLY C 243 9.43 8.10 34.49
CA GLY C 243 9.77 7.50 35.76
C GLY C 243 8.63 7.55 36.76
N ASN C 244 8.82 8.26 37.86
CA ASN C 244 7.83 8.36 38.92
C ASN C 244 7.07 9.68 38.91
N GLU C 245 7.19 10.47 37.84
CA GLU C 245 6.47 11.73 37.76
C GLU C 245 5.02 11.49 37.35
N ASP C 246 4.16 12.41 37.74
CA ASP C 246 2.73 12.35 37.42
C ASP C 246 2.33 13.57 36.59
N PRO C 247 2.10 13.41 35.29
CA PRO C 247 1.73 14.57 34.47
C PRO C 247 0.48 15.28 34.94
N THR C 248 -0.46 14.56 35.57
CA THR C 248 -1.66 15.19 36.10
C THR C 248 -1.40 16.02 37.35
N ALA C 249 -0.16 16.06 37.84
CA ALA C 249 0.21 16.85 39.01
C ALA C 249 1.41 17.75 38.72
N GLY C 250 1.69 18.04 37.46
CA GLY C 250 2.81 18.87 37.08
C GLY C 250 4.00 18.13 36.49
N GLY C 251 3.95 16.80 36.45
CA GLY C 251 5.06 16.02 35.92
C GLY C 251 5.06 15.97 34.41
N ARG C 252 6.07 15.29 33.87
CA ARG C 252 6.26 15.15 32.43
C ARG C 252 5.98 13.73 31.98
N TYR C 253 5.56 13.60 30.73
CA TYR C 253 5.47 12.30 30.10
C TYR C 253 6.84 11.84 29.64
N ALA C 254 6.95 10.55 29.31
CA ALA C 254 8.22 10.02 28.84
C ALA C 254 8.71 10.76 27.59
N VAL C 255 7.90 10.77 26.54
CA VAL C 255 8.29 11.45 25.30
C VAL C 255 8.59 12.92 25.56
N GLN C 256 7.90 13.52 26.54
CA GLN C 256 8.15 14.92 26.85
C GLN C 256 9.51 15.10 27.52
N SER C 257 9.86 14.21 28.44
CA SER C 257 11.18 14.27 29.06
C SER C 257 12.28 14.01 28.03
N TYR C 258 12.04 13.08 27.12
CA TYR C 258 13.02 12.78 26.08
C TYR C 258 13.22 13.97 25.15
N LEU C 259 12.13 14.65 24.77
CA LEU C 259 12.26 15.82 23.91
C LEU C 259 13.06 16.92 24.60
N GLU C 260 12.83 17.12 25.89
CA GLU C 260 13.57 18.16 26.61
C GLU C 260 15.06 17.87 26.61
N HIS C 261 15.44 16.60 26.77
CA HIS C 261 16.86 16.25 26.73
C HIS C 261 17.46 16.49 25.35
N GLN C 262 16.69 16.21 24.30
CA GLN C 262 17.18 16.46 22.94
C GLN C 262 17.53 17.93 22.75
N GLY C 263 16.70 18.82 23.29
CA GLY C 263 17.04 20.23 23.23
C GLY C 263 18.27 20.57 24.07
N ASP C 264 18.34 20.01 25.28
CA ASP C 264 19.50 20.24 26.14
C ASP C 264 20.79 19.86 25.43
N LYS C 265 20.78 18.76 24.68
CA LYS C 265 21.98 18.32 23.99
C LYS C 265 22.41 19.32 22.92
N LEU C 266 21.47 19.75 22.09
CA LEU C 266 21.80 20.70 21.03
C LEU C 266 22.23 22.04 21.62
N LEU C 267 21.63 22.45 22.73
CA LEU C 267 21.91 23.76 23.30
C LEU C 267 23.38 23.93 23.65
N SER C 268 24.07 22.83 23.96
CA SER C 268 25.44 22.89 24.43
C SER C 268 26.48 22.77 23.33
N ARG C 269 26.08 22.39 22.11
CA ARG C 269 27.02 22.19 21.01
C ARG C 269 26.66 22.94 19.75
N PHE C 270 25.69 23.86 19.82
CA PHE C 270 25.19 24.52 18.62
C PHE C 270 24.75 25.93 18.95
N ASP C 271 24.85 26.81 17.96
CA ASP C 271 24.50 28.22 18.11
C ASP C 271 23.14 28.48 17.47
N ALA C 272 22.36 29.37 18.10
CA ALA C 272 21.05 29.70 17.57
C ALA C 272 21.15 30.40 16.23
N GLY C 273 22.08 31.35 16.10
CA GLY C 273 22.25 32.05 14.83
C GLY C 273 22.53 31.10 13.68
N SER C 274 23.38 30.10 13.90
CA SER C 274 23.64 29.10 12.87
C SER C 274 22.38 28.31 12.55
N TYR C 275 21.56 28.04 13.56
CA TYR C 275 20.31 27.34 13.31
C TYR C 275 19.39 28.14 12.38
N VAL C 276 19.28 29.45 12.62
CA VAL C 276 18.44 30.29 11.78
C VAL C 276 19.01 30.37 10.36
N ILE C 277 20.28 30.71 10.24
CA ILE C 277 20.88 30.91 8.92
C ILE C 277 20.80 29.62 8.11
N LEU C 278 21.20 28.50 8.70
CA LEU C 278 21.17 27.23 7.97
C LEU C 278 19.75 26.80 7.66
N THR C 279 18.80 27.09 8.54
CA THR C 279 17.40 26.78 8.24
C THR C 279 16.88 27.67 7.11
N GLU C 280 17.32 28.92 7.06
CA GLU C 280 16.96 29.79 5.94
C GLU C 280 17.43 29.19 4.63
N ALA C 281 18.66 28.66 4.60
CA ALA C 281 19.16 28.03 3.38
C ALA C 281 18.31 26.83 3.00
N LEU C 282 17.86 26.06 3.99
CA LEU C 282 16.97 24.93 3.71
C LEU C 282 15.68 25.40 3.03
N ASN C 283 15.13 26.52 3.49
CA ASN C 283 13.89 27.02 2.92
C ASN C 283 14.08 27.50 1.48
N SER C 284 15.27 27.96 1.13
CA SER C 284 15.57 28.45 -0.20
C SER C 284 16.03 27.36 -1.16
N HIS C 285 16.15 26.12 -0.69
CA HIS C 285 16.61 25.05 -1.55
C HIS C 285 15.68 24.89 -2.75
N ASP C 286 16.26 24.92 -3.95
CA ASP C 286 15.50 24.80 -5.19
C ASP C 286 16.44 24.65 -6.38
N VAL C 287 16.73 23.41 -6.76
CA VAL C 287 17.66 23.13 -7.84
C VAL C 287 17.24 23.72 -9.17
N GLY C 288 16.01 24.22 -9.27
CA GLY C 288 15.51 24.71 -10.54
C GLY C 288 15.63 26.21 -10.73
N ARG C 289 15.82 26.95 -9.64
CA ARG C 289 15.91 28.39 -9.70
C ARG C 289 16.98 28.82 -10.70
N GLY C 290 16.60 29.68 -11.64
CA GLY C 290 17.53 30.16 -12.64
C GLY C 290 17.97 29.12 -13.65
N ARG C 291 17.35 27.94 -13.65
CA ARG C 291 17.69 26.88 -14.59
C ARG C 291 16.49 26.39 -15.37
N GLY C 292 15.35 27.09 -15.28
CA GLY C 292 14.18 26.74 -16.05
C GLY C 292 13.21 25.80 -15.36
N GLY C 293 13.37 25.56 -14.07
CA GLY C 293 12.52 24.65 -13.33
C GLY C 293 13.24 23.38 -12.93
N VAL C 294 12.58 22.61 -12.07
CA VAL C 294 13.20 21.40 -11.52
C VAL C 294 13.43 20.38 -12.63
N SER C 295 12.42 20.14 -13.48
CA SER C 295 12.57 19.16 -14.54
C SER C 295 13.71 19.53 -15.48
N ALA C 296 13.74 20.78 -15.92
CA ALA C 296 14.80 21.23 -16.83
C ALA C 296 16.18 20.99 -16.21
N ALA C 297 16.38 21.44 -14.97
CA ALA C 297 17.69 21.34 -14.34
C ALA C 297 18.12 19.88 -14.20
N LEU C 298 17.25 19.04 -13.65
CA LEU C 298 17.62 17.65 -13.40
C LEU C 298 17.83 16.89 -14.70
N ARG C 299 16.93 17.05 -15.67
CA ARG C 299 17.04 16.31 -16.92
C ARG C 299 18.35 16.62 -17.64
N ALA C 300 18.91 17.81 -17.43
CA ALA C 300 20.15 18.19 -18.07
C ALA C 300 21.38 17.69 -17.34
N CYS C 301 21.22 16.95 -16.24
CA CYS C 301 22.34 16.49 -15.45
C CYS C 301 22.67 15.04 -15.79
N PRO C 302 23.83 14.76 -16.36
CA PRO C 302 24.20 13.37 -16.69
C PRO C 302 25.00 12.65 -15.62
N VAL C 303 25.33 13.30 -14.51
CA VAL C 303 26.19 12.68 -13.50
C VAL C 303 25.52 11.41 -12.98
N PRO C 304 26.21 10.27 -12.93
CA PRO C 304 25.62 9.07 -12.31
C PRO C 304 25.39 9.29 -10.83
N VAL C 305 24.17 9.01 -10.38
CA VAL C 305 23.79 9.26 -9.00
C VAL C 305 22.96 8.09 -8.49
N VAL C 306 23.01 7.88 -7.17
CA VAL C 306 22.18 6.91 -6.48
C VAL C 306 21.27 7.67 -5.53
N VAL C 307 19.97 7.46 -5.65
CA VAL C 307 18.98 8.15 -4.83
C VAL C 307 18.30 7.13 -3.92
N GLY C 308 18.33 7.40 -2.62
CA GLY C 308 17.70 6.53 -1.65
C GLY C 308 16.80 7.31 -0.73
N GLY C 309 15.68 6.70 -0.36
CA GLY C 309 14.72 7.32 0.53
C GLY C 309 14.27 6.36 1.61
N ILE C 310 13.68 6.93 2.66
CA ILE C 310 13.23 6.17 3.82
C ILE C 310 11.71 6.03 3.75
N THR C 311 11.21 4.82 3.99
CA THR C 311 9.78 4.58 3.87
C THR C 311 8.98 5.37 4.90
N SER C 312 9.47 5.44 6.14
CA SER C 312 8.77 6.12 7.23
C SER C 312 9.15 7.58 7.35
N ASP C 313 9.87 8.15 6.38
CA ASP C 313 10.32 9.53 6.46
C ASP C 313 9.12 10.47 6.44
N ARG C 314 9.01 11.32 7.44
CA ARG C 314 7.91 12.27 7.54
C ARG C 314 8.29 13.68 7.15
N LEU C 315 9.58 14.02 7.16
CA LEU C 315 10.04 15.34 6.73
C LEU C 315 10.35 15.39 5.24
N TYR C 316 10.88 14.30 4.68
CA TYR C 316 11.17 14.20 3.25
C TYR C 316 10.52 12.92 2.74
N PRO C 317 9.19 12.94 2.54
CA PRO C 317 8.49 11.72 2.13
C PRO C 317 9.06 11.12 0.86
N LEU C 318 8.81 9.81 0.69
CA LEU C 318 9.37 9.08 -0.44
C LEU C 318 9.05 9.73 -1.77
N ARG C 319 7.88 10.37 -1.89
CA ARG C 319 7.53 11.03 -3.14
C ARG C 319 8.60 12.04 -3.57
N LEU C 320 9.25 12.68 -2.59
CA LEU C 320 10.32 13.62 -2.92
C LEU C 320 11.49 12.92 -3.58
N GLN C 321 11.88 11.75 -3.06
CA GLN C 321 13.00 11.01 -3.65
C GLN C 321 12.61 10.29 -4.93
N GLN C 322 11.32 9.95 -5.09
CA GLN C 322 10.87 9.38 -6.35
C GLN C 322 10.96 10.39 -7.48
N GLU C 323 10.63 11.65 -7.20
CA GLU C 323 10.75 12.69 -8.22
C GLU C 323 12.20 12.83 -8.68
N LEU C 324 13.15 12.81 -7.75
CA LEU C 324 14.55 12.95 -8.12
C LEU C 324 15.01 11.80 -9.02
N ALA C 325 14.69 10.57 -8.65
CA ALA C 325 15.12 9.41 -9.43
C ALA C 325 14.50 9.41 -10.82
N ASP C 326 13.31 9.98 -10.96
CA ASP C 326 12.62 9.95 -12.25
C ASP C 326 13.20 10.95 -13.24
N LEU C 327 13.78 12.04 -12.76
CA LEU C 327 14.23 13.12 -13.63
C LEU C 327 15.74 13.13 -13.88
N LEU C 328 16.51 12.42 -13.06
CA LEU C 328 17.96 12.37 -13.24
C LEU C 328 18.30 11.20 -14.15
N PRO C 329 18.75 11.44 -15.39
CA PRO C 329 19.02 10.31 -16.30
C PRO C 329 20.14 9.41 -15.83
N GLY C 330 21.01 9.88 -14.94
CA GLY C 330 22.07 9.07 -14.39
C GLY C 330 21.68 8.23 -13.20
N CYS C 331 20.39 8.10 -12.91
CA CYS C 331 19.88 7.33 -11.78
C CYS C 331 19.11 6.13 -12.31
N ALA C 332 19.59 4.93 -11.99
CA ALA C 332 18.93 3.72 -12.46
C ALA C 332 17.52 3.61 -11.89
N GLY C 333 17.32 4.02 -10.65
CA GLY C 333 16.01 3.98 -10.04
C GLY C 333 16.05 4.32 -8.56
N LEU C 334 14.89 4.62 -7.98
CA LEU C 334 14.81 4.93 -6.57
C LEU C 334 15.17 3.68 -5.76
N ARG C 335 16.16 3.81 -4.88
CA ARG C 335 16.52 2.73 -3.95
C ARG C 335 15.77 2.98 -2.66
N VAL C 336 14.69 2.22 -2.44
CA VAL C 336 13.85 2.41 -1.27
C VAL C 336 14.45 1.66 -0.09
N VAL C 337 14.69 2.37 1.00
CA VAL C 337 15.25 1.78 2.22
C VAL C 337 14.11 1.64 3.23
N GLU C 338 13.83 0.40 3.62
CA GLU C 338 12.81 0.14 4.62
C GLU C 338 13.37 0.42 6.01
N SER C 339 12.73 1.34 6.73
CA SER C 339 13.18 1.70 8.06
C SER C 339 11.99 2.24 8.85
N VAL C 340 11.95 1.92 10.14
CA VAL C 340 10.89 2.39 11.02
C VAL C 340 11.31 3.62 11.81
N TYR C 341 12.47 4.20 11.50
CA TYR C 341 13.01 5.31 12.27
C TYR C 341 12.85 6.65 11.56
N GLY C 342 12.10 6.70 10.46
CA GLY C 342 11.83 7.97 9.81
C GLY C 342 13.07 8.58 9.17
N HIS C 343 13.08 9.92 9.13
CA HIS C 343 14.16 10.63 8.47
C HIS C 343 15.53 10.21 9.00
N ASP C 344 15.64 10.04 10.33
CA ASP C 344 16.91 9.61 10.91
C ASP C 344 17.33 8.23 10.43
N GLY C 345 16.48 7.54 9.66
CA GLY C 345 16.84 6.21 9.19
C GLY C 345 18.08 6.20 8.32
N PHE C 346 18.31 7.25 7.55
CA PHE C 346 19.49 7.29 6.69
C PHE C 346 20.78 7.33 7.50
N LEU C 347 20.71 7.55 8.81
CA LEU C 347 21.87 7.46 9.68
C LEU C 347 21.92 6.17 10.48
N VAL C 348 20.81 5.43 10.57
CA VAL C 348 20.74 4.24 11.41
C VAL C 348 20.91 2.97 10.59
N GLU C 349 20.31 2.89 9.40
CA GLU C 349 20.35 1.70 8.57
C GLU C 349 21.74 1.58 7.95
N THR C 350 22.66 0.99 8.71
CA THR C 350 24.06 0.92 8.28
C THR C 350 24.21 0.10 7.01
N GLU C 351 23.70 -1.13 7.02
CA GLU C 351 23.87 -2.02 5.87
C GLU C 351 23.17 -1.45 4.63
N ALA C 352 21.92 -1.02 4.79
CA ALA C 352 21.17 -0.50 3.65
C ALA C 352 21.83 0.75 3.08
N VAL C 353 22.04 1.77 3.92
CA VAL C 353 22.70 2.98 3.46
C VAL C 353 24.13 2.66 3.02
N GLY C 354 24.81 1.77 3.75
CA GLY C 354 26.16 1.41 3.36
C GLY C 354 26.21 0.75 2.00
N GLU C 355 25.21 -0.09 1.69
CA GLU C 355 25.17 -0.72 0.38
C GLU C 355 24.96 0.31 -0.73
N LEU C 356 24.31 1.44 -0.41
CA LEU C 356 24.15 2.49 -1.39
C LEU C 356 25.44 3.27 -1.60
N ILE C 357 26.24 3.44 -0.54
CA ILE C 357 27.50 4.16 -0.68
C ILE C 357 28.48 3.36 -1.53
N ARG C 358 28.70 2.09 -1.19
CA ARG C 358 29.65 1.28 -1.96
C ARG C 358 29.18 1.06 -3.40
N GLN C 359 27.90 1.27 -3.67
CA GLN C 359 27.45 1.28 -5.06
C GLN C 359 27.77 2.61 -5.74
N THR C 360 27.61 3.71 -5.02
CA THR C 360 27.97 5.02 -5.56
C THR C 360 29.46 5.07 -5.88
N LEU C 361 30.29 4.62 -4.94
CA LEU C 361 31.73 4.62 -5.16
C LEU C 361 32.10 3.69 -6.32
N GLY C 362 31.33 2.63 -6.52
CA GLY C 362 31.54 1.80 -7.70
C GLY C 362 31.32 2.57 -8.99
N LEU C 363 30.38 3.51 -8.98
CA LEU C 363 30.15 4.35 -10.15
C LEU C 363 31.29 5.33 -10.35
N ALA C 364 31.77 5.94 -9.26
CA ALA C 364 32.91 6.85 -9.37
C ALA C 364 34.15 6.11 -9.84
N ASP C 365 34.29 4.84 -9.48
CA ASP C 365 35.42 4.05 -9.97
C ASP C 365 35.23 3.68 -11.44
N ARG C 366 34.01 3.31 -11.82
CA ARG C 366 33.74 2.96 -13.20
C ARG C 366 33.91 4.14 -14.16
N GLU C 367 33.80 5.36 -13.65
CA GLU C 367 33.98 6.56 -14.48
C GLU C 367 35.43 6.97 -14.53
N GLN D 2 -34.18 23.77 34.57
CA GLN D 2 -33.80 24.76 33.56
C GLN D 2 -34.33 24.36 32.19
N THR D 3 -34.26 25.29 31.25
CA THR D 3 -34.86 25.10 29.93
C THR D 3 -33.79 25.23 28.85
N LEU D 4 -34.01 24.51 27.74
CA LEU D 4 -33.14 24.63 26.59
C LEU D 4 -33.25 26.04 26.01
N PRO D 5 -32.14 26.63 25.58
CA PRO D 5 -32.22 27.97 24.99
C PRO D 5 -32.98 27.95 23.67
N ALA D 6 -33.44 29.13 23.27
CA ALA D 6 -34.13 29.24 21.99
C ALA D 6 -33.25 28.74 20.86
N GLU D 7 -33.87 28.11 19.87
CA GLU D 7 -33.14 27.53 18.76
C GLU D 7 -32.22 28.58 18.12
N GLY D 8 -30.95 28.21 17.95
CA GLY D 8 -29.97 29.12 17.39
C GLY D 8 -29.31 30.00 18.45
N GLU D 9 -30.07 30.37 19.47
CA GLU D 9 -29.54 31.20 20.54
C GLU D 9 -28.68 30.37 21.49
N ILE D 10 -27.84 31.05 22.24
CA ILE D 10 -26.90 30.42 23.17
C ILE D 10 -27.41 30.59 24.59
N GLY D 11 -27.38 29.51 25.36
CA GLY D 11 -27.84 29.54 26.73
C GLY D 11 -26.83 28.94 27.67
N LEU D 12 -26.76 29.51 28.87
CA LEU D 12 -25.83 29.07 29.91
C LEU D 12 -26.58 28.20 30.93
N ILE D 13 -26.06 27.00 31.16
CA ILE D 13 -26.67 26.03 32.07
C ILE D 13 -25.86 26.00 33.36
N ASP D 14 -26.53 26.18 34.49
CA ASP D 14 -25.88 26.12 35.79
C ASP D 14 -25.78 24.66 36.21
N VAL D 15 -24.59 24.07 36.05
CA VAL D 15 -24.37 22.69 36.47
C VAL D 15 -24.17 22.56 37.97
N GLY D 16 -23.66 23.59 38.63
CA GLY D 16 -23.46 23.54 40.06
C GLY D 16 -22.07 23.08 40.41
N SER D 17 -21.97 22.13 41.34
CA SER D 17 -20.69 21.61 41.79
C SER D 17 -20.31 20.37 41.00
N LEU D 18 -19.02 20.26 40.68
CA LEU D 18 -18.51 19.18 39.83
C LEU D 18 -17.25 18.62 40.47
N GLN D 19 -17.31 17.35 40.86
CA GLN D 19 -16.14 16.66 41.42
C GLN D 19 -15.36 16.02 40.29
N LEU D 20 -14.08 16.37 40.19
CA LEU D 20 -13.24 15.90 39.09
C LEU D 20 -12.58 14.57 39.44
N GLU D 21 -11.93 13.98 38.44
CA GLU D 21 -11.24 12.71 38.64
C GLU D 21 -10.16 12.82 39.70
N SER D 22 -9.52 13.98 39.82
CA SER D 22 -8.50 14.17 40.84
C SER D 22 -9.09 14.23 42.25
N GLY D 23 -10.40 14.43 42.37
CA GLY D 23 -11.06 14.57 43.64
C GLY D 23 -11.48 15.99 43.97
N ALA D 24 -10.82 16.99 43.39
CA ALA D 24 -11.19 18.37 43.64
C ALA D 24 -12.62 18.64 43.19
N VAL D 25 -13.28 19.57 43.88
CA VAL D 25 -14.64 19.96 43.57
C VAL D 25 -14.61 21.39 43.03
N ILE D 26 -14.94 21.55 41.76
CA ILE D 26 -15.06 22.87 41.15
C ILE D 26 -16.49 23.33 41.33
N ASP D 27 -16.66 24.51 41.93
CA ASP D 27 -17.99 25.02 42.28
C ASP D 27 -18.44 26.05 41.27
N ASP D 28 -19.77 26.20 41.15
CA ASP D 28 -20.39 27.16 40.25
C ASP D 28 -19.91 26.93 38.81
N VAL D 29 -20.19 25.73 38.31
CA VAL D 29 -19.80 25.35 36.96
C VAL D 29 -20.88 25.80 35.99
N CYS D 30 -20.48 26.54 34.96
CA CYS D 30 -21.39 27.05 33.94
C CYS D 30 -21.01 26.44 32.60
N ILE D 31 -21.99 25.85 31.91
CA ILE D 31 -21.78 25.21 30.62
C ILE D 31 -22.65 25.93 29.59
N ALA D 32 -22.02 26.41 28.52
CA ALA D 32 -22.74 27.04 27.41
C ALA D 32 -23.21 25.99 26.43
N VAL D 33 -24.39 26.23 25.84
CA VAL D 33 -25.04 25.23 25.01
C VAL D 33 -25.86 25.91 23.92
N GLN D 34 -25.95 25.25 22.77
CA GLN D 34 -26.84 25.64 21.69
C GLN D 34 -27.55 24.40 21.17
N ARG D 35 -28.68 24.61 20.51
CA ARG D 35 -29.49 23.49 20.06
C ARG D 35 -30.17 23.81 18.73
N TRP D 36 -30.29 22.79 17.90
CA TRP D 36 -31.08 22.85 16.68
C TRP D 36 -32.02 21.65 16.66
N GLY D 37 -33.14 21.80 15.98
CA GLY D 37 -34.23 20.86 16.13
C GLY D 37 -34.89 21.05 17.48
N LYS D 38 -35.98 20.31 17.70
CA LYS D 38 -36.77 20.51 18.90
C LYS D 38 -36.91 19.19 19.67
N LEU D 39 -37.00 19.32 20.99
CA LEU D 39 -36.94 18.18 21.90
C LEU D 39 -38.27 17.43 21.93
N SER D 40 -38.19 16.11 21.81
CA SER D 40 -39.39 15.29 21.84
C SER D 40 -39.96 15.23 23.26
N PRO D 41 -41.28 15.01 23.38
CA PRO D 41 -41.87 14.88 24.73
C PRO D 41 -41.13 13.88 25.61
N ALA D 42 -40.74 12.73 25.06
CA ALA D 42 -40.07 11.70 25.84
C ALA D 42 -38.63 12.07 26.20
N ARG D 43 -38.09 13.14 25.61
CA ARG D 43 -36.74 13.61 25.93
C ARG D 43 -35.66 12.62 25.48
N ASP D 44 -35.91 11.91 24.38
CA ASP D 44 -35.08 10.78 23.99
C ASP D 44 -34.47 10.92 22.60
N ASN D 45 -34.50 12.11 22.00
CA ASN D 45 -34.02 12.30 20.64
C ASN D 45 -32.85 13.28 20.58
N VAL D 46 -32.04 13.33 21.65
CA VAL D 46 -30.94 14.28 21.74
C VAL D 46 -29.71 13.68 21.06
N VAL D 47 -29.08 14.48 20.20
CA VAL D 47 -27.85 14.10 19.51
C VAL D 47 -26.78 15.10 19.93
N VAL D 48 -25.78 14.64 20.67
CA VAL D 48 -24.75 15.50 21.23
C VAL D 48 -23.62 15.63 20.22
N VAL D 49 -23.30 16.86 19.86
CA VAL D 49 -22.20 17.16 18.94
C VAL D 49 -21.06 17.77 19.76
N LEU D 50 -19.94 17.06 19.82
CA LEU D 50 -18.82 17.44 20.66
C LEU D 50 -17.73 18.06 19.79
N HIS D 51 -17.33 19.29 20.12
CA HIS D 51 -16.39 20.04 19.29
C HIS D 51 -14.95 19.67 19.65
N ALA D 52 -14.01 20.20 18.89
CA ALA D 52 -12.60 19.88 19.02
C ALA D 52 -11.91 20.91 19.91
N LEU D 53 -10.58 20.96 19.84
CA LEU D 53 -9.79 21.80 20.75
C LEU D 53 -10.29 23.24 20.76
N THR D 54 -10.31 23.90 19.61
CA THR D 54 -10.66 25.31 19.53
C THR D 54 -12.10 25.55 19.11
N GLY D 55 -12.91 24.49 19.02
CA GLY D 55 -14.30 24.66 18.67
C GLY D 55 -15.12 25.24 19.81
N ASP D 56 -16.40 25.45 19.53
CA ASP D 56 -17.34 25.95 20.52
C ASP D 56 -18.69 25.30 20.26
N SER D 57 -19.74 25.87 20.85
CA SER D 57 -21.09 25.34 20.68
C SER D 57 -21.73 25.77 19.36
N HIS D 58 -21.12 26.68 18.63
CA HIS D 58 -21.64 27.17 17.36
C HIS D 58 -21.25 26.18 16.26
N ILE D 59 -22.07 25.14 16.12
CA ILE D 59 -21.75 24.09 15.16
C ILE D 59 -22.24 24.45 13.77
N THR D 60 -23.42 25.05 13.65
CA THR D 60 -23.98 25.38 12.34
C THR D 60 -24.58 26.78 12.39
N GLY D 61 -24.69 27.40 11.22
CA GLY D 61 -25.27 28.72 11.10
C GLY D 61 -24.26 29.76 10.69
N PRO D 62 -24.73 30.89 10.19
CA PRO D 62 -23.82 31.96 9.76
C PRO D 62 -23.45 32.90 10.91
N ALA D 63 -22.54 33.83 10.64
CA ALA D 63 -22.12 34.78 11.66
C ALA D 63 -23.22 35.81 11.94
N GLY D 64 -23.05 36.53 13.04
CA GLY D 64 -23.99 37.55 13.42
C GLY D 64 -24.08 37.77 14.92
N PRO D 65 -25.07 37.14 15.55
CA PRO D 65 -25.26 37.33 17.01
C PRO D 65 -24.16 36.68 17.82
N GLY D 66 -23.16 37.47 18.23
CA GLY D 66 -22.10 36.98 19.08
C GLY D 66 -21.30 35.83 18.50
N HIS D 67 -21.43 35.61 17.19
CA HIS D 67 -20.68 34.57 16.48
C HIS D 67 -19.85 35.25 15.40
N PRO D 68 -18.59 35.56 15.68
CA PRO D 68 -17.77 36.26 14.67
C PRO D 68 -17.64 35.48 13.37
N THR D 69 -17.72 34.17 13.41
CA THR D 69 -17.57 33.30 12.25
C THR D 69 -18.66 32.25 12.24
N PRO D 70 -18.89 31.60 11.09
CA PRO D 70 -19.94 30.57 11.03
C PRO D 70 -19.51 29.28 11.73
N GLY D 71 -20.39 28.28 11.72
CA GLY D 71 -20.11 27.05 12.43
C GLY D 71 -19.06 26.21 11.75
N TRP D 72 -18.41 25.36 12.55
CA TRP D 72 -17.36 24.49 12.01
C TRP D 72 -17.93 23.36 11.16
N TRP D 73 -18.94 22.66 11.68
CA TRP D 73 -19.90 21.92 10.83
C TRP D 73 -21.11 22.78 10.49
N ASP D 74 -20.83 23.85 9.74
CA ASP D 74 -21.90 24.60 9.11
C ASP D 74 -22.64 23.66 8.15
N GLY D 75 -23.88 23.31 8.49
CA GLY D 75 -24.69 22.43 7.67
C GLY D 75 -24.85 21.04 8.22
N VAL D 76 -24.15 20.68 9.30
CA VAL D 76 -24.24 19.33 9.84
C VAL D 76 -25.60 19.08 10.50
N ALA D 77 -26.31 20.12 10.90
CA ALA D 77 -27.60 19.96 11.57
C ALA D 77 -28.62 20.88 10.92
N GLY D 78 -29.79 20.33 10.61
CA GLY D 78 -30.84 21.06 9.96
C GLY D 78 -31.83 20.13 9.29
N PRO D 79 -32.88 20.69 8.68
CA PRO D 79 -33.88 19.85 8.01
C PRO D 79 -33.31 19.13 6.80
N GLY D 80 -33.20 17.81 6.89
CA GLY D 80 -32.63 17.01 5.82
C GLY D 80 -31.13 16.84 5.88
N ALA D 81 -30.44 17.53 6.80
CA ALA D 81 -29.01 17.42 6.92
C ALA D 81 -28.63 16.10 7.58
N PRO D 82 -27.34 15.79 7.66
CA PRO D 82 -26.92 14.54 8.33
C PRO D 82 -27.59 14.33 9.66
N ILE D 83 -27.59 15.36 10.52
CA ILE D 83 -28.37 15.32 11.77
C ILE D 83 -29.72 15.92 11.44
N ASP D 84 -30.61 15.08 10.91
CA ASP D 84 -31.93 15.53 10.49
C ASP D 84 -32.73 16.07 11.67
N THR D 85 -32.83 17.39 11.78
CA THR D 85 -33.50 18.02 12.92
C THR D 85 -35.02 17.98 12.81
N THR D 86 -35.60 17.24 11.86
CA THR D 86 -37.05 17.07 11.87
C THR D 86 -37.46 16.21 13.04
N ARG D 87 -36.57 15.32 13.44
CA ARG D 87 -36.82 14.29 14.44
C ARG D 87 -35.71 14.18 15.48
N TRP D 88 -34.56 14.79 15.25
CA TRP D 88 -33.45 14.79 16.19
C TRP D 88 -33.27 16.18 16.79
N CYS D 89 -32.65 16.22 17.97
CA CYS D 89 -32.37 17.47 18.67
C CYS D 89 -30.85 17.62 18.77
N ALA D 90 -30.27 18.36 17.83
CA ALA D 90 -28.83 18.59 17.82
C ALA D 90 -28.46 19.53 18.96
N VAL D 91 -27.75 19.01 19.96
CA VAL D 91 -27.33 19.78 21.13
C VAL D 91 -25.81 19.80 21.16
N ALA D 92 -25.25 21.00 21.29
CA ALA D 92 -23.80 21.19 21.29
C ALA D 92 -23.42 22.12 22.44
N THR D 93 -22.49 21.67 23.27
CA THR D 93 -21.97 22.46 24.37
C THR D 93 -20.58 22.99 24.04
N ASN D 94 -20.16 23.99 24.81
CA ASN D 94 -18.77 24.41 24.84
C ASN D 94 -18.08 23.69 25.99
N VAL D 95 -16.95 23.06 25.68
CA VAL D 95 -16.33 22.14 26.64
C VAL D 95 -15.98 22.85 27.93
N LEU D 96 -15.93 22.07 29.02
CA LEU D 96 -15.41 22.57 30.28
C LEU D 96 -13.94 22.92 30.12
N GLY D 97 -13.57 24.15 30.48
CA GLY D 97 -12.26 24.68 30.21
C GLY D 97 -12.18 25.53 28.96
N GLY D 98 -13.25 25.59 28.17
CA GLY D 98 -13.29 26.44 27.01
C GLY D 98 -13.32 27.90 27.39
N CYS D 99 -13.49 28.74 26.36
CA CYS D 99 -13.47 30.19 26.54
C CYS D 99 -14.65 30.86 25.83
N ARG D 100 -15.69 30.09 25.47
CA ARG D 100 -16.82 30.66 24.75
C ARG D 100 -18.12 30.44 25.51
N GLY D 101 -18.12 30.81 26.79
CA GLY D 101 -19.33 30.69 27.59
C GLY D 101 -19.22 29.74 28.77
N SER D 102 -18.53 28.62 28.57
CA SER D 102 -18.37 27.64 29.63
C SER D 102 -17.27 28.06 30.60
N THR D 103 -17.34 27.50 31.81
CA THR D 103 -16.38 27.84 32.85
C THR D 103 -14.98 27.38 32.44
N GLY D 104 -14.04 28.32 32.41
CA GLY D 104 -12.67 28.01 32.06
C GLY D 104 -11.70 28.97 32.71
N PRO D 105 -10.42 28.84 32.35
CA PRO D 105 -9.39 29.71 32.97
C PRO D 105 -9.71 31.20 32.89
N SER D 106 -10.26 31.67 31.77
CA SER D 106 -10.57 33.08 31.64
C SER D 106 -11.88 33.49 32.32
N SER D 107 -12.67 32.53 32.78
CA SER D 107 -13.89 32.85 33.50
C SER D 107 -13.59 33.36 34.91
N LEU D 108 -14.52 34.13 35.45
CA LEU D 108 -14.36 34.71 36.77
C LEU D 108 -14.81 33.73 37.84
N ALA D 109 -14.00 33.57 38.89
CA ALA D 109 -14.31 32.68 39.99
C ALA D 109 -15.13 33.42 41.03
N ARG D 110 -15.40 32.76 42.17
CA ARG D 110 -16.22 33.38 43.20
C ARG D 110 -15.55 34.62 43.79
N ASP D 111 -14.21 34.63 43.85
CA ASP D 111 -13.50 35.79 44.38
C ASP D 111 -13.51 36.99 43.42
N GLY D 112 -14.26 36.92 42.32
CA GLY D 112 -14.33 38.01 41.37
C GLY D 112 -13.17 38.10 40.41
N LYS D 113 -12.15 37.26 40.55
CA LYS D 113 -10.99 37.29 39.68
C LYS D 113 -10.99 36.09 38.73
N PRO D 114 -10.34 36.21 37.58
CA PRO D 114 -10.30 35.08 36.63
C PRO D 114 -9.62 33.87 37.26
N TRP D 115 -10.16 32.69 36.95
CA TRP D 115 -9.55 31.45 37.44
C TRP D 115 -8.04 31.45 37.20
N GLY D 116 -7.64 31.69 35.95
CA GLY D 116 -6.22 31.78 35.64
C GLY D 116 -5.48 30.50 36.02
N SER D 117 -4.32 30.68 36.68
CA SER D 117 -3.52 29.54 37.08
C SER D 117 -4.24 28.67 38.11
N ARG D 118 -5.27 29.20 38.76
CA ARG D 118 -6.02 28.45 39.77
C ARG D 118 -6.97 27.43 39.16
N PHE D 119 -7.21 27.47 37.86
CA PHE D 119 -8.10 26.49 37.23
C PHE D 119 -7.48 25.11 37.31
N PRO D 120 -8.19 24.11 37.82
CA PRO D 120 -7.60 22.77 37.96
C PRO D 120 -7.25 22.17 36.61
N LEU D 121 -6.41 21.15 36.65
CA LEU D 121 -6.02 20.40 35.46
C LEU D 121 -7.05 19.30 35.26
N ILE D 122 -7.81 19.40 34.18
CA ILE D 122 -8.95 18.53 33.95
C ILE D 122 -8.59 17.45 32.92
N SER D 123 -9.43 16.42 32.85
CA SER D 123 -9.25 15.31 31.94
C SER D 123 -10.44 15.24 30.97
N ILE D 124 -10.31 14.36 29.97
CA ILE D 124 -11.41 14.17 29.03
C ILE D 124 -12.65 13.66 29.77
N ARG D 125 -12.45 12.79 30.75
CA ARG D 125 -13.59 12.28 31.51
C ARG D 125 -14.26 13.37 32.32
N ASP D 126 -13.49 14.35 32.81
CA ASP D 126 -14.09 15.49 33.49
C ASP D 126 -14.97 16.30 32.55
N GLN D 127 -14.52 16.45 31.30
CA GLN D 127 -15.32 17.19 30.33
C GLN D 127 -16.65 16.51 30.06
N VAL D 128 -16.66 15.17 30.06
CA VAL D 128 -17.89 14.44 29.81
C VAL D 128 -18.84 14.57 31.00
N GLN D 129 -18.29 14.60 32.21
CA GLN D 129 -19.12 14.80 33.40
C GLN D 129 -19.96 16.07 33.26
N ALA D 130 -19.30 17.20 32.97
CA ALA D 130 -20.01 18.47 32.84
C ALA D 130 -21.09 18.38 31.77
N ASP D 131 -20.77 17.80 30.62
CA ASP D 131 -21.76 17.68 29.55
C ASP D 131 -22.95 16.84 30.02
N VAL D 132 -22.67 15.70 30.64
CA VAL D 132 -23.76 14.84 31.14
C VAL D 132 -24.54 15.55 32.22
N ALA D 133 -23.84 16.27 33.10
CA ALA D 133 -24.53 17.03 34.15
C ALA D 133 -25.39 18.12 33.55
N ALA D 134 -24.83 18.87 32.59
CA ALA D 134 -25.61 19.92 31.93
C ALA D 134 -26.89 19.37 31.33
N LEU D 135 -26.79 18.24 30.63
CA LEU D 135 -27.99 17.64 30.04
C LEU D 135 -28.98 17.23 31.12
N ALA D 136 -28.49 16.73 32.25
CA ALA D 136 -29.38 16.39 33.35
C ALA D 136 -30.10 17.62 33.87
N ALA D 137 -29.39 18.74 34.03
CA ALA D 137 -30.01 19.97 34.49
C ALA D 137 -31.13 20.43 33.57
N LEU D 138 -31.13 19.98 32.32
CA LEU D 138 -32.19 20.28 31.36
C LEU D 138 -33.27 19.22 31.31
N GLY D 139 -33.24 18.25 32.22
CA GLY D 139 -34.19 17.15 32.18
C GLY D 139 -33.86 16.07 31.18
N ILE D 140 -32.67 16.09 30.60
CA ILE D 140 -32.24 15.08 29.64
C ILE D 140 -31.24 14.16 30.34
N THR D 141 -31.58 12.88 30.43
CA THR D 141 -30.72 11.89 31.07
C THR D 141 -30.16 10.86 30.11
N GLU D 142 -30.86 10.57 29.01
CA GLU D 142 -30.41 9.58 28.03
C GLU D 142 -30.39 10.25 26.65
N VAL D 143 -29.22 10.29 26.04
CA VAL D 143 -29.06 10.88 24.72
C VAL D 143 -29.08 9.77 23.68
N ALA D 144 -29.54 10.09 22.48
CA ALA D 144 -29.63 9.11 21.42
C ALA D 144 -28.26 8.77 20.86
N ALA D 145 -27.47 9.79 20.53
CA ALA D 145 -26.16 9.57 19.94
C ALA D 145 -25.21 10.69 20.35
N VAL D 146 -23.91 10.37 20.30
CA VAL D 146 -22.84 11.34 20.48
C VAL D 146 -21.92 11.26 19.28
N VAL D 147 -21.60 12.41 18.69
CA VAL D 147 -20.77 12.47 17.49
C VAL D 147 -19.65 13.47 17.72
N GLY D 148 -18.49 13.18 17.16
CA GLY D 148 -17.37 14.10 17.24
C GLY D 148 -16.05 13.56 16.70
N GLY D 149 -15.14 14.46 16.38
CA GLY D 149 -13.79 14.09 15.96
C GLY D 149 -12.74 14.85 16.75
N MET D 151 -10.56 15.96 19.66
CA MET D 151 -10.94 16.00 21.06
C MET D 151 -12.42 15.66 21.22
N GLY D 152 -13.21 16.03 20.22
CA GLY D 152 -14.61 15.64 20.21
C GLY D 152 -14.78 14.13 20.21
N GLY D 153 -14.02 13.44 19.34
CA GLY D 153 -14.04 12.00 19.35
C GLY D 153 -13.58 11.40 20.67
N ALA D 154 -12.61 12.04 21.32
CA ALA D 154 -12.20 11.57 22.64
C ALA D 154 -13.33 11.69 23.65
N ARG D 155 -14.05 12.82 23.62
CA ARG D 155 -15.21 12.97 24.49
C ARG D 155 -16.29 11.95 24.14
N ALA D 156 -16.56 11.76 22.84
CA ALA D 156 -17.53 10.77 22.42
C ALA D 156 -17.13 9.37 22.91
N LEU D 157 -15.84 9.05 22.83
CA LEU D 157 -15.38 7.74 23.28
C LEU D 157 -15.66 7.54 24.76
N GLU D 158 -15.18 8.46 25.60
CA GLU D 158 -15.39 8.34 27.04
C GLU D 158 -16.87 8.39 27.41
N TRP D 159 -17.72 8.91 26.51
CA TRP D 159 -19.16 8.93 26.79
C TRP D 159 -19.75 7.54 26.67
N VAL D 160 -19.48 6.84 25.55
CA VAL D 160 -20.06 5.51 25.35
C VAL D 160 -19.44 4.47 26.26
N VAL D 161 -18.21 4.69 26.72
CA VAL D 161 -17.57 3.73 27.62
C VAL D 161 -17.95 3.99 29.07
N GLY D 162 -18.02 5.27 29.48
CA GLY D 162 -18.34 5.59 30.85
C GLY D 162 -19.82 5.64 31.16
N TYR D 163 -20.65 5.88 30.15
CA TYR D 163 -22.10 5.98 30.31
C TYR D 163 -22.80 5.12 29.26
N PRO D 164 -22.47 3.83 29.19
CA PRO D 164 -23.01 3.01 28.10
C PRO D 164 -24.52 2.87 28.11
N ASP D 165 -25.14 2.95 29.29
CA ASP D 165 -26.59 2.84 29.38
C ASP D 165 -27.31 4.17 29.19
N ARG D 166 -26.58 5.27 29.09
CA ARG D 166 -27.17 6.59 28.89
C ARG D 166 -26.97 7.11 27.48
N VAL D 167 -26.50 6.26 26.55
CA VAL D 167 -26.31 6.65 25.16
C VAL D 167 -26.61 5.43 24.28
N ARG D 168 -27.31 5.66 23.17
CA ARG D 168 -27.72 4.57 22.30
C ARG D 168 -26.71 4.24 21.22
N ALA D 169 -25.96 5.24 20.73
CA ALA D 169 -24.96 5.02 19.69
C ALA D 169 -24.02 6.20 19.66
N GLY D 170 -22.88 6.01 19.00
CA GLY D 170 -21.88 7.04 18.91
C GLY D 170 -21.11 6.98 17.60
N LEU D 171 -20.57 8.13 17.21
CA LEU D 171 -19.72 8.25 16.03
C LEU D 171 -18.37 8.81 16.48
N LEU D 172 -17.32 8.01 16.33
CA LEU D 172 -15.97 8.40 16.69
C LEU D 172 -15.17 8.65 15.42
N LEU D 173 -14.76 9.89 15.20
CA LEU D 173 -14.03 10.29 13.99
C LEU D 173 -12.63 10.77 14.36
N ALA D 174 -11.65 10.32 13.57
CA ALA D 174 -10.27 10.77 13.69
C ALA D 174 -9.85 10.89 15.15
N VAL D 175 -9.68 9.75 15.82
CA VAL D 175 -9.24 9.73 17.21
C VAL D 175 -8.70 8.35 17.53
N GLY D 176 -8.02 8.22 18.68
CA GLY D 176 -7.49 6.95 19.12
C GLY D 176 -7.95 6.64 20.53
N ALA D 177 -7.74 5.37 20.93
CA ALA D 177 -8.11 4.95 22.28
C ALA D 177 -7.36 5.74 23.33
N ARG D 178 -6.13 6.16 23.04
CA ARG D 178 -5.34 6.93 23.98
C ARG D 178 -4.42 7.85 23.20
N ALA D 179 -3.82 8.81 23.91
CA ALA D 179 -2.86 9.71 23.29
C ALA D 179 -1.59 8.95 22.92
N THR D 180 -1.05 9.26 21.75
CA THR D 180 0.16 8.62 21.27
C THR D 180 1.38 9.47 21.63
N ALA D 181 2.57 8.87 21.43
CA ALA D 181 3.81 9.57 21.74
C ALA D 181 3.96 10.83 20.90
N ASP D 182 3.75 10.72 19.59
CA ASP D 182 3.90 11.87 18.71
C ASP D 182 2.92 12.98 19.08
N GLN D 183 1.69 12.62 19.42
CA GLN D 183 0.70 13.63 19.80
C GLN D 183 1.15 14.37 21.06
N ILE D 184 1.48 13.63 22.12
CA ILE D 184 1.98 14.26 23.34
C ILE D 184 3.24 15.06 23.05
N GLY D 185 4.07 14.56 22.14
CA GLY D 185 5.32 15.25 21.84
C GLY D 185 5.10 16.67 21.33
N THR D 186 4.26 16.82 20.31
CA THR D 186 3.99 18.16 19.79
C THR D 186 3.07 18.95 20.71
N GLN D 187 2.11 18.28 21.35
CA GLN D 187 1.17 18.99 22.21
C GLN D 187 1.87 19.54 23.46
N THR D 188 2.77 18.76 24.06
CA THR D 188 3.52 19.27 25.19
C THR D 188 4.45 20.40 24.78
N THR D 189 4.99 20.36 23.56
CA THR D 189 5.83 21.45 23.09
C THR D 189 5.01 22.67 22.71
N GLN D 190 3.80 22.46 22.18
CA GLN D 190 2.91 23.58 21.96
C GLN D 190 2.59 24.29 23.27
N ILE D 191 2.39 23.52 24.35
CA ILE D 191 2.20 24.12 25.66
C ILE D 191 3.46 24.87 26.09
N ALA D 192 4.64 24.27 25.86
CA ALA D 192 5.88 24.91 26.27
C ALA D 192 6.07 26.25 25.57
N ALA D 193 5.73 26.31 24.28
CA ALA D 193 5.87 27.58 23.55
C ALA D 193 5.00 28.66 24.19
N ILE D 194 3.80 28.31 24.63
CA ILE D 194 2.94 29.29 25.27
C ILE D 194 3.52 29.73 26.61
N LYS D 195 4.04 28.79 27.39
CA LYS D 195 4.61 29.14 28.69
C LYS D 195 5.93 29.88 28.54
N ALA D 196 6.67 29.63 27.45
CA ALA D 196 7.91 30.36 27.22
C ALA D 196 7.66 31.83 26.93
N ASP D 197 6.46 32.18 26.49
CA ASP D 197 6.15 33.58 26.20
C ASP D 197 6.34 34.42 27.45
N PRO D 198 7.09 35.51 27.40
CA PRO D 198 7.30 36.32 28.60
C PRO D 198 6.02 36.86 29.21
N ASP D 199 4.98 37.06 28.40
CA ASP D 199 3.72 37.60 28.88
C ASP D 199 2.77 36.53 29.43
N TRP D 200 3.18 35.26 29.40
CA TRP D 200 2.35 34.20 29.98
C TRP D 200 2.04 34.50 31.44
N GLN D 201 3.00 35.06 32.17
CA GLN D 201 2.81 35.48 33.56
C GLN D 201 2.29 34.32 34.41
N SER D 202 2.94 33.17 34.27
CA SER D 202 2.66 31.97 35.05
C SER D 202 1.21 31.52 34.95
N GLY D 203 0.44 32.06 34.00
CA GLY D 203 -0.94 31.67 33.80
C GLY D 203 -1.95 32.70 34.25
N ASP D 204 -1.55 33.69 35.02
CA ASP D 204 -2.47 34.71 35.56
C ASP D 204 -2.38 36.01 34.78
N TYR D 205 -2.18 35.93 33.46
CA TYR D 205 -2.10 37.11 32.61
C TYR D 205 -3.45 37.78 32.40
N HIS D 206 -4.55 37.11 32.74
CA HIS D 206 -5.87 37.58 32.36
C HIS D 206 -6.14 38.98 32.89
N GLU D 207 -6.73 39.82 32.04
CA GLU D 207 -7.03 41.22 32.34
C GLU D 207 -5.89 41.87 33.13
N THR D 208 -4.67 41.70 32.63
CA THR D 208 -3.51 42.41 33.14
C THR D 208 -2.95 43.40 32.12
N GLY D 209 -3.56 43.51 30.95
CA GLY D 209 -3.12 44.44 29.93
C GLY D 209 -2.23 43.83 28.87
N ARG D 210 -1.77 42.60 29.05
CA ARG D 210 -0.88 41.96 28.09
C ARG D 210 -1.04 40.45 28.21
N ALA D 211 -0.77 39.75 27.10
CA ALA D 211 -1.06 38.34 26.99
C ALA D 211 0.02 37.65 26.19
N PRO D 212 0.10 36.31 26.26
CA PRO D 212 1.11 35.54 25.51
C PRO D 212 0.72 35.35 24.05
N ASP D 213 0.52 36.46 23.35
CA ASP D 213 0.09 36.40 21.96
C ASP D 213 1.14 35.74 21.07
N ALA D 214 2.42 35.97 21.36
CA ALA D 214 3.47 35.39 20.53
C ALA D 214 3.52 33.87 20.68
N GLY D 215 3.44 33.37 21.92
CA GLY D 215 3.51 31.93 22.12
C GLY D 215 2.32 31.19 21.54
N LEU D 216 1.11 31.70 21.81
CA LEU D 216 -0.09 31.07 21.26
C LEU D 216 -0.04 31.00 19.74
N ARG D 217 0.65 31.94 19.09
CA ARG D 217 0.76 31.91 17.64
C ARG D 217 1.68 30.78 17.18
N LEU D 218 2.78 30.54 17.89
CA LEU D 218 3.67 29.45 17.53
C LEU D 218 2.99 28.10 17.71
N ALA D 219 2.35 27.90 18.86
CA ALA D 219 1.65 26.64 19.11
C ALA D 219 0.60 26.39 18.03
N ARG D 220 -0.19 27.41 17.70
CA ARG D 220 -1.25 27.24 16.70
C ARG D 220 -0.67 26.94 15.32
N ARG D 221 0.48 27.53 14.99
CA ARG D 221 1.08 27.28 13.69
C ARG D 221 1.53 25.84 13.55
N PHE D 222 2.26 25.32 14.55
CA PHE D 222 2.70 23.94 14.50
C PHE D 222 1.51 22.99 14.51
N ALA D 223 0.51 23.26 15.36
CA ALA D 223 -0.67 22.40 15.39
C ALA D 223 -1.37 22.37 14.04
N HIS D 224 -1.47 23.53 13.39
CA HIS D 224 -2.12 23.57 12.08
C HIS D 224 -1.43 22.65 11.09
N LEU D 225 -0.10 22.59 11.15
CA LEU D 225 0.64 21.71 10.25
C LEU D 225 0.24 20.25 10.45
N THR D 226 0.04 19.83 11.71
CA THR D 226 -0.38 18.46 11.98
C THR D 226 -1.81 18.18 11.54
N TYR D 227 -2.60 19.22 11.26
CA TYR D 227 -3.98 19.05 10.82
C TYR D 227 -4.11 18.86 9.31
N ARG D 228 -3.06 19.15 8.55
CA ARG D 228 -3.14 19.17 7.10
C ARG D 228 -2.50 17.93 6.48
N GLY D 229 -2.69 17.79 5.17
CA GLY D 229 -2.04 16.73 4.41
C GLY D 229 -0.81 17.26 3.71
N GLU D 230 0.27 16.47 3.78
CA GLU D 230 1.54 16.91 3.20
C GLU D 230 1.39 17.31 1.74
N ILE D 231 0.84 16.41 0.92
CA ILE D 231 0.71 16.69 -0.51
C ILE D 231 -0.23 17.86 -0.76
N GLU D 232 -1.33 17.94 0.00
CA GLU D 232 -2.14 19.16 0.06
C GLU D 232 -1.29 20.42 0.06
N LEU D 233 -0.54 20.61 1.15
CA LEU D 233 0.16 21.87 1.37
C LEU D 233 1.08 22.20 0.20
N ASP D 234 1.85 21.21 -0.25
CA ASP D 234 2.75 21.45 -1.37
C ASP D 234 1.97 21.88 -2.61
N THR D 235 0.84 21.22 -2.88
CA THR D 235 0.06 21.57 -4.06
C THR D 235 -0.47 23.00 -3.98
N ARG D 236 -0.86 23.44 -2.79
CA ARG D 236 -1.46 24.77 -2.64
C ARG D 236 -0.41 25.86 -2.62
N PHE D 237 0.63 25.71 -1.80
CA PHE D 237 1.61 26.77 -1.59
C PHE D 237 2.98 26.46 -2.18
N ALA D 238 3.38 25.19 -2.25
CA ALA D 238 4.71 24.82 -2.70
C ALA D 238 5.76 25.66 -1.98
N ASN D 239 6.82 26.06 -2.69
CA ASN D 239 7.83 26.96 -2.16
C ASN D 239 7.71 28.36 -2.76
N HIS D 240 6.51 28.73 -3.18
CA HIS D 240 6.28 30.03 -3.80
C HIS D 240 6.42 31.15 -2.77
N ASN D 241 6.86 32.30 -3.25
CA ASN D 241 6.92 33.48 -2.41
C ASN D 241 5.51 34.05 -2.18
N GLN D 242 5.36 34.77 -1.09
CA GLN D 242 4.10 35.45 -0.79
C GLN D 242 4.05 36.74 -1.61
N GLY D 243 3.34 36.69 -2.73
CA GLY D 243 3.22 37.87 -3.56
C GLY D 243 4.57 38.29 -4.11
N ASN D 244 4.85 39.59 -4.01
CA ASN D 244 6.08 40.17 -4.53
C ASN D 244 7.23 40.11 -3.52
N GLU D 245 7.01 39.56 -2.34
CA GLU D 245 8.08 39.46 -1.35
C GLU D 245 9.15 38.49 -1.81
N ASP D 246 10.39 38.77 -1.39
CA ASP D 246 11.53 37.92 -1.73
C ASP D 246 12.06 37.27 -0.46
N PRO D 247 11.86 35.95 -0.28
CA PRO D 247 12.36 35.30 0.94
C PRO D 247 13.87 35.39 1.11
N THR D 248 14.62 35.47 0.01
CA THR D 248 16.07 35.57 0.09
C THR D 248 16.54 36.96 0.51
N ALA D 249 15.62 37.91 0.72
CA ALA D 249 15.97 39.25 1.17
C ALA D 249 15.11 39.65 2.37
N GLY D 250 14.65 38.68 3.13
CA GLY D 250 13.83 38.93 4.30
C GLY D 250 12.33 38.83 4.09
N GLY D 251 11.90 38.46 2.89
CA GLY D 251 10.48 38.30 2.62
C GLY D 251 9.93 37.04 3.26
N ARG D 252 8.72 36.69 2.84
CA ARG D 252 8.00 35.54 3.37
C ARG D 252 7.62 34.59 2.25
N TYR D 253 7.58 33.30 2.57
CA TYR D 253 7.01 32.32 1.66
C TYR D 253 5.49 32.31 1.78
N ALA D 254 4.83 31.79 0.75
CA ALA D 254 3.38 31.76 0.75
C ALA D 254 2.84 30.94 1.92
N VAL D 255 3.39 29.73 2.12
CA VAL D 255 2.94 28.89 3.23
C VAL D 255 3.19 29.59 4.56
N GLN D 256 4.29 30.33 4.66
CA GLN D 256 4.58 31.07 5.89
C GLN D 256 3.54 32.14 6.16
N SER D 257 3.29 32.99 5.17
CA SER D 257 2.27 34.03 5.32
C SER D 257 0.92 33.42 5.70
N TYR D 258 0.58 32.27 5.12
CA TYR D 258 -0.69 31.63 5.46
C TYR D 258 -0.72 31.20 6.91
N LEU D 259 0.37 30.60 7.41
CA LEU D 259 0.42 30.18 8.80
C LEU D 259 0.33 31.39 9.74
N GLU D 260 1.01 32.49 9.38
CA GLU D 260 0.92 33.70 10.20
C GLU D 260 -0.52 34.16 10.34
N HIS D 261 -1.29 34.09 9.25
CA HIS D 261 -2.69 34.49 9.33
C HIS D 261 -3.51 33.51 10.17
N GLN D 262 -3.20 32.22 10.07
CA GLN D 262 -3.92 31.24 10.88
C GLN D 262 -3.72 31.51 12.37
N GLY D 263 -2.50 31.85 12.77
CA GLY D 263 -2.27 32.23 14.15
C GLY D 263 -3.01 33.49 14.55
N ASP D 264 -3.09 34.46 13.64
CA ASP D 264 -3.81 35.70 13.93
C ASP D 264 -5.31 35.46 14.09
N LYS D 265 -5.86 34.48 13.37
CA LYS D 265 -7.29 34.21 13.48
C LYS D 265 -7.64 33.63 14.84
N LEU D 266 -6.84 32.68 15.34
CA LEU D 266 -7.11 32.07 16.63
C LEU D 266 -7.00 33.09 17.76
N LEU D 267 -5.98 33.95 17.71
CA LEU D 267 -5.76 34.91 18.79
C LEU D 267 -6.99 35.78 19.02
N SER D 268 -7.66 36.19 17.95
CA SER D 268 -8.82 37.07 18.06
C SER D 268 -10.08 36.35 18.54
N ARG D 269 -10.01 35.07 18.85
CA ARG D 269 -11.20 34.36 19.29
C ARG D 269 -10.93 33.27 20.33
N PHE D 270 -9.68 33.00 20.68
CA PHE D 270 -9.36 31.93 21.62
C PHE D 270 -8.40 32.45 22.69
N ASP D 271 -8.54 31.90 23.88
CA ASP D 271 -7.75 32.30 25.04
C ASP D 271 -6.63 31.31 25.28
N ALA D 272 -5.43 31.83 25.55
CA ALA D 272 -4.27 30.96 25.77
C ALA D 272 -4.51 30.02 26.95
N GLY D 273 -5.21 30.49 27.98
CA GLY D 273 -5.47 29.63 29.12
C GLY D 273 -6.22 28.37 28.74
N SER D 274 -7.30 28.52 27.97
CA SER D 274 -8.05 27.35 27.52
C SER D 274 -7.19 26.44 26.64
N TYR D 275 -6.38 27.03 25.76
CA TYR D 275 -5.52 26.24 24.90
C TYR D 275 -4.65 25.30 25.71
N VAL D 276 -4.02 25.81 26.77
CA VAL D 276 -3.15 24.99 27.59
C VAL D 276 -3.95 23.94 28.35
N ILE D 277 -5.10 24.34 28.91
CA ILE D 277 -5.90 23.40 29.70
C ILE D 277 -6.49 22.31 28.80
N LEU D 278 -7.04 22.71 27.65
CA LEU D 278 -7.66 21.74 26.76
C LEU D 278 -6.61 20.82 26.13
N THR D 279 -5.39 21.31 25.91
CA THR D 279 -4.33 20.44 25.40
C THR D 279 -3.89 19.43 26.45
N GLU D 280 -3.77 19.87 27.70
CA GLU D 280 -3.41 18.94 28.77
C GLU D 280 -4.45 17.82 28.89
N ALA D 281 -5.72 18.15 28.68
CA ALA D 281 -6.76 17.12 28.68
C ALA D 281 -6.51 16.10 27.57
N LEU D 282 -6.09 16.57 26.40
CA LEU D 282 -5.79 15.64 25.31
C LEU D 282 -4.61 14.73 25.65
N ASN D 283 -3.62 15.25 26.40
CA ASN D 283 -2.47 14.43 26.75
C ASN D 283 -2.82 13.35 27.76
N SER D 284 -3.81 13.60 28.60
CA SER D 284 -4.24 12.61 29.60
C SER D 284 -5.24 11.60 29.05
N HIS D 285 -5.62 11.72 27.77
CA HIS D 285 -6.64 10.85 27.20
C HIS D 285 -6.16 9.40 27.20
N ASP D 286 -6.88 8.55 27.93
CA ASP D 286 -6.56 7.12 27.99
C ASP D 286 -7.80 6.39 28.49
N VAL D 287 -8.56 5.80 27.56
CA VAL D 287 -9.80 5.12 27.90
C VAL D 287 -9.59 3.89 28.76
N GLY D 288 -8.36 3.39 28.86
CA GLY D 288 -8.07 2.21 29.65
C GLY D 288 -7.65 2.47 31.08
N ARG D 289 -7.37 3.72 31.43
CA ARG D 289 -6.91 4.04 32.77
C ARG D 289 -7.95 3.64 33.80
N GLY D 290 -7.49 2.97 34.86
CA GLY D 290 -8.37 2.54 35.93
C GLY D 290 -9.43 1.55 35.48
N ARG D 291 -9.25 0.97 34.30
CA ARG D 291 -10.21 0.02 33.75
C ARG D 291 -9.58 -1.28 33.28
N GLY D 292 -8.26 -1.45 33.44
CA GLY D 292 -7.58 -2.63 33.00
C GLY D 292 -6.85 -2.52 31.68
N GLY D 293 -6.82 -1.34 31.08
CA GLY D 293 -6.13 -1.15 29.82
C GLY D 293 -7.10 -0.89 28.67
N VAL D 294 -6.54 -0.37 27.58
CA VAL D 294 -7.36 -0.01 26.43
C VAL D 294 -8.15 -1.22 25.94
N SER D 295 -7.47 -2.37 25.80
CA SER D 295 -8.14 -3.57 25.31
C SER D 295 -9.29 -3.97 26.22
N ALA D 296 -9.06 -3.98 27.53
CA ALA D 296 -10.11 -4.40 28.46
C ALA D 296 -11.30 -3.46 28.41
N ALA D 297 -11.05 -2.15 28.48
CA ALA D 297 -12.16 -1.19 28.52
C ALA D 297 -12.99 -1.25 27.25
N LEU D 298 -12.34 -1.26 26.09
CA LEU D 298 -13.06 -1.25 24.82
C LEU D 298 -13.84 -2.53 24.62
N ARG D 299 -13.19 -3.69 24.82
CA ARG D 299 -13.87 -4.96 24.61
C ARG D 299 -15.13 -5.09 25.46
N ALA D 300 -15.19 -4.38 26.57
CA ALA D 300 -16.34 -4.45 27.48
C ALA D 300 -17.41 -3.42 27.17
N CYS D 301 -17.30 -2.72 26.03
CA CYS D 301 -18.28 -1.70 25.67
C CYS D 301 -19.20 -2.22 24.57
N PRO D 302 -20.48 -2.45 24.84
CA PRO D 302 -21.38 -3.00 23.83
C PRO D 302 -22.15 -1.97 23.02
N VAL D 303 -21.87 -0.67 23.22
CA VAL D 303 -22.59 0.39 22.51
C VAL D 303 -22.26 0.32 21.02
N PRO D 304 -23.26 0.18 20.14
CA PRO D 304 -22.98 0.26 18.70
C PRO D 304 -22.30 1.58 18.36
N VAL D 305 -21.16 1.48 17.67
CA VAL D 305 -20.35 2.63 17.35
C VAL D 305 -19.91 2.57 15.90
N VAL D 306 -19.99 3.70 15.21
CA VAL D 306 -19.41 3.87 13.89
C VAL D 306 -18.06 4.57 14.07
N VAL D 307 -17.02 4.02 13.45
CA VAL D 307 -15.67 4.55 13.57
C VAL D 307 -15.16 4.89 12.17
N GLY D 308 -14.58 6.08 12.03
CA GLY D 308 -14.03 6.50 10.76
C GLY D 308 -12.68 7.15 10.95
N GLY D 309 -11.84 7.01 9.94
CA GLY D 309 -10.52 7.60 9.97
C GLY D 309 -10.16 8.18 8.61
N ILE D 310 -9.33 9.22 8.64
CA ILE D 310 -8.86 9.87 7.42
C ILE D 310 -7.56 9.19 6.99
N THR D 311 -7.47 8.87 5.68
CA THR D 311 -6.30 8.16 5.18
C THR D 311 -5.03 8.98 5.33
N SER D 312 -5.13 10.30 5.15
CA SER D 312 -3.97 11.18 5.17
C SER D 312 -3.76 11.86 6.52
N ASP D 313 -4.51 11.48 7.54
CA ASP D 313 -4.37 12.10 8.85
C ASP D 313 -2.96 11.89 9.39
N ARG D 314 -2.30 13.00 9.73
CA ARG D 314 -0.93 12.94 10.24
C ARG D 314 -0.84 13.09 11.75
N LEU D 315 -1.90 13.58 12.40
CA LEU D 315 -1.95 13.68 13.86
C LEU D 315 -2.62 12.47 14.50
N TYR D 316 -3.66 11.93 13.87
CA TYR D 316 -4.37 10.73 14.32
C TYR D 316 -4.31 9.72 13.18
N PRO D 317 -3.19 9.04 13.00
CA PRO D 317 -3.05 8.13 11.85
C PRO D 317 -4.13 7.05 11.84
N LEU D 318 -4.38 6.52 10.64
CA LEU D 318 -5.47 5.57 10.45
C LEU D 318 -5.35 4.36 11.38
N ARG D 319 -4.13 3.93 11.69
CA ARG D 319 -3.96 2.79 12.58
C ARG D 319 -4.69 2.98 13.89
N LEU D 320 -4.76 4.22 14.39
CA LEU D 320 -5.44 4.49 15.65
C LEU D 320 -6.93 4.15 15.54
N GLN D 321 -7.57 4.57 14.45
CA GLN D 321 -8.98 4.25 14.27
C GLN D 321 -9.18 2.77 13.97
N GLN D 322 -8.22 2.13 13.30
CA GLN D 322 -8.31 0.70 13.07
C GLN D 322 -8.34 -0.07 14.38
N GLU D 323 -7.50 0.34 15.33
CA GLU D 323 -7.47 -0.33 16.63
C GLU D 323 -8.78 -0.18 17.37
N LEU D 324 -9.36 1.03 17.34
CA LEU D 324 -10.66 1.24 17.97
C LEU D 324 -11.71 0.31 17.38
N ALA D 325 -11.68 0.11 16.06
CA ALA D 325 -12.67 -0.76 15.42
C ALA D 325 -12.40 -2.23 15.71
N ASP D 326 -11.16 -2.60 16.00
CA ASP D 326 -10.84 -3.99 16.27
C ASP D 326 -11.33 -4.43 17.66
N LEU D 327 -11.33 -3.52 18.63
CA LEU D 327 -11.63 -3.87 20.01
C LEU D 327 -13.06 -3.56 20.43
N LEU D 328 -13.74 -2.66 19.72
CA LEU D 328 -15.13 -2.34 20.08
C LEU D 328 -16.07 -3.36 19.44
N PRO D 329 -16.66 -4.25 20.23
CA PRO D 329 -17.58 -5.24 19.65
C PRO D 329 -18.81 -4.63 19.02
N GLY D 330 -19.11 -3.38 19.32
CA GLY D 330 -20.21 -2.67 18.71
C GLY D 330 -19.88 -1.97 17.42
N CYS D 331 -18.67 -2.13 16.92
CA CYS D 331 -18.24 -1.56 15.65
C CYS D 331 -18.17 -2.68 14.61
N ALA D 332 -18.91 -2.53 13.52
CA ALA D 332 -18.91 -3.55 12.48
C ALA D 332 -17.61 -3.56 11.69
N GLY D 333 -16.92 -2.43 11.61
CA GLY D 333 -15.69 -2.33 10.87
C GLY D 333 -15.27 -0.89 10.62
N LEU D 334 -13.97 -0.68 10.42
CA LEU D 334 -13.47 0.67 10.22
C LEU D 334 -13.95 1.23 8.88
N ARG D 335 -14.55 2.41 8.93
CA ARG D 335 -14.91 3.15 7.72
C ARG D 335 -13.75 4.06 7.36
N VAL D 336 -13.18 3.87 6.17
CA VAL D 336 -12.02 4.63 5.74
C VAL D 336 -12.53 5.83 4.93
N VAL D 337 -12.54 6.99 5.56
CA VAL D 337 -12.80 8.25 4.84
C VAL D 337 -11.52 8.63 4.12
N GLU D 338 -11.53 8.53 2.79
CA GLU D 338 -10.33 8.70 1.97
C GLU D 338 -10.26 10.16 1.56
N SER D 339 -9.32 10.91 2.15
CA SER D 339 -9.24 12.35 1.92
C SER D 339 -7.80 12.77 1.76
N VAL D 340 -7.62 13.98 1.23
CA VAL D 340 -6.29 14.57 1.04
C VAL D 340 -6.01 15.71 1.99
N TYR D 341 -7.00 16.15 2.77
CA TYR D 341 -6.84 17.29 3.66
C TYR D 341 -6.41 16.90 5.06
N GLY D 342 -5.95 15.66 5.26
CA GLY D 342 -5.41 15.27 6.54
C GLY D 342 -6.48 15.23 7.63
N HIS D 343 -6.05 15.57 8.84
CA HIS D 343 -6.93 15.50 10.00
C HIS D 343 -8.16 16.39 9.82
N ASP D 344 -8.01 17.54 9.14
CA ASP D 344 -9.14 18.42 8.89
C ASP D 344 -10.16 17.81 7.93
N GLY D 345 -9.93 16.59 7.44
CA GLY D 345 -10.85 16.00 6.49
C GLY D 345 -12.21 15.73 7.08
N PHE D 346 -12.26 15.30 8.34
CA PHE D 346 -13.54 14.98 8.96
C PHE D 346 -14.46 16.20 9.04
N LEU D 347 -13.94 17.40 8.80
CA LEU D 347 -14.77 18.59 8.70
C LEU D 347 -15.04 19.02 7.26
N VAL D 348 -14.22 18.57 6.31
CA VAL D 348 -14.33 19.01 4.92
C VAL D 348 -15.18 18.05 4.11
N GLU D 349 -14.90 16.74 4.19
CA GLU D 349 -15.62 15.74 3.41
C GLU D 349 -17.07 15.67 3.90
N THR D 350 -17.87 16.60 3.39
CA THR D 350 -19.26 16.71 3.84
C THR D 350 -20.02 15.40 3.60
N GLU D 351 -20.09 14.96 2.35
CA GLU D 351 -20.89 13.79 2.02
C GLU D 351 -20.36 12.54 2.73
N ALA D 352 -19.04 12.33 2.68
CA ALA D 352 -18.46 11.13 3.28
C ALA D 352 -18.81 11.04 4.76
N VAL D 353 -18.47 12.09 5.53
CA VAL D 353 -18.76 12.06 6.96
C VAL D 353 -20.26 12.12 7.20
N GLY D 354 -21.02 12.78 6.32
CA GLY D 354 -22.46 12.81 6.47
C GLY D 354 -23.08 11.43 6.40
N GLU D 355 -22.47 10.51 5.67
CA GLU D 355 -22.98 9.14 5.62
C GLU D 355 -22.72 8.41 6.93
N LEU D 356 -21.56 8.67 7.54
CA LEU D 356 -21.27 8.07 8.83
C LEU D 356 -22.22 8.58 9.91
N ILE D 357 -22.53 9.86 9.89
CA ILE D 357 -23.49 10.41 10.85
C ILE D 357 -24.85 9.77 10.67
N ARG D 358 -25.28 9.57 9.42
CA ARG D 358 -26.57 8.95 9.18
C ARG D 358 -26.56 7.48 9.58
N GLN D 359 -25.43 6.80 9.39
CA GLN D 359 -25.30 5.43 9.89
C GLN D 359 -25.43 5.38 11.40
N THR D 360 -24.80 6.33 12.10
CA THR D 360 -24.89 6.37 13.55
C THR D 360 -26.34 6.57 14.00
N LEU D 361 -26.99 7.62 13.49
CA LEU D 361 -28.39 7.85 13.84
C LEU D 361 -29.27 6.70 13.40
N GLY D 362 -28.88 5.98 12.35
CA GLY D 362 -29.61 4.78 11.97
C GLY D 362 -29.57 3.72 13.06
N LEU D 363 -28.44 3.61 13.75
CA LEU D 363 -28.35 2.69 14.89
C LEU D 363 -29.10 3.24 16.09
N ALA D 364 -29.04 4.56 16.29
CA ALA D 364 -29.66 5.18 17.47
C ALA D 364 -31.13 4.79 17.59
N ASP D 365 -31.90 5.09 16.54
CA ASP D 365 -33.37 4.80 16.59
C ASP D 365 -33.58 3.27 16.65
N ARG D 366 -32.62 2.48 16.17
CA ARG D 366 -32.82 1.03 16.16
C ARG D 366 -32.81 0.44 17.57
N GLU D 367 -32.16 1.12 18.51
CA GLU D 367 -32.09 0.65 19.89
C GLU D 367 -33.26 1.17 20.72
N THR E 1 -49.21 -33.26 24.06
CA THR E 1 -48.29 -33.99 24.93
C THR E 1 -46.99 -33.22 25.11
N GLN E 2 -46.23 -33.08 24.02
CA GLN E 2 -44.94 -32.41 24.04
C GLN E 2 -45.08 -31.01 23.45
N THR E 3 -44.54 -30.01 24.16
CA THR E 3 -44.61 -28.63 23.71
C THR E 3 -43.28 -27.95 23.99
N LEU E 4 -43.05 -26.84 23.30
CA LEU E 4 -41.86 -26.04 23.54
C LEU E 4 -41.84 -25.60 25.01
N PRO E 5 -40.67 -25.59 25.65
CA PRO E 5 -40.60 -25.15 27.04
C PRO E 5 -40.85 -23.65 27.17
N ALA E 6 -41.04 -23.21 28.40
CA ALA E 6 -41.18 -21.79 28.66
C ALA E 6 -39.90 -21.06 28.25
N GLU E 7 -40.04 -19.76 28.00
CA GLU E 7 -38.90 -18.97 27.56
C GLU E 7 -37.77 -19.05 28.58
N GLY E 8 -36.58 -19.43 28.11
CA GLY E 8 -35.40 -19.51 28.93
C GLY E 8 -35.23 -20.82 29.68
N GLU E 9 -36.29 -21.61 29.83
CA GLU E 9 -36.22 -22.87 30.55
C GLU E 9 -35.77 -24.00 29.63
N ILE E 10 -35.24 -25.06 30.23
CA ILE E 10 -34.72 -26.20 29.48
C ILE E 10 -35.85 -27.19 29.25
N GLY E 11 -35.94 -27.70 28.03
CA GLY E 11 -36.95 -28.67 27.66
C GLY E 11 -36.32 -29.92 27.07
N LEU E 12 -36.99 -31.05 27.26
CA LEU E 12 -36.52 -32.34 26.76
C LEU E 12 -37.57 -32.92 25.83
N ILE E 13 -37.21 -33.07 24.56
CA ILE E 13 -38.11 -33.62 23.55
C ILE E 13 -37.67 -35.04 23.23
N ASP E 14 -38.65 -35.92 23.06
CA ASP E 14 -38.41 -37.31 22.70
C ASP E 14 -38.74 -37.50 21.22
N VAL E 15 -37.73 -37.84 20.42
CA VAL E 15 -37.92 -38.12 19.01
C VAL E 15 -37.88 -39.60 18.69
N GLY E 16 -37.66 -40.45 19.69
CA GLY E 16 -37.73 -41.90 19.50
C GLY E 16 -36.39 -42.47 19.06
N SER E 17 -36.38 -43.10 17.89
CA SER E 17 -35.20 -43.75 17.36
C SER E 17 -34.78 -43.10 16.05
N LEU E 18 -33.48 -43.13 15.79
CA LEU E 18 -32.90 -42.52 14.60
C LEU E 18 -32.09 -43.56 13.84
N GLN E 19 -32.30 -43.62 12.54
CA GLN E 19 -31.44 -44.48 11.69
C GLN E 19 -30.33 -43.58 11.15
N LEU E 20 -29.11 -43.86 11.58
CA LEU E 20 -27.97 -43.04 11.21
C LEU E 20 -27.55 -43.30 9.76
N GLU E 21 -26.87 -42.32 9.17
CA GLU E 21 -26.40 -42.43 7.80
C GLU E 21 -25.53 -43.67 7.61
N SER E 22 -24.84 -44.10 8.66
CA SER E 22 -24.01 -45.30 8.60
C SER E 22 -24.81 -46.58 8.75
N GLY E 23 -26.14 -46.51 8.79
CA GLY E 23 -26.97 -47.67 8.99
C GLY E 23 -27.19 -48.07 10.44
N ALA E 24 -26.46 -47.47 11.37
CA ALA E 24 -26.65 -47.77 12.78
C ALA E 24 -27.94 -47.11 13.28
N VAL E 25 -28.34 -47.48 14.49
CA VAL E 25 -29.58 -47.00 15.09
C VAL E 25 -29.31 -46.59 16.53
N ILE E 26 -29.80 -45.42 16.91
CA ILE E 26 -29.74 -44.92 18.28
C ILE E 26 -31.14 -44.98 18.86
N ASP E 27 -31.25 -45.52 20.07
CA ASP E 27 -32.53 -45.71 20.73
C ASP E 27 -32.73 -44.67 21.82
N ASP E 28 -33.99 -44.25 22.00
CA ASP E 28 -34.38 -43.32 23.05
C ASP E 28 -33.56 -42.03 22.96
N VAL E 29 -33.62 -41.41 21.80
CA VAL E 29 -32.89 -40.17 21.54
C VAL E 29 -33.73 -38.99 22.03
N CYS E 30 -33.22 -38.27 23.02
CA CYS E 30 -33.86 -37.08 23.55
C CYS E 30 -33.01 -35.85 23.22
N ILE E 31 -33.67 -34.78 22.80
CA ILE E 31 -33.00 -33.55 22.38
C ILE E 31 -33.40 -32.44 23.33
N ALA E 32 -32.43 -31.92 24.07
CA ALA E 32 -32.65 -30.74 24.88
C ALA E 32 -32.90 -29.52 23.99
N VAL E 33 -33.71 -28.59 24.47
CA VAL E 33 -34.12 -27.44 23.67
C VAL E 33 -34.45 -26.28 24.59
N GLN E 34 -34.08 -25.08 24.14
CA GLN E 34 -34.44 -23.84 24.81
C GLN E 34 -35.04 -22.89 23.79
N ARG E 35 -36.03 -22.11 24.23
CA ARG E 35 -36.81 -21.27 23.34
C ARG E 35 -36.77 -19.81 23.81
N TRP E 36 -36.91 -18.90 22.85
CA TRP E 36 -36.97 -17.46 23.13
C TRP E 36 -37.93 -16.83 22.13
N GLY E 37 -38.95 -16.14 22.64
CA GLY E 37 -39.99 -15.60 21.81
C GLY E 37 -41.17 -16.56 21.68
N LYS E 38 -42.28 -16.03 21.19
CA LYS E 38 -43.51 -16.79 21.09
C LYS E 38 -43.66 -17.43 19.72
N LEU E 39 -44.11 -18.68 19.70
CA LEU E 39 -44.36 -19.39 18.45
C LEU E 39 -45.66 -18.91 17.83
N SER E 40 -45.58 -18.50 16.56
CA SER E 40 -46.74 -17.96 15.89
C SER E 40 -47.83 -19.01 15.74
N PRO E 41 -49.07 -18.59 15.48
CA PRO E 41 -50.15 -19.57 15.28
C PRO E 41 -49.84 -20.57 14.17
N ALA E 42 -49.27 -20.11 13.06
CA ALA E 42 -48.91 -20.99 11.97
C ALA E 42 -47.56 -21.66 12.15
N ARG E 43 -46.84 -21.34 13.24
CA ARG E 43 -45.54 -21.94 13.52
C ARG E 43 -44.53 -21.70 12.40
N ASP E 44 -44.63 -20.55 11.74
CA ASP E 44 -43.79 -20.23 10.60
C ASP E 44 -42.72 -19.19 10.91
N ASN E 45 -42.46 -18.92 12.19
CA ASN E 45 -41.49 -17.90 12.58
C ASN E 45 -40.35 -18.48 13.40
N VAL E 46 -40.11 -19.78 13.29
CA VAL E 46 -39.06 -20.42 14.08
C VAL E 46 -37.70 -20.14 13.43
N VAL E 47 -36.77 -19.64 14.23
CA VAL E 47 -35.39 -19.42 13.82
C VAL E 47 -34.51 -20.36 14.63
N VAL E 48 -33.89 -21.32 13.95
CA VAL E 48 -33.06 -22.32 14.60
C VAL E 48 -31.64 -21.78 14.73
N VAL E 49 -31.10 -21.82 15.94
CA VAL E 49 -29.73 -21.38 16.22
C VAL E 49 -28.92 -22.62 16.58
N LEU E 50 -27.96 -22.95 15.72
CA LEU E 50 -27.18 -24.19 15.84
C LEU E 50 -25.83 -23.88 16.48
N HIS E 51 -25.61 -24.40 17.67
CA HIS E 51 -24.39 -24.10 18.41
C HIS E 51 -23.19 -24.84 17.80
N ALA E 52 -22.01 -24.48 18.28
CA ALA E 52 -20.77 -25.03 17.75
C ALA E 52 -20.35 -26.29 18.49
N LEU E 53 -19.04 -26.57 18.52
CA LEU E 53 -18.55 -27.84 19.05
C LEU E 53 -18.97 -28.03 20.51
N THR E 54 -18.59 -27.10 21.38
CA THR E 54 -18.79 -27.24 22.81
C THR E 54 -19.97 -26.43 23.33
N GLY E 55 -20.83 -25.93 22.45
CA GLY E 55 -21.99 -25.16 22.85
C GLY E 55 -23.12 -26.03 23.34
N ASP E 56 -24.20 -25.37 23.74
CA ASP E 56 -25.42 -26.05 24.19
C ASP E 56 -26.60 -25.21 23.73
N SER E 57 -27.75 -25.41 24.39
CA SER E 57 -28.95 -24.66 24.04
C SER E 57 -29.02 -23.29 24.72
N HIS E 58 -28.13 -23.00 25.66
CA HIS E 58 -28.12 -21.72 26.36
C HIS E 58 -27.43 -20.69 25.48
N ILE E 59 -28.18 -20.18 24.50
CA ILE E 59 -27.61 -19.24 23.54
C ILE E 59 -27.53 -17.84 24.13
N THR E 60 -28.52 -17.45 24.92
CA THR E 60 -28.55 -16.12 25.50
C THR E 60 -29.00 -16.21 26.95
N GLY E 61 -28.58 -15.23 27.74
CA GLY E 61 -28.95 -15.19 29.15
C GLY E 61 -27.74 -15.25 30.06
N PRO E 62 -27.91 -14.85 31.31
CA PRO E 62 -26.80 -14.86 32.26
C PRO E 62 -26.55 -16.26 32.80
N ALA E 63 -25.41 -16.41 33.47
CA ALA E 63 -25.03 -17.67 34.08
C ALA E 63 -25.59 -17.76 35.50
N GLY E 64 -25.69 -18.99 35.99
CA GLY E 64 -26.20 -19.25 37.32
C GLY E 64 -26.52 -20.71 37.53
N PRO E 65 -27.25 -21.02 38.60
CA PRO E 65 -27.64 -22.41 38.87
C PRO E 65 -28.36 -23.00 37.66
N GLY E 66 -27.85 -24.13 37.19
CA GLY E 66 -28.36 -24.76 35.99
C GLY E 66 -27.73 -24.27 34.71
N HIS E 67 -26.81 -23.30 34.78
CA HIS E 67 -26.12 -22.79 33.59
C HIS E 67 -24.72 -22.35 34.01
N PRO E 68 -23.74 -23.23 33.89
CA PRO E 68 -22.37 -22.86 34.32
C PRO E 68 -21.85 -21.59 33.66
N THR E 69 -21.98 -21.48 32.33
CA THR E 69 -21.48 -20.32 31.60
C THR E 69 -22.64 -19.52 31.02
N PRO E 70 -22.45 -18.22 30.79
CA PRO E 70 -23.48 -17.43 30.12
C PRO E 70 -23.64 -17.87 28.67
N GLY E 71 -24.74 -17.44 28.07
CA GLY E 71 -25.00 -17.77 26.67
C GLY E 71 -23.85 -17.39 25.76
N TRP E 72 -23.61 -18.21 24.73
CA TRP E 72 -22.46 -17.97 23.85
C TRP E 72 -22.72 -16.81 22.88
N TRP E 73 -23.93 -16.72 22.32
CA TRP E 73 -24.45 -15.51 21.68
C TRP E 73 -25.34 -14.70 22.62
N ASP E 74 -24.83 -14.36 23.80
CA ASP E 74 -25.57 -13.51 24.72
C ASP E 74 -26.00 -12.23 24.03
N GLY E 75 -27.31 -11.98 24.05
CA GLY E 75 -27.88 -10.79 23.44
C GLY E 75 -28.36 -10.95 22.02
N VAL E 76 -28.10 -12.08 21.38
CA VAL E 76 -28.48 -12.22 19.98
C VAL E 76 -29.98 -12.42 19.84
N ALA E 77 -30.63 -12.92 20.89
CA ALA E 77 -32.08 -13.14 20.89
C ALA E 77 -32.73 -12.27 21.97
N GLY E 78 -33.85 -11.66 21.62
CA GLY E 78 -34.57 -10.80 22.52
C GLY E 78 -35.28 -9.68 21.79
N PRO E 79 -36.01 -8.84 22.52
CA PRO E 79 -36.73 -7.74 21.88
C PRO E 79 -35.77 -6.77 21.20
N GLY E 80 -36.02 -6.51 19.92
CA GLY E 80 -35.19 -5.61 19.14
C GLY E 80 -33.78 -6.10 18.89
N ALA E 81 -33.40 -7.27 19.41
CA ALA E 81 -32.08 -7.84 19.20
C ALA E 81 -31.94 -8.32 17.75
N PRO E 82 -30.78 -8.86 17.36
CA PRO E 82 -30.66 -9.39 15.99
C PRO E 82 -31.77 -10.35 15.62
N ILE E 83 -32.06 -11.32 16.47
CA ILE E 83 -33.21 -12.21 16.31
C ILE E 83 -34.33 -11.59 17.15
N ASP E 84 -35.07 -10.66 16.55
CA ASP E 84 -36.12 -9.94 17.26
C ASP E 84 -37.19 -10.90 17.78
N THR E 85 -37.18 -11.16 19.09
CA THR E 85 -38.13 -12.12 19.66
C THR E 85 -39.57 -11.58 19.65
N THR E 86 -39.76 -10.27 19.49
CA THR E 86 -41.11 -9.75 19.36
C THR E 86 -41.81 -10.28 18.12
N ARG E 87 -41.06 -10.86 17.18
CA ARG E 87 -41.64 -11.42 15.97
C ARG E 87 -41.03 -12.76 15.55
N TRP E 88 -39.90 -13.16 16.13
CA TRP E 88 -39.24 -14.42 15.79
C TRP E 88 -39.17 -15.31 17.02
N CYS E 89 -39.22 -16.62 16.77
CA CYS E 89 -39.11 -17.64 17.82
C CYS E 89 -37.74 -18.28 17.68
N ALA E 90 -36.81 -17.90 18.56
CA ALA E 90 -35.45 -18.41 18.51
C ALA E 90 -35.38 -19.73 19.26
N VAL E 91 -35.18 -20.82 18.52
CA VAL E 91 -35.11 -22.16 19.09
C VAL E 91 -33.70 -22.70 18.89
N ALA E 92 -33.10 -23.18 19.98
CA ALA E 92 -31.77 -23.77 19.95
C ALA E 92 -31.80 -25.11 20.67
N THR E 93 -31.16 -26.10 20.08
CA THR E 93 -31.12 -27.45 20.64
C THR E 93 -29.69 -27.82 21.01
N ASN E 94 -29.58 -28.78 21.92
CA ASN E 94 -28.30 -29.41 22.21
C ASN E 94 -28.06 -30.50 21.16
N VAL E 95 -26.95 -30.37 20.42
CA VAL E 95 -26.72 -31.25 19.29
C VAL E 95 -26.76 -32.72 19.73
N LEU E 96 -27.26 -33.57 18.84
CA LEU E 96 -27.22 -35.01 19.06
C LEU E 96 -25.78 -35.45 19.34
N GLY E 97 -25.60 -36.16 20.45
CA GLY E 97 -24.28 -36.57 20.87
C GLY E 97 -23.59 -35.64 21.84
N GLY E 98 -24.28 -34.61 22.32
CA GLY E 98 -23.70 -33.70 23.29
C GLY E 98 -23.72 -34.25 24.70
N CYS E 99 -23.51 -33.35 25.66
CA CYS E 99 -23.52 -33.71 27.07
C CYS E 99 -24.27 -32.67 27.91
N ARG E 100 -25.20 -31.94 27.31
CA ARG E 100 -25.97 -30.90 28.00
C ARG E 100 -27.46 -31.20 27.93
N GLY E 101 -27.83 -32.47 27.97
CA GLY E 101 -29.24 -32.85 27.97
C GLY E 101 -29.60 -33.85 26.90
N SER E 102 -28.99 -33.73 25.74
CA SER E 102 -29.31 -34.62 24.63
C SER E 102 -28.58 -35.96 24.78
N THR E 103 -29.05 -36.94 24.02
CA THR E 103 -28.47 -38.28 24.10
C THR E 103 -27.06 -38.28 23.53
N GLY E 104 -26.09 -38.65 24.36
CA GLY E 104 -24.71 -38.77 23.95
C GLY E 104 -24.02 -39.89 24.68
N PRO E 105 -22.71 -40.02 24.49
CA PRO E 105 -21.98 -41.10 25.19
C PRO E 105 -22.21 -41.10 26.68
N SER E 106 -22.47 -39.94 27.29
CA SER E 106 -22.70 -39.88 28.73
C SER E 106 -24.07 -40.43 29.12
N SER E 107 -25.03 -40.42 28.21
CA SER E 107 -26.37 -40.89 28.52
C SER E 107 -26.40 -42.40 28.73
N LEU E 108 -27.31 -42.84 29.58
CA LEU E 108 -27.44 -44.27 29.89
C LEU E 108 -28.08 -45.01 28.72
N ALA E 109 -27.50 -46.15 28.36
CA ALA E 109 -28.08 -47.00 27.33
C ALA E 109 -29.26 -47.79 27.92
N ARG E 110 -29.90 -48.60 27.08
CA ARG E 110 -31.06 -49.35 27.53
C ARG E 110 -30.70 -50.43 28.54
N ASP E 111 -29.43 -50.86 28.59
CA ASP E 111 -28.99 -51.89 29.52
C ASP E 111 -28.60 -51.32 30.88
N GLY E 112 -28.86 -50.04 31.13
CA GLY E 112 -28.54 -49.43 32.40
C GLY E 112 -27.16 -48.80 32.50
N LYS E 113 -26.30 -49.01 31.51
CA LYS E 113 -24.97 -48.43 31.49
C LYS E 113 -24.91 -47.24 30.56
N PRO E 114 -23.90 -46.39 30.71
CA PRO E 114 -23.72 -45.29 29.75
C PRO E 114 -23.29 -45.83 28.40
N TRP E 115 -23.83 -45.23 27.33
CA TRP E 115 -23.50 -45.66 25.98
C TRP E 115 -22.00 -45.90 25.83
N GLY E 116 -21.19 -44.92 26.21
CA GLY E 116 -19.75 -45.11 26.20
C GLY E 116 -19.24 -45.48 24.82
N SER E 117 -18.39 -46.50 24.76
CA SER E 117 -17.80 -46.93 23.50
C SER E 117 -18.84 -47.47 22.54
N ARG E 118 -20.01 -47.85 23.03
CA ARG E 118 -21.07 -48.39 22.18
C ARG E 118 -21.87 -47.31 21.47
N PHE E 119 -21.57 -46.04 21.72
CA PHE E 119 -22.25 -44.96 21.02
C PHE E 119 -21.82 -44.96 19.55
N PRO E 120 -22.75 -45.05 18.60
CA PRO E 120 -22.35 -45.13 17.20
C PRO E 120 -21.83 -43.80 16.67
N LEU E 121 -20.89 -43.88 15.74
CA LEU E 121 -20.37 -42.68 15.10
C LEU E 121 -21.50 -41.93 14.39
N ILE E 122 -21.45 -40.61 14.43
CA ILE E 122 -22.47 -39.76 13.85
C ILE E 122 -21.82 -38.77 12.88
N SER E 123 -22.65 -38.24 11.99
CA SER E 123 -22.22 -37.24 11.02
C SER E 123 -23.05 -35.97 11.21
N ILE E 124 -22.65 -34.92 10.47
CA ILE E 124 -23.39 -33.67 10.52
C ILE E 124 -24.84 -33.89 10.08
N ARG E 125 -25.05 -34.74 9.07
CA ARG E 125 -26.40 -35.00 8.60
C ARG E 125 -27.22 -35.74 9.65
N ASP E 126 -26.59 -36.58 10.46
CA ASP E 126 -27.30 -37.22 11.57
C ASP E 126 -27.75 -36.19 12.59
N GLN E 127 -26.87 -35.26 12.96
CA GLN E 127 -27.25 -34.20 13.89
C GLN E 127 -28.40 -33.37 13.33
N VAL E 128 -28.35 -33.05 12.04
CA VAL E 128 -29.43 -32.28 11.42
C VAL E 128 -30.73 -33.06 11.42
N GLN E 129 -30.65 -34.38 11.17
CA GLN E 129 -31.85 -35.21 11.19
C GLN E 129 -32.53 -35.16 12.54
N ALA E 130 -31.75 -35.24 13.62
CA ALA E 130 -32.34 -35.19 14.96
C ALA E 130 -33.00 -33.84 15.20
N ASP E 131 -32.37 -32.75 14.77
CA ASP E 131 -32.95 -31.43 14.96
C ASP E 131 -34.32 -31.33 14.28
N VAL E 132 -34.39 -31.70 13.01
CA VAL E 132 -35.65 -31.63 12.28
C VAL E 132 -36.71 -32.50 12.94
N ALA E 133 -36.30 -33.58 13.63
CA ALA E 133 -37.26 -34.50 14.23
C ALA E 133 -37.86 -33.91 15.50
N ALA E 134 -37.02 -33.32 16.36
CA ALA E 134 -37.52 -32.72 17.60
C ALA E 134 -38.59 -31.68 17.31
N LEU E 135 -38.28 -30.76 16.41
CA LEU E 135 -39.24 -29.75 15.97
C LEU E 135 -40.39 -30.32 15.15
N ALA E 136 -40.19 -31.47 14.49
CA ALA E 136 -41.33 -32.17 13.93
C ALA E 136 -42.23 -32.70 15.04
N ALA E 137 -41.65 -33.16 16.15
CA ALA E 137 -42.41 -33.65 17.28
C ALA E 137 -43.17 -32.56 18.02
N LEU E 138 -42.84 -31.28 17.76
CA LEU E 138 -43.54 -30.16 18.37
C LEU E 138 -44.42 -29.42 17.36
N GLY E 139 -44.78 -30.08 16.27
CA GLY E 139 -45.60 -29.46 15.25
C GLY E 139 -44.88 -28.50 14.34
N ILE E 140 -43.59 -28.27 14.54
CA ILE E 140 -42.81 -27.36 13.72
C ILE E 140 -42.26 -28.14 12.54
N THR E 141 -42.82 -27.91 11.35
CA THR E 141 -42.41 -28.59 10.14
C THR E 141 -41.43 -27.79 9.31
N GLU E 142 -41.71 -26.51 9.10
CA GLU E 142 -40.84 -25.60 8.37
C GLU E 142 -40.29 -24.55 9.31
N VAL E 143 -39.06 -24.10 9.04
CA VAL E 143 -38.43 -23.06 9.83
C VAL E 143 -38.22 -21.84 8.94
N ALA E 144 -38.14 -20.68 9.59
CA ALA E 144 -37.92 -19.43 8.85
C ALA E 144 -36.46 -19.28 8.44
N ALA E 145 -35.53 -19.71 9.29
CA ALA E 145 -34.11 -19.57 8.98
C ALA E 145 -33.30 -20.41 9.95
N VAL E 146 -32.08 -20.73 9.54
CA VAL E 146 -31.12 -21.46 10.35
C VAL E 146 -29.83 -20.64 10.39
N VAL E 147 -29.19 -20.58 11.55
CA VAL E 147 -27.99 -19.77 11.75
C VAL E 147 -27.04 -20.52 12.67
N GLY E 148 -25.75 -20.47 12.33
CA GLY E 148 -24.74 -21.11 13.15
C GLY E 148 -23.36 -20.90 12.58
N GLY E 149 -22.37 -21.11 13.44
CA GLY E 149 -20.97 -21.01 13.05
C GLY E 149 -20.17 -22.25 13.44
N MET E 151 -19.17 -25.76 13.72
CA MET E 151 -20.03 -26.93 13.63
C MET E 151 -21.47 -26.50 13.38
N GLY E 152 -21.85 -25.37 13.99
CA GLY E 152 -23.17 -24.81 13.73
C GLY E 152 -23.36 -24.41 12.29
N GLY E 153 -22.30 -23.94 11.63
CA GLY E 153 -22.39 -23.63 10.21
C GLY E 153 -22.54 -24.88 9.36
N ALA E 154 -21.78 -25.93 9.68
CA ALA E 154 -21.94 -27.20 8.99
C ALA E 154 -23.37 -27.72 9.14
N ARG E 155 -23.90 -27.69 10.36
CA ARG E 155 -25.27 -28.14 10.58
C ARG E 155 -26.26 -27.32 9.76
N ALA E 156 -26.02 -26.00 9.66
CA ALA E 156 -26.92 -25.15 8.89
C ALA E 156 -26.76 -25.39 7.39
N LEU E 157 -25.53 -25.65 6.93
CA LEU E 157 -25.32 -25.91 5.51
C LEU E 157 -26.02 -27.20 5.08
N GLU E 158 -25.89 -28.26 5.88
CA GLU E 158 -26.58 -29.50 5.58
C GLU E 158 -28.09 -29.37 5.72
N TRP E 159 -28.56 -28.38 6.48
CA TRP E 159 -29.99 -28.16 6.62
C TRP E 159 -30.59 -27.56 5.35
N VAL E 160 -29.98 -26.49 4.83
CA VAL E 160 -30.51 -25.85 3.63
C VAL E 160 -30.33 -26.74 2.41
N VAL E 161 -29.29 -27.56 2.39
CA VAL E 161 -29.05 -28.41 1.23
C VAL E 161 -29.95 -29.64 1.28
N GLY E 162 -30.07 -30.28 2.46
CA GLY E 162 -30.86 -31.49 2.58
C GLY E 162 -32.34 -31.26 2.78
N TYR E 163 -32.73 -30.07 3.24
CA TYR E 163 -34.14 -29.75 3.48
C TYR E 163 -34.46 -28.39 2.87
N PRO E 164 -34.26 -28.24 1.56
CA PRO E 164 -34.41 -26.91 0.94
C PRO E 164 -35.82 -26.35 1.01
N ASP E 165 -36.84 -27.19 1.24
CA ASP E 165 -38.21 -26.73 1.28
C ASP E 165 -38.71 -26.48 2.70
N ARG E 166 -38.00 -26.95 3.72
CA ARG E 166 -38.38 -26.73 5.10
C ARG E 166 -37.63 -25.55 5.73
N VAL E 167 -36.98 -24.72 4.92
CA VAL E 167 -36.23 -23.58 5.41
C VAL E 167 -36.26 -22.49 4.35
N ARG E 168 -36.47 -21.25 4.77
CA ARG E 168 -36.59 -20.14 3.83
C ARG E 168 -35.27 -19.40 3.63
N ALA E 169 -34.44 -19.30 4.66
CA ALA E 169 -33.15 -18.63 4.54
C ALA E 169 -32.20 -19.20 5.59
N GLY E 170 -30.92 -18.97 5.38
CA GLY E 170 -29.91 -19.48 6.29
C GLY E 170 -28.69 -18.61 6.28
N LEU E 171 -28.00 -18.58 7.43
CA LEU E 171 -26.77 -17.82 7.61
C LEU E 171 -25.65 -18.79 7.95
N LEU E 172 -24.77 -19.05 6.99
CA LEU E 172 -23.61 -19.91 7.21
C LEU E 172 -22.43 -19.04 7.62
N LEU E 173 -21.94 -19.26 8.84
CA LEU E 173 -20.95 -18.38 9.45
C LEU E 173 -19.69 -19.19 9.76
N ALA E 174 -18.58 -18.77 9.16
CA ALA E 174 -17.25 -19.35 9.44
C ALA E 174 -17.29 -20.87 9.34
N VAL E 175 -17.43 -21.33 8.09
CA VAL E 175 -17.48 -22.77 7.81
C VAL E 175 -17.07 -22.99 6.35
N GLY E 176 -16.88 -24.25 5.98
CA GLY E 176 -16.58 -24.61 4.61
C GLY E 176 -17.51 -25.71 4.12
N ALA E 177 -17.41 -25.98 2.82
CA ALA E 177 -18.23 -27.02 2.22
C ALA E 177 -17.85 -28.41 2.73
N ARG E 178 -16.63 -28.59 3.20
CA ARG E 178 -16.15 -29.89 3.64
C ARG E 178 -14.98 -29.69 4.59
N ALA E 179 -14.71 -30.73 5.38
CA ALA E 179 -13.55 -30.69 6.25
C ALA E 179 -12.28 -30.62 5.42
N THR E 180 -11.31 -29.84 5.91
CA THR E 180 -10.04 -29.67 5.22
C THR E 180 -8.96 -30.54 5.88
N ALA E 181 -7.85 -30.69 5.17
CA ALA E 181 -6.75 -31.51 5.69
C ALA E 181 -6.24 -30.97 7.02
N ASP E 182 -6.08 -29.65 7.13
CA ASP E 182 -5.63 -29.06 8.38
C ASP E 182 -6.61 -29.33 9.51
N GLN E 183 -7.92 -29.18 9.23
CA GLN E 183 -8.92 -29.41 10.27
C GLN E 183 -8.94 -30.86 10.71
N ILE E 184 -8.93 -31.79 9.74
CA ILE E 184 -8.90 -33.20 10.08
C ILE E 184 -7.62 -33.54 10.83
N GLY E 185 -6.51 -32.93 10.43
CA GLY E 185 -5.24 -33.24 11.07
C GLY E 185 -5.22 -32.85 12.54
N THR E 186 -5.67 -31.64 12.85
CA THR E 186 -5.69 -31.20 14.24
C THR E 186 -6.80 -31.89 15.03
N GLN E 187 -7.91 -32.22 14.37
CA GLN E 187 -9.04 -32.82 15.09
C GLN E 187 -8.77 -34.28 15.42
N THR E 188 -8.23 -35.05 14.47
CA THR E 188 -7.88 -36.43 14.77
C THR E 188 -6.78 -36.52 15.82
N THR E 189 -5.87 -35.55 15.83
CA THR E 189 -4.85 -35.52 16.89
C THR E 189 -5.45 -35.13 18.23
N GLN E 190 -6.45 -34.25 18.22
CA GLN E 190 -7.18 -33.96 19.45
C GLN E 190 -7.84 -35.22 19.99
N ILE E 191 -8.55 -35.94 19.12
CA ILE E 191 -9.15 -37.21 19.53
C ILE E 191 -8.07 -38.15 20.05
N ALA E 192 -6.90 -38.14 19.40
CA ALA E 192 -5.82 -39.02 19.84
C ALA E 192 -5.31 -38.65 21.22
N ALA E 193 -5.36 -37.37 21.58
CA ALA E 193 -4.90 -36.97 22.90
C ALA E 193 -5.82 -37.50 23.99
N ILE E 194 -7.14 -37.47 23.76
CA ILE E 194 -8.08 -38.00 24.74
C ILE E 194 -7.96 -39.51 24.84
N LYS E 195 -7.68 -40.19 23.73
CA LYS E 195 -7.59 -41.64 23.72
C LYS E 195 -6.25 -42.15 24.25
N ALA E 196 -5.22 -41.30 24.25
CA ALA E 196 -3.95 -41.69 24.84
C ALA E 196 -3.97 -41.61 26.36
N ASP E 197 -4.94 -40.88 26.93
CA ASP E 197 -5.08 -40.84 28.37
C ASP E 197 -5.40 -42.24 28.89
N PRO E 198 -4.65 -42.75 29.87
CA PRO E 198 -4.95 -44.09 30.39
C PRO E 198 -6.37 -44.23 30.92
N ASP E 199 -6.95 -43.14 31.44
CA ASP E 199 -8.29 -43.20 32.00
C ASP E 199 -9.38 -43.12 30.95
N TRP E 200 -9.02 -43.12 29.65
CA TRP E 200 -10.04 -43.16 28.61
C TRP E 200 -10.80 -44.48 28.64
N GLN E 201 -10.11 -45.57 28.96
CA GLN E 201 -10.73 -46.89 29.13
C GLN E 201 -11.64 -47.23 27.95
N SER E 202 -11.12 -47.03 26.74
CA SER E 202 -11.84 -47.31 25.50
C SER E 202 -13.14 -46.51 25.39
N GLY E 203 -13.26 -45.44 26.15
CA GLY E 203 -14.47 -44.63 26.16
C GLY E 203 -15.51 -45.05 27.17
N ASP E 204 -15.24 -46.07 27.97
CA ASP E 204 -16.16 -46.53 29.00
C ASP E 204 -15.73 -46.10 30.40
N TYR E 205 -15.09 -44.93 30.50
CA TYR E 205 -14.69 -44.38 31.79
C TYR E 205 -15.90 -43.97 32.62
N HIS E 206 -17.06 -43.74 32.00
CA HIS E 206 -18.24 -43.28 32.71
C HIS E 206 -18.53 -44.15 33.93
N GLU E 207 -18.70 -43.50 35.08
CA GLU E 207 -19.10 -44.18 36.31
C GLU E 207 -18.02 -45.14 36.81
N THR E 208 -16.75 -44.84 36.54
CA THR E 208 -15.64 -45.61 37.07
C THR E 208 -14.84 -44.86 38.12
N GLY E 209 -15.09 -43.56 38.30
CA GLY E 209 -14.29 -42.74 39.19
C GLY E 209 -13.08 -42.10 38.53
N ARG E 210 -12.68 -42.56 37.36
CA ARG E 210 -11.55 -42.01 36.62
C ARG E 210 -12.02 -41.54 35.25
N ALA E 211 -11.46 -40.43 34.79
CA ALA E 211 -11.80 -39.86 33.49
C ALA E 211 -10.54 -39.32 32.84
N PRO E 212 -10.53 -39.18 31.52
CA PRO E 212 -9.34 -38.67 30.82
C PRO E 212 -9.24 -37.15 30.89
N ASP E 213 -9.05 -36.64 32.11
CA ASP E 213 -9.00 -35.19 32.30
C ASP E 213 -7.79 -34.58 31.63
N ALA E 214 -6.64 -35.28 31.66
CA ALA E 214 -5.44 -34.75 31.03
C ALA E 214 -5.60 -34.68 29.51
N GLY E 215 -6.10 -35.75 28.90
CA GLY E 215 -6.26 -35.76 27.46
C GLY E 215 -7.23 -34.69 26.98
N LEU E 216 -8.37 -34.56 27.67
CA LEU E 216 -9.35 -33.55 27.28
C LEU E 216 -8.79 -32.14 27.46
N ARG E 217 -7.98 -31.93 28.50
CA ARG E 217 -7.34 -30.64 28.68
C ARG E 217 -6.43 -30.31 27.50
N LEU E 218 -5.58 -31.26 27.10
CA LEU E 218 -4.65 -31.02 26.00
C LEU E 218 -5.40 -30.76 24.70
N ALA E 219 -6.45 -31.54 24.43
CA ALA E 219 -7.21 -31.34 23.20
C ALA E 219 -7.80 -29.95 23.13
N ARG E 220 -8.37 -29.47 24.25
CA ARG E 220 -9.00 -28.15 24.24
C ARG E 220 -7.98 -27.05 24.01
N ARG E 221 -6.83 -27.13 24.68
CA ARG E 221 -5.82 -26.09 24.53
C ARG E 221 -5.35 -25.99 23.08
N PHE E 222 -5.00 -27.12 22.47
CA PHE E 222 -4.61 -27.10 21.06
C PHE E 222 -5.73 -26.54 20.20
N ALA E 223 -6.97 -26.96 20.45
CA ALA E 223 -8.09 -26.45 19.68
C ALA E 223 -8.27 -24.95 19.87
N HIS E 224 -8.15 -24.48 21.11
CA HIS E 224 -8.34 -23.06 21.38
C HIS E 224 -7.35 -22.22 20.59
N LEU E 225 -6.11 -22.70 20.44
CA LEU E 225 -5.13 -21.95 19.66
C LEU E 225 -5.59 -21.79 18.22
N THR E 226 -6.26 -22.80 17.66
CA THR E 226 -6.78 -22.69 16.31
C THR E 226 -7.95 -21.72 16.21
N TYR E 227 -8.57 -21.39 17.35
CA TYR E 227 -9.73 -20.51 17.36
C TYR E 227 -9.37 -19.03 17.37
N ARG E 228 -8.14 -18.68 17.74
CA ARG E 228 -7.74 -17.30 17.95
C ARG E 228 -6.96 -16.78 16.74
N GLY E 229 -6.64 -15.49 16.79
CA GLY E 229 -5.79 -14.86 15.79
C GLY E 229 -4.36 -14.72 16.31
N GLU E 230 -3.40 -14.92 15.41
CA GLU E 230 -2.00 -14.92 15.82
C GLU E 230 -1.58 -13.56 16.35
N ILE E 231 -1.86 -12.49 15.60
CA ILE E 231 -1.46 -11.16 16.04
C ILE E 231 -2.18 -10.78 17.33
N GLU E 232 -3.48 -11.06 17.40
CA GLU E 232 -4.24 -10.74 18.60
C GLU E 232 -3.63 -11.41 19.83
N LEU E 233 -3.26 -12.69 19.71
CA LEU E 233 -2.65 -13.39 20.84
C LEU E 233 -1.35 -12.73 21.27
N ASP E 234 -0.51 -12.34 20.30
CA ASP E 234 0.78 -11.74 20.64
C ASP E 234 0.61 -10.37 21.28
N THR E 235 -0.47 -9.66 20.94
CA THR E 235 -0.72 -8.37 21.59
C THR E 235 -1.02 -8.51 23.08
N ARG E 236 -1.85 -9.48 23.45
CA ARG E 236 -2.26 -9.52 24.86
C ARG E 236 -1.21 -10.15 25.76
N PHE E 237 -0.66 -11.31 25.36
CA PHE E 237 0.24 -12.07 26.20
C PHE E 237 1.69 -12.00 25.77
N ALA E 238 1.96 -12.00 24.47
CA ALA E 238 3.32 -12.04 23.97
C ALA E 238 4.09 -13.16 24.65
N ASN E 239 5.33 -12.89 25.06
CA ASN E 239 6.09 -13.81 25.88
C ASN E 239 6.09 -13.39 27.35
N HIS E 240 5.09 -12.62 27.77
CA HIS E 240 5.03 -12.14 29.14
C HIS E 240 4.84 -13.31 30.11
N ASN E 241 5.37 -13.14 31.32
CA ASN E 241 5.14 -14.11 32.38
C ASN E 241 3.82 -13.81 33.08
N GLN E 242 3.19 -14.87 33.58
CA GLN E 242 1.99 -14.70 34.39
C GLN E 242 2.39 -14.09 35.73
N GLY E 243 1.85 -12.91 36.02
CA GLY E 243 2.27 -12.20 37.22
C GLY E 243 3.77 -12.00 37.21
N ASN E 244 4.41 -12.27 38.34
CA ASN E 244 5.86 -12.18 38.48
C ASN E 244 6.49 -13.56 38.60
N GLU E 245 5.92 -14.54 37.91
CA GLU E 245 6.45 -15.89 37.93
C GLU E 245 7.65 -16.01 37.00
N ASP E 246 8.47 -17.03 37.24
CA ASP E 246 9.62 -17.32 36.41
C ASP E 246 9.38 -18.63 35.67
N PRO E 247 9.11 -18.60 34.36
CA PRO E 247 8.82 -19.87 33.66
C PRO E 247 9.92 -20.90 33.78
N THR E 248 11.18 -20.48 33.75
CA THR E 248 12.31 -21.39 33.85
C THR E 248 12.54 -21.93 35.25
N ALA E 249 11.51 -21.93 36.10
CA ALA E 249 11.64 -22.43 37.46
C ALA E 249 10.26 -22.75 38.04
N GLY E 250 9.41 -23.40 37.24
CA GLY E 250 8.07 -23.74 37.66
C GLY E 250 7.02 -22.71 37.31
N GLY E 251 7.41 -21.50 36.94
CA GLY E 251 6.45 -20.48 36.59
C GLY E 251 5.81 -20.74 35.24
N ARG E 252 4.77 -19.94 34.97
CA ARG E 252 4.00 -20.06 33.75
C ARG E 252 4.15 -18.81 32.89
N TYR E 253 3.96 -18.97 31.59
CA TYR E 253 3.82 -17.83 30.71
C TYR E 253 2.37 -17.34 30.73
N ALA E 254 2.19 -16.05 30.48
CA ALA E 254 0.85 -15.47 30.46
C ALA E 254 -0.09 -16.29 29.57
N VAL E 255 0.35 -16.57 28.33
CA VAL E 255 -0.47 -17.33 27.42
C VAL E 255 -0.64 -18.77 27.91
N GLN E 256 0.34 -19.29 28.64
CA GLN E 256 0.24 -20.65 29.17
C GLN E 256 -0.81 -20.73 30.27
N SER E 257 -0.80 -19.77 31.20
CA SER E 257 -1.86 -19.70 32.20
C SER E 257 -3.22 -19.53 31.56
N TYR E 258 -3.30 -18.70 30.52
CA TYR E 258 -4.55 -18.52 29.79
C TYR E 258 -5.09 -19.84 29.27
N LEU E 259 -4.25 -20.60 28.56
CA LEU E 259 -4.69 -21.88 28.02
C LEU E 259 -5.07 -22.85 29.13
N GLU E 260 -4.27 -22.91 30.19
CA GLU E 260 -4.60 -23.79 31.32
C GLU E 260 -5.99 -23.48 31.86
N HIS E 261 -6.33 -22.19 31.97
CA HIS E 261 -7.66 -21.82 32.45
C HIS E 261 -8.73 -22.24 31.45
N GLN E 262 -8.46 -22.09 30.15
CA GLN E 262 -9.42 -22.51 29.14
C GLN E 262 -9.67 -24.01 29.19
N GLY E 263 -8.65 -24.79 29.56
CA GLY E 263 -8.84 -26.22 29.70
C GLY E 263 -9.76 -26.58 30.86
N ASP E 264 -9.48 -26.02 32.04
CA ASP E 264 -10.35 -26.26 33.19
C ASP E 264 -11.73 -25.65 32.97
N LYS E 265 -11.78 -24.47 32.35
CA LYS E 265 -13.06 -23.88 32.00
C LYS E 265 -13.96 -24.88 31.28
N LEU E 266 -13.38 -25.64 30.34
CA LEU E 266 -14.14 -26.63 29.60
C LEU E 266 -14.33 -27.91 30.40
N LEU E 267 -13.30 -28.34 31.14
CA LEU E 267 -13.36 -29.63 31.81
C LEU E 267 -14.50 -29.71 32.80
N SER E 268 -14.84 -28.59 33.45
CA SER E 268 -15.89 -28.60 34.46
C SER E 268 -17.30 -28.57 33.87
N ARG E 269 -17.44 -28.53 32.55
CA ARG E 269 -18.75 -28.42 31.93
C ARG E 269 -18.97 -29.35 30.74
N PHE E 270 -17.94 -30.09 30.31
CA PHE E 270 -18.02 -30.87 29.09
C PHE E 270 -17.52 -32.29 29.33
N ASP E 271 -18.05 -33.23 28.56
CA ASP E 271 -17.73 -34.65 28.68
C ASP E 271 -16.72 -35.04 27.61
N ALA E 272 -15.68 -35.76 28.01
CA ALA E 272 -14.64 -36.16 27.06
C ALA E 272 -15.22 -37.03 25.95
N GLY E 273 -16.00 -38.04 26.32
CA GLY E 273 -16.59 -38.90 25.31
C GLY E 273 -17.42 -38.13 24.29
N SER E 274 -18.15 -37.12 24.76
CA SER E 274 -18.94 -36.31 23.83
C SER E 274 -18.05 -35.46 22.94
N TYR E 275 -16.86 -35.11 23.42
CA TYR E 275 -15.90 -34.37 22.61
C TYR E 275 -15.39 -35.21 21.45
N VAL E 276 -15.14 -36.49 21.70
CA VAL E 276 -14.63 -37.37 20.64
C VAL E 276 -15.70 -37.58 19.58
N ILE E 277 -16.91 -37.95 20.00
CA ILE E 277 -17.98 -38.23 19.04
C ILE E 277 -18.25 -37.01 18.16
N LEU E 278 -18.37 -35.83 18.79
CA LEU E 278 -18.67 -34.63 18.02
C LEU E 278 -17.53 -34.26 17.07
N THR E 279 -16.28 -34.51 17.44
CA THR E 279 -15.15 -34.10 16.59
C THR E 279 -15.14 -34.90 15.30
N GLU E 280 -15.38 -36.21 15.42
CA GLU E 280 -15.43 -37.16 14.29
C GLU E 280 -16.56 -36.81 13.35
N ALA E 281 -17.64 -36.28 13.90
CA ALA E 281 -18.68 -35.73 13.04
C ALA E 281 -18.16 -34.55 12.23
N LEU E 282 -17.28 -33.75 12.81
CA LEU E 282 -16.63 -32.69 12.06
C LEU E 282 -15.73 -33.27 10.98
N ASN E 283 -14.97 -34.32 11.31
CA ASN E 283 -14.08 -34.93 10.32
C ASN E 283 -14.88 -35.44 9.12
N SER E 284 -16.05 -36.02 9.36
CA SER E 284 -16.89 -36.56 8.29
C SER E 284 -17.69 -35.50 7.57
N HIS E 285 -17.51 -34.23 7.90
CA HIS E 285 -18.27 -33.17 7.23
C HIS E 285 -17.92 -33.12 5.75
N ASP E 286 -18.94 -33.21 4.90
CA ASP E 286 -18.76 -33.13 3.46
C ASP E 286 -20.10 -32.98 2.77
N VAL E 287 -20.40 -31.76 2.30
CA VAL E 287 -21.68 -31.51 1.66
C VAL E 287 -21.80 -32.21 0.31
N GLY E 288 -20.69 -32.66 -0.26
CA GLY E 288 -20.73 -33.34 -1.54
C GLY E 288 -20.94 -34.84 -1.49
N ARG E 289 -20.82 -35.44 -0.31
CA ARG E 289 -20.98 -36.89 -0.19
C ARG E 289 -22.35 -37.33 -0.70
N GLY E 290 -22.35 -38.29 -1.62
CA GLY E 290 -23.60 -38.79 -2.17
C GLY E 290 -24.40 -37.81 -2.98
N ARG E 291 -23.85 -36.62 -3.25
CA ARG E 291 -24.54 -35.60 -4.03
C ARG E 291 -23.81 -35.24 -5.30
N GLY E 292 -22.78 -35.99 -5.68
CA GLY E 292 -22.03 -35.73 -6.89
C GLY E 292 -20.90 -34.73 -6.75
N GLY E 293 -20.51 -34.39 -5.53
CA GLY E 293 -19.42 -33.45 -5.33
C GLY E 293 -19.85 -32.16 -4.64
N VAL E 294 -18.87 -31.42 -4.12
CA VAL E 294 -19.19 -30.20 -3.37
C VAL E 294 -19.83 -29.16 -4.29
N SER E 295 -19.37 -29.09 -5.54
CA SER E 295 -19.87 -28.07 -6.45
C SER E 295 -21.26 -28.39 -6.97
N ALA E 296 -21.51 -29.66 -7.31
CA ALA E 296 -22.83 -30.04 -7.81
C ALA E 296 -23.89 -29.85 -6.74
N ALA E 297 -23.59 -30.23 -5.49
CA ALA E 297 -24.57 -30.10 -4.41
C ALA E 297 -24.86 -28.65 -4.08
N LEU E 298 -23.87 -27.77 -4.20
CA LEU E 298 -24.07 -26.37 -3.85
C LEU E 298 -24.83 -25.61 -4.94
N ARG E 299 -24.45 -25.80 -6.20
CA ARG E 299 -25.19 -25.16 -7.29
C ARG E 299 -26.66 -25.54 -7.31
N ALA E 300 -27.01 -26.69 -6.72
CA ALA E 300 -28.38 -27.18 -6.74
C ALA E 300 -29.22 -26.68 -5.59
N CYS E 301 -28.62 -26.03 -4.59
CA CYS E 301 -29.38 -25.54 -3.44
C CYS E 301 -29.94 -24.16 -3.75
N PRO E 302 -31.26 -23.99 -3.77
CA PRO E 302 -31.86 -22.69 -4.10
C PRO E 302 -32.19 -21.81 -2.91
N VAL E 303 -31.79 -22.18 -1.70
CA VAL E 303 -32.17 -21.41 -0.51
C VAL E 303 -31.43 -20.08 -0.51
N PRO E 304 -32.11 -18.96 -0.23
CA PRO E 304 -31.39 -17.69 -0.03
C PRO E 304 -30.49 -17.79 1.20
N VAL E 305 -29.20 -17.55 1.01
CA VAL E 305 -28.19 -17.81 2.02
C VAL E 305 -27.29 -16.60 2.17
N VAL E 306 -26.90 -16.31 3.42
CA VAL E 306 -25.89 -15.32 3.74
C VAL E 306 -24.67 -16.05 4.25
N VAL E 307 -23.50 -15.74 3.69
CA VAL E 307 -22.25 -16.36 4.07
C VAL E 307 -21.28 -15.29 4.53
N GLY E 308 -20.54 -15.58 5.60
CA GLY E 308 -19.56 -14.65 6.11
C GLY E 308 -18.43 -15.40 6.79
N GLY E 309 -17.24 -14.81 6.73
CA GLY E 309 -16.06 -15.42 7.33
C GLY E 309 -15.12 -14.36 7.84
N ILE E 310 -14.44 -14.67 8.95
CA ILE E 310 -13.53 -13.73 9.58
C ILE E 310 -12.22 -13.68 8.79
N THR E 311 -11.65 -12.49 8.68
CA THR E 311 -10.44 -12.32 7.89
C THR E 311 -9.27 -13.11 8.47
N SER E 312 -9.13 -13.11 9.79
CA SER E 312 -8.01 -13.75 10.46
C SER E 312 -8.33 -15.14 10.97
N ASP E 313 -9.34 -15.80 10.39
CA ASP E 313 -9.70 -17.14 10.82
C ASP E 313 -8.62 -18.13 10.41
N ARG E 314 -7.98 -18.76 11.40
CA ARG E 314 -6.91 -19.72 11.13
C ARG E 314 -7.43 -21.15 10.96
N LEU E 315 -8.58 -21.48 11.54
CA LEU E 315 -9.14 -22.82 11.40
C LEU E 315 -9.95 -22.96 10.11
N TYR E 316 -10.80 -21.99 9.79
CA TYR E 316 -11.60 -21.97 8.57
C TYR E 316 -11.20 -20.75 7.74
N PRO E 317 -10.12 -20.86 6.96
CA PRO E 317 -9.66 -19.70 6.18
C PRO E 317 -10.76 -19.08 5.33
N LEU E 318 -10.56 -17.82 4.94
CA LEU E 318 -11.58 -17.11 4.17
C LEU E 318 -11.86 -17.79 2.84
N ARG E 319 -10.86 -18.41 2.23
CA ARG E 319 -11.07 -19.08 0.94
C ARG E 319 -12.20 -20.09 1.00
N LEU E 320 -12.41 -20.72 2.16
CA LEU E 320 -13.47 -21.71 2.28
C LEU E 320 -14.84 -21.07 2.17
N GLN E 321 -15.06 -19.96 2.87
CA GLN E 321 -16.34 -19.25 2.77
C GLN E 321 -16.52 -18.64 1.38
N GLN E 322 -15.44 -18.10 0.81
CA GLN E 322 -15.51 -17.59 -0.56
C GLN E 322 -16.01 -18.66 -1.51
N GLU E 323 -15.52 -19.89 -1.36
CA GLU E 323 -15.98 -20.98 -2.20
C GLU E 323 -17.47 -21.23 -2.03
N LEU E 324 -17.96 -21.17 -0.79
CA LEU E 324 -19.39 -21.36 -0.55
C LEU E 324 -20.21 -20.28 -1.24
N ALA E 325 -19.84 -19.00 -1.05
CA ALA E 325 -20.60 -17.93 -1.66
C ALA E 325 -20.53 -17.96 -3.18
N ASP E 326 -19.41 -18.45 -3.73
CA ASP E 326 -19.27 -18.49 -5.19
C ASP E 326 -20.19 -19.54 -5.80
N LEU E 327 -20.43 -20.66 -5.11
CA LEU E 327 -21.19 -21.75 -5.67
C LEU E 327 -22.68 -21.67 -5.34
N LEU E 328 -23.03 -21.22 -4.14
CA LEU E 328 -24.42 -21.15 -3.73
C LEU E 328 -25.16 -20.09 -4.54
N PRO E 329 -26.11 -20.45 -5.41
CA PRO E 329 -26.78 -19.43 -6.22
C PRO E 329 -27.66 -18.50 -5.41
N GLY E 330 -28.12 -18.90 -4.23
CA GLY E 330 -28.92 -18.04 -3.40
C GLY E 330 -28.15 -17.00 -2.62
N CYS E 331 -26.82 -17.09 -2.62
CA CYS E 331 -25.97 -16.13 -1.93
C CYS E 331 -25.43 -15.11 -2.93
N ALA E 332 -25.67 -13.83 -2.67
CA ALA E 332 -25.25 -12.79 -3.61
C ALA E 332 -23.74 -12.61 -3.61
N GLY E 333 -23.07 -12.86 -2.49
CA GLY E 333 -21.64 -12.70 -2.40
C GLY E 333 -21.12 -12.83 -0.99
N LEU E 334 -19.82 -13.07 -0.84
CA LEU E 334 -19.25 -13.31 0.47
C LEU E 334 -19.18 -12.01 1.27
N ARG E 335 -19.73 -12.04 2.48
CA ARG E 335 -19.58 -10.93 3.42
C ARG E 335 -18.41 -11.21 4.34
N VAL E 336 -17.47 -10.26 4.39
CA VAL E 336 -16.23 -10.41 5.15
C VAL E 336 -16.40 -9.71 6.49
N VAL E 337 -16.28 -10.48 7.58
CA VAL E 337 -16.35 -9.95 8.93
C VAL E 337 -14.94 -9.59 9.38
N GLU E 338 -14.66 -8.30 9.54
CA GLU E 338 -13.34 -7.84 9.94
C GLU E 338 -13.17 -8.04 11.44
N SER E 339 -12.22 -8.88 11.83
CA SER E 339 -11.97 -9.18 13.23
C SER E 339 -10.52 -9.62 13.40
N VAL E 340 -9.98 -9.36 14.60
CA VAL E 340 -8.63 -9.78 14.94
C VAL E 340 -8.61 -11.05 15.78
N TYR E 341 -9.78 -11.57 16.16
CA TYR E 341 -9.89 -12.68 17.09
C TYR E 341 -10.03 -14.03 16.38
N GLY E 342 -9.69 -14.10 15.10
CA GLY E 342 -9.69 -15.37 14.41
C GLY E 342 -11.06 -16.00 14.37
N HIS E 343 -11.11 -17.33 14.51
CA HIS E 343 -12.36 -18.06 14.40
C HIS E 343 -13.39 -17.56 15.41
N ASP E 344 -12.94 -17.23 16.62
CA ASP E 344 -13.86 -16.79 17.67
C ASP E 344 -14.51 -15.46 17.33
N GLY E 345 -14.10 -14.85 16.22
CA GLY E 345 -14.67 -13.57 15.83
C GLY E 345 -16.17 -13.61 15.65
N PHE E 346 -16.71 -14.75 15.21
CA PHE E 346 -18.15 -14.84 14.99
C PHE E 346 -18.95 -14.85 16.29
N LEU E 347 -18.31 -15.08 17.42
CA LEU E 347 -18.96 -14.95 18.72
C LEU E 347 -18.67 -13.63 19.41
N VAL E 348 -17.72 -12.85 18.91
CA VAL E 348 -17.25 -11.64 19.57
C VAL E 348 -17.77 -10.38 18.90
N GLU E 349 -17.78 -10.35 17.56
CA GLU E 349 -18.17 -9.16 16.81
C GLU E 349 -19.68 -9.08 16.76
N THR E 350 -20.26 -8.55 17.84
CA THR E 350 -21.72 -8.49 17.96
C THR E 350 -22.33 -7.69 16.82
N GLU E 351 -21.91 -6.44 16.66
CA GLU E 351 -22.54 -5.58 15.65
C GLU E 351 -22.35 -6.14 14.24
N ALA E 352 -21.15 -6.65 13.94
CA ALA E 352 -20.91 -7.18 12.60
C ALA E 352 -21.78 -8.40 12.31
N VAL E 353 -21.85 -9.33 13.25
CA VAL E 353 -22.67 -10.52 13.05
C VAL E 353 -24.16 -10.17 13.10
N GLY E 354 -24.53 -9.19 13.93
CA GLY E 354 -25.92 -8.76 13.97
C GLY E 354 -26.41 -8.28 12.61
N GLU E 355 -25.58 -7.51 11.92
CA GLU E 355 -25.92 -7.11 10.55
C GLU E 355 -26.20 -8.33 9.68
N LEU E 356 -25.35 -9.36 9.79
CA LEU E 356 -25.54 -10.55 8.97
C LEU E 356 -26.79 -11.31 9.37
N ILE E 357 -27.10 -11.34 10.67
CA ILE E 357 -28.32 -12.01 11.13
C ILE E 357 -29.55 -11.26 10.64
N ARG E 358 -29.54 -9.93 10.76
CA ARG E 358 -30.68 -9.14 10.32
C ARG E 358 -30.92 -9.32 8.82
N GLN E 359 -29.85 -9.35 8.03
CA GLN E 359 -30.00 -9.54 6.59
C GLN E 359 -30.54 -10.93 6.26
N THR E 360 -30.21 -11.93 7.08
CA THR E 360 -30.74 -13.27 6.85
C THR E 360 -32.23 -13.34 7.13
N LEU E 361 -32.65 -12.83 8.30
CA LEU E 361 -34.08 -12.79 8.60
C LEU E 361 -34.84 -11.93 7.60
N GLY E 362 -34.17 -10.95 6.98
CA GLY E 362 -34.83 -10.15 5.97
C GLY E 362 -35.12 -10.92 4.70
N LEU E 363 -34.17 -11.77 4.27
CA LEU E 363 -34.39 -12.60 3.10
C LEU E 363 -35.46 -13.65 3.33
N ALA E 364 -35.76 -13.98 4.59
CA ALA E 364 -36.77 -14.97 4.92
C ALA E 364 -38.18 -14.38 4.90
N ASP E 365 -38.36 -13.17 4.40
CA ASP E 365 -39.68 -12.56 4.32
C ASP E 365 -40.08 -12.28 2.88
N GLN F 2 42.36 -30.32 21.05
CA GLN F 2 41.51 -31.24 20.32
C GLN F 2 41.42 -30.84 18.84
N THR F 3 41.37 -31.84 17.96
CA THR F 3 41.34 -31.61 16.53
C THR F 3 39.98 -32.01 15.96
N LEU F 4 39.60 -31.35 14.87
CA LEU F 4 38.36 -31.68 14.19
C LEU F 4 38.41 -33.13 13.70
N PRO F 5 37.25 -33.74 13.50
CA PRO F 5 37.20 -35.09 12.95
C PRO F 5 37.31 -35.07 11.43
N ALA F 6 37.42 -36.26 10.85
CA ALA F 6 37.41 -36.38 9.40
C ALA F 6 36.07 -35.88 8.85
N GLU F 7 36.08 -35.52 7.57
CA GLU F 7 34.88 -34.97 6.94
C GLU F 7 33.75 -35.98 6.98
N GLY F 8 32.58 -35.53 7.45
CA GLY F 8 31.41 -36.37 7.54
C GLY F 8 31.53 -37.42 8.64
N GLU F 9 31.95 -36.98 9.83
CA GLU F 9 32.30 -37.92 10.89
C GLU F 9 32.17 -37.26 12.27
N ILE F 10 31.49 -37.93 13.21
CA ILE F 10 31.09 -37.30 14.46
C ILE F 10 32.28 -37.20 15.40
N GLY F 11 32.50 -36.02 15.96
CA GLY F 11 33.55 -35.80 16.93
C GLY F 11 33.06 -35.28 18.25
N LEU F 12 33.24 -36.07 19.31
CA LEU F 12 32.79 -35.68 20.65
C LEU F 12 33.84 -34.74 21.26
N ILE F 13 33.55 -33.45 21.26
CA ILE F 13 34.45 -32.44 21.80
C ILE F 13 34.06 -32.20 23.26
N ASP F 14 34.97 -32.54 24.18
CA ASP F 14 34.79 -32.19 25.59
C ASP F 14 35.09 -30.72 25.85
N VAL F 15 34.14 -30.05 26.51
CA VAL F 15 34.27 -28.64 26.85
C VAL F 15 34.44 -28.42 28.34
N GLY F 16 33.90 -29.30 29.18
CA GLY F 16 34.03 -29.17 30.62
C GLY F 16 32.79 -28.58 31.27
N SER F 17 33.00 -28.02 32.47
CA SER F 17 31.91 -27.41 33.19
C SER F 17 31.47 -26.11 32.51
N LEU F 18 30.18 -25.80 32.62
CA LEU F 18 29.61 -24.62 32.00
C LEU F 18 28.70 -23.91 32.98
N GLN F 19 28.98 -22.64 33.25
CA GLN F 19 28.09 -21.79 34.05
C GLN F 19 26.95 -21.33 33.17
N LEU F 20 25.73 -21.78 33.46
CA LEU F 20 24.58 -21.44 32.65
C LEU F 20 24.05 -20.05 33.00
N GLU F 21 23.21 -19.52 32.12
CA GLU F 21 22.62 -18.20 32.37
C GLU F 21 21.85 -18.15 33.67
N SER F 22 21.29 -19.30 34.10
CA SER F 22 20.54 -19.35 35.35
C SER F 22 21.42 -19.54 36.58
N GLY F 23 22.72 -19.78 36.38
CA GLY F 23 23.61 -20.07 37.48
C GLY F 23 23.85 -21.54 37.74
N ALA F 24 23.08 -22.43 37.10
CA ALA F 24 23.29 -23.85 37.24
C ALA F 24 24.51 -24.28 36.45
N VAL F 25 25.29 -25.20 37.01
CA VAL F 25 26.53 -25.66 36.41
C VAL F 25 26.33 -27.11 35.97
N ILE F 26 26.52 -27.36 34.67
CA ILE F 26 26.52 -28.71 34.13
C ILE F 26 27.96 -29.13 33.87
N ASP F 27 28.35 -30.28 34.41
CA ASP F 27 29.73 -30.75 34.35
C ASP F 27 29.93 -31.73 33.22
N ASP F 28 31.17 -31.81 32.73
CA ASP F 28 31.57 -32.76 31.70
C ASP F 28 30.69 -32.64 30.47
N VAL F 29 30.50 -31.41 30.00
CA VAL F 29 29.69 -31.16 28.81
C VAL F 29 30.43 -31.68 27.58
N CYS F 30 29.70 -32.39 26.72
CA CYS F 30 30.24 -32.92 25.48
C CYS F 30 29.40 -32.42 24.32
N ILE F 31 30.06 -31.89 23.29
CA ILE F 31 29.39 -31.36 22.11
C ILE F 31 29.84 -32.17 20.91
N ALA F 32 28.90 -32.91 20.31
CA ALA F 32 29.18 -33.65 19.09
C ALA F 32 29.20 -32.71 17.90
N VAL F 33 30.26 -32.78 17.10
CA VAL F 33 30.45 -31.87 15.97
C VAL F 33 30.75 -32.68 14.72
N GLN F 34 30.44 -32.08 13.58
CA GLN F 34 30.72 -32.66 12.27
C GLN F 34 31.21 -31.56 11.34
N ARG F 35 32.10 -31.93 10.43
CA ARG F 35 32.76 -30.96 9.56
C ARG F 35 32.65 -31.38 8.10
N TRP F 36 32.54 -30.38 7.22
CA TRP F 36 32.58 -30.60 5.78
C TRP F 36 33.41 -29.50 5.16
N GLY F 37 34.47 -29.88 4.45
CA GLY F 37 35.40 -28.95 3.85
C GLY F 37 36.68 -28.83 4.65
N LYS F 38 37.68 -28.21 4.02
CA LYS F 38 38.98 -28.04 4.63
C LYS F 38 39.03 -26.74 5.43
N LEU F 39 39.64 -26.82 6.61
CA LEU F 39 39.84 -25.63 7.44
C LEU F 39 41.05 -24.86 6.93
N SER F 40 40.85 -23.59 6.59
CA SER F 40 41.94 -22.78 6.10
C SER F 40 43.02 -22.63 7.17
N PRO F 41 44.27 -22.38 6.76
CA PRO F 41 45.35 -22.24 7.75
C PRO F 41 45.08 -21.17 8.80
N ALA F 42 44.50 -20.04 8.40
CA ALA F 42 44.20 -18.97 9.34
C ALA F 42 42.96 -19.24 10.18
N ARG F 43 42.18 -20.27 9.84
CA ARG F 43 40.98 -20.63 10.61
C ARG F 43 39.94 -19.51 10.55
N ASP F 44 39.69 -19.00 9.34
CA ASP F 44 38.76 -17.90 9.13
C ASP F 44 37.68 -18.22 8.11
N ASN F 45 37.50 -19.49 7.75
CA ASN F 45 36.52 -19.88 6.74
C ASN F 45 35.47 -20.83 7.31
N VAL F 46 35.22 -20.76 8.61
CA VAL F 46 34.29 -21.66 9.28
C VAL F 46 32.87 -21.10 9.14
N VAL F 47 31.96 -21.94 8.65
CA VAL F 47 30.55 -21.59 8.52
C VAL F 47 29.76 -22.50 9.46
N VAL F 48 29.15 -21.91 10.49
CA VAL F 48 28.44 -22.67 11.51
C VAL F 48 26.99 -22.84 11.04
N VAL F 49 26.62 -24.07 10.73
CA VAL F 49 25.25 -24.42 10.42
C VAL F 49 24.58 -24.91 11.70
N LEU F 50 23.47 -24.28 12.09
CA LEU F 50 22.81 -24.55 13.35
C LEU F 50 21.46 -25.21 13.09
N HIS F 51 21.30 -26.44 13.58
CA HIS F 51 20.10 -27.22 13.31
C HIS F 51 18.92 -26.70 14.13
N ALA F 52 17.73 -27.20 13.77
CA ALA F 52 16.49 -26.78 14.40
C ALA F 52 16.17 -27.68 15.58
N LEU F 53 14.92 -27.66 16.06
CA LEU F 53 14.56 -28.32 17.31
C LEU F 53 15.01 -29.79 17.33
N THR F 54 14.63 -30.55 16.30
CA THR F 54 14.88 -31.98 16.27
C THR F 54 16.03 -32.37 15.36
N GLY F 55 16.80 -31.41 14.87
CA GLY F 55 17.94 -31.71 14.03
C GLY F 55 19.16 -32.14 14.82
N ASP F 56 20.21 -32.49 14.08
CA ASP F 56 21.48 -32.90 14.68
C ASP F 56 22.59 -32.33 13.82
N SER F 57 23.79 -32.91 13.96
CA SER F 57 24.97 -32.41 13.25
C SER F 57 25.10 -32.95 11.84
N HIS F 58 24.25 -33.91 11.45
CA HIS F 58 24.31 -34.50 10.11
C HIS F 58 23.53 -33.60 9.15
N ILE F 59 24.20 -32.55 8.67
CA ILE F 59 23.51 -31.56 7.85
C ILE F 59 23.42 -32.00 6.40
N THR F 60 24.36 -32.81 5.92
CA THR F 60 24.34 -33.26 4.55
C THR F 60 24.97 -34.64 4.46
N GLY F 61 24.54 -35.42 3.47
CA GLY F 61 25.05 -36.76 3.27
C GLY F 61 23.97 -37.81 3.39
N PRO F 62 24.29 -39.04 3.01
CA PRO F 62 23.31 -40.13 3.07
C PRO F 62 23.17 -40.67 4.49
N ALA F 63 22.12 -41.47 4.68
CA ALA F 63 21.85 -42.12 5.95
C ALA F 63 22.52 -43.49 5.97
N GLY F 64 23.28 -43.76 7.03
CA GLY F 64 23.99 -45.02 7.14
C GLY F 64 24.31 -45.34 8.59
N PRO F 65 25.32 -46.20 8.79
CA PRO F 65 25.70 -46.57 10.16
C PRO F 65 26.06 -45.35 10.99
N GLY F 66 25.37 -45.19 12.12
CA GLY F 66 25.57 -44.06 12.99
C GLY F 66 24.73 -42.84 12.65
N HIS F 67 24.08 -42.82 11.49
CA HIS F 67 23.22 -41.71 11.08
C HIS F 67 21.85 -42.27 10.70
N PRO F 68 20.87 -42.19 11.60
CA PRO F 68 19.54 -42.74 11.27
C PRO F 68 18.93 -42.12 10.04
N THR F 69 18.99 -40.81 9.91
CA THR F 69 18.36 -40.08 8.82
C THR F 69 19.41 -39.34 8.00
N PRO F 70 19.10 -39.02 6.73
CA PRO F 70 20.02 -38.21 5.93
C PRO F 70 20.16 -36.81 6.49
N GLY F 71 21.03 -36.00 5.88
CA GLY F 71 21.18 -34.63 6.33
C GLY F 71 19.92 -33.83 6.09
N TRP F 72 19.59 -32.96 7.05
CA TRP F 72 18.37 -32.16 6.92
C TRP F 72 18.51 -31.09 5.86
N TRP F 73 19.72 -30.59 5.64
CA TRP F 73 20.03 -29.82 4.44
C TRP F 73 20.94 -30.61 3.50
N ASP F 74 20.41 -31.73 3.02
CA ASP F 74 21.17 -32.57 2.09
C ASP F 74 21.59 -31.74 0.88
N GLY F 75 22.90 -31.58 0.71
CA GLY F 75 23.43 -30.84 -0.41
C GLY F 75 23.73 -29.39 -0.16
N VAL F 76 23.61 -28.92 1.08
CA VAL F 76 23.89 -27.50 1.36
C VAL F 76 25.40 -27.26 1.41
N ALA F 77 26.16 -28.23 1.92
CA ALA F 77 27.61 -28.13 2.02
C ALA F 77 28.23 -29.16 1.08
N GLY F 78 29.02 -28.66 0.12
CA GLY F 78 29.68 -29.54 -0.83
C GLY F 78 30.37 -28.74 -1.92
N PRO F 79 31.13 -29.42 -2.76
CA PRO F 79 31.85 -28.73 -3.84
C PRO F 79 30.89 -27.97 -4.74
N GLY F 80 31.03 -26.65 -4.76
CA GLY F 80 30.19 -25.80 -5.58
C GLY F 80 28.80 -25.53 -5.03
N ALA F 81 28.51 -25.97 -3.81
CA ALA F 81 27.20 -25.79 -3.21
C ALA F 81 27.11 -24.41 -2.56
N PRO F 82 25.95 -24.04 -2.01
CA PRO F 82 25.83 -22.74 -1.34
C PRO F 82 26.93 -22.50 -0.32
N ILE F 83 27.27 -23.51 0.48
CA ILE F 83 28.46 -23.46 1.32
C ILE F 83 29.56 -24.23 0.61
N ASP F 84 30.26 -23.55 -0.31
CA ASP F 84 31.29 -24.19 -1.12
C ASP F 84 32.36 -24.82 -0.25
N THR F 85 32.40 -26.15 -0.19
CA THR F 85 33.41 -26.83 0.61
C THR F 85 34.82 -26.62 0.09
N THR F 86 34.96 -26.26 -1.20
CA THR F 86 36.27 -25.93 -1.75
C THR F 86 36.82 -24.61 -1.22
N ARG F 87 36.15 -24.02 -0.22
CA ARG F 87 36.56 -22.71 0.28
C ARG F 87 36.23 -22.59 1.76
N TRP F 88 34.98 -22.85 2.11
CA TRP F 88 34.47 -22.72 3.46
C TRP F 88 34.51 -24.07 4.16
N CYS F 89 34.61 -24.01 5.47
CA CYS F 89 34.60 -25.19 6.33
C CYS F 89 33.26 -25.24 7.05
N ALA F 90 32.34 -26.05 6.53
CA ALA F 90 31.01 -26.18 7.13
C ALA F 90 31.11 -26.98 8.42
N VAL F 91 30.89 -26.31 9.54
CA VAL F 91 30.93 -26.93 10.87
C VAL F 91 29.52 -26.92 11.45
N ALA F 92 29.07 -28.06 11.96
CA ALA F 92 27.75 -28.18 12.55
C ALA F 92 27.85 -29.00 13.83
N THR F 93 27.18 -28.54 14.88
CA THR F 93 27.22 -29.20 16.18
C THR F 93 25.84 -29.72 16.54
N ASN F 94 25.82 -30.65 17.50
CA ASN F 94 24.58 -31.08 18.13
C ASN F 94 24.31 -30.16 19.31
N VAL F 95 23.12 -29.55 19.31
CA VAL F 95 22.82 -28.52 20.31
C VAL F 95 22.94 -29.11 21.72
N LEU F 96 23.40 -28.27 22.65
CA LEU F 96 23.41 -28.66 24.05
C LEU F 96 22.00 -29.02 24.49
N GLY F 97 21.86 -30.14 25.18
CA GLY F 97 20.57 -30.67 25.54
C GLY F 97 19.96 -31.58 24.50
N GLY F 98 20.66 -31.87 23.41
CA GLY F 98 20.17 -32.74 22.37
C GLY F 98 20.31 -34.21 22.76
N CYS F 99 20.28 -35.07 21.73
CA CYS F 99 20.32 -36.51 21.96
C CYS F 99 21.02 -37.25 20.83
N ARG F 100 21.93 -36.59 20.13
CA ARG F 100 22.68 -37.22 19.04
C ARG F 100 24.17 -37.03 19.25
N GLY F 101 24.62 -37.11 20.49
CA GLY F 101 26.03 -36.98 20.80
C GLY F 101 26.32 -35.96 21.87
N SER F 102 25.65 -34.83 21.82
CA SER F 102 25.88 -33.77 22.80
C SER F 102 25.21 -34.11 24.12
N THR F 103 25.73 -33.51 25.19
CA THR F 103 25.20 -33.75 26.52
C THR F 103 23.74 -33.33 26.59
N GLY F 104 22.90 -34.21 27.15
CA GLY F 104 21.49 -33.94 27.27
C GLY F 104 20.85 -34.69 28.42
N PRO F 105 19.52 -34.63 28.52
CA PRO F 105 18.84 -35.31 29.63
C PRO F 105 19.08 -36.81 29.66
N SER F 106 19.29 -37.44 28.50
CA SER F 106 19.49 -38.88 28.44
C SER F 106 20.96 -39.28 28.54
N SER F 107 21.87 -38.30 28.58
CA SER F 107 23.29 -38.61 28.75
C SER F 107 23.58 -39.02 30.19
N LEU F 108 24.65 -39.78 30.36
CA LEU F 108 25.08 -40.23 31.68
C LEU F 108 25.94 -39.17 32.34
N ALA F 109 25.67 -38.88 33.60
CA ALA F 109 26.40 -37.86 34.35
C ALA F 109 27.61 -38.49 35.03
N ARG F 110 28.23 -37.77 35.96
CA ARG F 110 29.40 -38.28 36.66
C ARG F 110 29.09 -39.57 37.41
N ASP F 111 27.88 -39.71 37.93
CA ASP F 111 27.50 -40.84 38.76
C ASP F 111 26.95 -42.01 37.96
N GLY F 112 27.19 -42.05 36.65
CA GLY F 112 26.76 -43.16 35.84
C GLY F 112 25.28 -43.27 35.60
N LYS F 113 24.49 -42.30 36.05
CA LYS F 113 23.06 -42.30 35.81
C LYS F 113 22.68 -41.25 34.77
N PRO F 114 21.57 -41.43 34.07
CA PRO F 114 21.10 -40.40 33.15
C PRO F 114 20.66 -39.15 33.89
N TRP F 115 20.92 -38.00 33.28
CA TRP F 115 20.53 -36.73 33.88
C TRP F 115 19.05 -36.73 34.24
N GLY F 116 18.18 -37.05 33.28
CA GLY F 116 16.76 -37.12 33.55
C GLY F 116 16.23 -35.79 34.03
N SER F 117 15.44 -35.83 35.11
CA SER F 117 14.89 -34.60 35.67
C SER F 117 15.93 -33.72 36.32
N ARG F 118 17.18 -34.17 36.42
CA ARG F 118 18.25 -33.36 36.99
C ARG F 118 18.85 -32.39 35.99
N PHE F 119 18.58 -32.55 34.70
CA PHE F 119 19.13 -31.66 33.68
C PHE F 119 18.58 -30.25 33.88
N PRO F 120 19.44 -29.25 34.05
CA PRO F 120 18.94 -27.89 34.29
C PRO F 120 18.31 -27.31 33.04
N LEU F 121 17.41 -26.35 33.26
CA LEU F 121 16.77 -25.65 32.15
C LEU F 121 17.78 -24.77 31.44
N ILE F 122 17.90 -24.94 30.12
CA ILE F 122 18.87 -24.18 29.33
C ILE F 122 18.11 -23.21 28.44
N SER F 123 18.81 -22.15 28.06
CA SER F 123 18.26 -21.12 27.18
C SER F 123 19.01 -21.13 25.85
N ILE F 124 18.47 -20.37 24.89
CA ILE F 124 19.12 -20.27 23.59
C ILE F 124 20.53 -19.73 23.73
N ARG F 125 20.73 -18.77 24.65
CA ARG F 125 22.05 -18.21 24.85
C ARG F 125 23.02 -19.25 25.40
N ASP F 126 22.53 -20.10 26.31
CA ASP F 126 23.36 -21.19 26.82
C ASP F 126 23.85 -22.08 25.69
N GLN F 127 22.95 -22.47 24.79
CA GLN F 127 23.35 -23.27 23.65
C GLN F 127 24.45 -22.59 22.85
N VAL F 128 24.37 -21.27 22.72
CA VAL F 128 25.40 -20.54 21.99
C VAL F 128 26.73 -20.60 22.74
N GLN F 129 26.69 -20.50 24.08
CA GLN F 129 27.91 -20.58 24.85
C GLN F 129 28.59 -21.93 24.67
N ALA F 130 27.81 -23.02 24.75
CA ALA F 130 28.38 -24.35 24.56
C ALA F 130 28.99 -24.48 23.17
N ASP F 131 28.30 -23.98 22.14
CA ASP F 131 28.84 -24.07 20.79
C ASP F 131 30.12 -23.27 20.64
N VAL F 132 30.14 -22.05 21.19
CA VAL F 132 31.35 -21.23 21.10
C VAL F 132 32.49 -21.90 21.86
N ALA F 133 32.20 -22.48 23.02
CA ALA F 133 33.23 -23.17 23.78
C ALA F 133 33.75 -24.40 23.04
N ALA F 134 32.86 -25.10 22.34
CA ALA F 134 33.30 -26.24 21.53
C ALA F 134 34.23 -25.78 20.42
N LEU F 135 33.88 -24.68 19.74
CA LEU F 135 34.75 -24.15 18.69
C LEU F 135 36.09 -23.70 19.28
N ALA F 136 36.07 -23.11 20.47
CA ALA F 136 37.32 -22.71 21.11
C ALA F 136 38.18 -23.92 21.45
N ALA F 137 37.56 -25.00 21.93
CA ALA F 137 38.31 -26.22 22.21
C ALA F 137 38.95 -26.78 20.95
N LEU F 138 38.48 -26.39 19.76
CA LEU F 138 39.05 -26.81 18.50
C LEU F 138 40.01 -25.80 17.91
N GLY F 139 40.35 -24.76 18.67
CA GLY F 139 41.20 -23.70 18.16
C GLY F 139 40.52 -22.73 17.23
N ILE F 140 39.18 -22.73 17.18
CA ILE F 140 38.42 -21.85 16.30
C ILE F 140 37.67 -20.86 17.17
N THR F 141 38.07 -19.59 17.13
CA THR F 141 37.39 -18.52 17.84
C THR F 141 36.94 -17.39 16.92
N GLU F 142 37.15 -17.51 15.61
CA GLU F 142 36.62 -16.57 14.64
C GLU F 142 35.74 -17.35 13.66
N VAL F 143 34.47 -16.97 13.58
CA VAL F 143 33.49 -17.65 12.74
C VAL F 143 33.18 -16.75 11.55
N ALA F 144 33.28 -17.31 10.35
CA ALA F 144 32.97 -16.55 9.14
C ALA F 144 31.50 -16.14 9.11
N ALA F 145 30.60 -17.11 9.33
CA ALA F 145 29.17 -16.82 9.31
C ALA F 145 28.44 -17.92 10.08
N VAL F 146 27.29 -17.55 10.62
CA VAL F 146 26.37 -18.48 11.27
C VAL F 146 25.07 -18.48 10.48
N VAL F 147 24.56 -19.67 10.17
CA VAL F 147 23.34 -19.82 9.39
C VAL F 147 22.44 -20.85 10.06
N GLY F 148 21.14 -20.59 10.02
CA GLY F 148 20.19 -21.53 10.59
C GLY F 148 18.77 -21.00 10.49
N GLY F 149 17.83 -21.92 10.62
CA GLY F 149 16.41 -21.58 10.66
C GLY F 149 15.74 -22.17 11.90
N MET F 151 14.90 -22.85 15.48
CA MET F 151 15.81 -22.80 16.62
C MET F 151 17.22 -22.45 16.14
N GLY F 152 17.59 -23.00 14.97
CA GLY F 152 18.87 -22.64 14.38
C GLY F 152 18.99 -21.16 14.10
N GLY F 153 17.89 -20.54 13.67
CA GLY F 153 17.89 -19.10 13.50
C GLY F 153 17.97 -18.37 14.82
N ALA F 154 17.28 -18.87 15.84
CA ALA F 154 17.38 -18.28 17.16
C ALA F 154 18.80 -18.36 17.70
N ARG F 155 19.46 -19.51 17.49
CA ARG F 155 20.86 -19.63 17.90
C ARG F 155 21.74 -18.68 17.10
N ALA F 156 21.51 -18.59 15.78
CA ALA F 156 22.28 -17.66 14.96
C ALA F 156 22.08 -16.24 15.42
N LEU F 157 20.84 -15.87 15.79
CA LEU F 157 20.58 -14.52 16.26
C LEU F 157 21.34 -14.21 17.54
N GLU F 158 21.24 -15.11 18.53
CA GLU F 158 21.95 -14.90 19.78
C GLU F 158 23.46 -14.91 19.59
N TRP F 159 23.95 -15.53 18.51
CA TRP F 159 25.38 -15.54 18.25
C TRP F 159 25.87 -14.18 17.78
N VAL F 160 25.19 -13.60 16.78
CA VAL F 160 25.62 -12.30 16.25
C VAL F 160 25.46 -11.22 17.30
N VAL F 161 24.38 -11.27 18.08
CA VAL F 161 24.16 -10.25 19.10
C VAL F 161 25.09 -10.47 20.29
N GLY F 162 25.27 -11.73 20.71
CA GLY F 162 26.04 -12.00 21.91
C GLY F 162 27.54 -11.96 21.70
N TYR F 163 28.01 -12.28 20.50
CA TYR F 163 29.44 -12.34 20.19
C TYR F 163 29.70 -11.61 18.88
N PRO F 164 29.42 -10.31 18.83
CA PRO F 164 29.49 -9.60 17.53
C PRO F 164 30.88 -9.59 16.92
N ASP F 165 31.93 -9.44 17.74
CA ASP F 165 33.29 -9.36 17.22
C ASP F 165 33.86 -10.71 16.81
N ARG F 166 33.15 -11.81 17.10
CA ARG F 166 33.65 -13.14 16.80
C ARG F 166 32.92 -13.80 15.63
N VAL F 167 32.08 -13.06 14.93
CA VAL F 167 31.39 -13.55 13.74
C VAL F 167 31.27 -12.41 12.74
N ARG F 168 31.48 -12.71 11.47
CA ARG F 168 31.51 -11.69 10.44
C ARG F 168 30.15 -11.45 9.79
N ALA F 169 29.31 -12.47 9.70
CA ALA F 169 27.98 -12.32 9.12
C ALA F 169 27.14 -13.50 9.56
N GLY F 170 25.85 -13.45 9.21
CA GLY F 170 24.94 -14.52 9.58
C GLY F 170 23.69 -14.50 8.72
N LEU F 171 22.96 -15.61 8.78
CA LEU F 171 21.70 -15.77 8.06
C LEU F 171 20.62 -16.16 9.06
N LEU F 172 19.62 -15.29 9.21
CA LEU F 172 18.49 -15.53 10.09
C LEU F 172 17.31 -15.96 9.22
N LEU F 173 16.89 -17.21 9.37
CA LEU F 173 15.86 -17.80 8.52
C LEU F 173 14.69 -18.26 9.37
N ALA F 174 13.49 -17.77 9.05
CA ALA F 174 12.25 -18.19 9.68
C ALA F 174 12.39 -18.21 11.21
N VAL F 175 12.62 -17.01 11.76
CA VAL F 175 12.85 -16.82 13.19
C VAL F 175 12.39 -15.42 13.56
N GLY F 176 12.35 -15.14 14.87
CA GLY F 176 11.95 -13.84 15.35
C GLY F 176 12.82 -13.38 16.50
N ALA F 177 12.63 -12.11 16.89
CA ALA F 177 13.42 -11.55 17.98
C ALA F 177 13.13 -12.24 19.31
N ARG F 178 11.89 -12.71 19.50
CA ARG F 178 11.51 -13.38 20.73
C ARG F 178 10.42 -14.39 20.41
N ALA F 179 10.11 -15.24 21.39
CA ALA F 179 8.99 -16.16 21.22
C ALA F 179 7.67 -15.38 21.25
N THR F 180 6.69 -15.88 20.51
CA THR F 180 5.38 -15.26 20.42
C THR F 180 4.37 -16.04 21.26
N ALA F 181 3.20 -15.43 21.45
CA ALA F 181 2.15 -16.06 22.23
C ALA F 181 1.70 -17.38 21.60
N ASP F 182 1.43 -17.37 20.29
CA ASP F 182 1.02 -18.60 19.61
C ASP F 182 2.10 -19.67 19.71
N GLN F 183 3.37 -19.28 19.57
CA GLN F 183 4.45 -20.25 19.68
C GLN F 183 4.53 -20.82 21.09
N ILE F 184 4.52 -19.96 22.10
CA ILE F 184 4.59 -20.45 23.48
C ILE F 184 3.36 -21.28 23.81
N GLY F 185 2.20 -20.91 23.26
CA GLY F 185 0.98 -21.66 23.49
C GLY F 185 1.07 -23.10 23.02
N THR F 186 1.34 -23.30 21.72
CA THR F 186 1.44 -24.65 21.20
C THR F 186 2.63 -25.40 21.77
N GLN F 187 3.72 -24.68 22.10
CA GLN F 187 4.92 -25.34 22.57
C GLN F 187 4.79 -25.78 24.02
N THR F 188 4.25 -24.92 24.89
CA THR F 188 4.03 -25.34 26.27
C THR F 188 3.01 -26.46 26.34
N THR F 189 2.01 -26.45 25.45
CA THR F 189 1.03 -27.53 25.43
C THR F 189 1.63 -28.82 24.89
N GLN F 190 2.59 -28.71 23.96
CA GLN F 190 3.30 -29.90 23.49
C GLN F 190 4.11 -30.51 24.62
N ILE F 191 4.78 -29.68 25.42
CA ILE F 191 5.45 -30.18 26.61
C ILE F 191 4.45 -30.87 27.53
N ALA F 192 3.29 -30.26 27.72
CA ALA F 192 2.28 -30.84 28.60
C ALA F 192 1.81 -32.19 28.09
N ALA F 193 1.80 -32.39 26.78
CA ALA F 193 1.37 -33.68 26.23
C ALA F 193 2.37 -34.78 26.54
N ILE F 194 3.65 -34.44 26.63
CA ILE F 194 4.66 -35.44 26.98
C ILE F 194 4.63 -35.74 28.47
N LYS F 195 4.39 -34.72 29.29
CA LYS F 195 4.37 -34.90 30.75
C LYS F 195 3.10 -35.57 31.22
N ALA F 196 2.01 -35.52 30.43
CA ALA F 196 0.79 -36.22 30.78
C ALA F 196 0.86 -37.70 30.45
N ASP F 197 1.78 -38.09 29.58
CA ASP F 197 1.97 -39.50 29.29
C ASP F 197 2.35 -40.24 30.57
N PRO F 198 1.75 -41.41 30.85
CA PRO F 198 2.08 -42.12 32.09
C PRO F 198 3.55 -42.51 32.17
N ASP F 199 4.17 -42.87 31.04
CA ASP F 199 5.55 -43.33 31.05
C ASP F 199 6.55 -42.20 31.23
N TRP F 200 6.11 -40.95 31.26
CA TRP F 200 7.03 -39.85 31.50
C TRP F 200 7.82 -40.06 32.79
N GLN F 201 7.14 -40.53 33.84
CA GLN F 201 7.79 -40.83 35.11
C GLN F 201 8.61 -39.65 35.61
N SER F 202 8.00 -38.46 35.61
CA SER F 202 8.63 -37.23 36.09
C SER F 202 9.93 -36.95 35.34
N GLY F 203 10.06 -37.44 34.12
CA GLY F 203 11.25 -37.23 33.32
C GLY F 203 12.39 -38.19 33.61
N ASP F 204 12.21 -39.15 34.52
CA ASP F 204 13.27 -40.09 34.84
C ASP F 204 12.93 -41.48 34.31
N TYR F 205 12.67 -41.58 33.01
CA TYR F 205 12.34 -42.84 32.36
C TYR F 205 13.53 -43.50 31.70
N HIS F 206 14.71 -42.87 31.75
CA HIS F 206 15.84 -43.32 30.93
C HIS F 206 16.38 -44.68 31.36
N GLU F 207 16.16 -45.11 32.60
CA GLU F 207 16.70 -46.37 33.09
C GLU F 207 15.65 -47.45 33.31
N THR F 208 14.37 -47.12 33.18
CA THR F 208 13.37 -48.12 32.86
C THR F 208 13.30 -48.34 31.37
N GLY F 209 13.77 -47.36 30.61
CA GLY F 209 13.52 -47.26 29.19
C GLY F 209 12.09 -46.84 28.88
N ARG F 210 11.06 -47.32 29.62
CA ARG F 210 9.71 -47.04 29.17
C ARG F 210 9.58 -45.55 28.90
N ALA F 211 8.89 -45.20 27.82
CA ALA F 211 9.06 -43.85 27.33
C ALA F 211 7.71 -43.19 27.09
N PRO F 212 7.65 -41.88 27.22
CA PRO F 212 6.43 -41.16 26.86
C PRO F 212 6.20 -41.16 25.36
N ASP F 213 6.13 -42.36 24.76
CA ASP F 213 5.96 -42.47 23.33
C ASP F 213 4.65 -41.85 22.87
N ALA F 214 3.55 -42.23 23.53
CA ALA F 214 2.26 -41.68 23.15
C ALA F 214 2.25 -40.17 23.24
N GLY F 215 2.91 -39.60 24.25
CA GLY F 215 2.94 -38.16 24.38
C GLY F 215 3.82 -37.48 23.35
N LEU F 216 4.90 -38.15 22.94
CA LEU F 216 5.82 -37.53 21.97
C LEU F 216 5.15 -37.34 20.62
N ARG F 217 4.50 -38.38 20.10
CA ARG F 217 3.86 -38.26 18.78
C ARG F 217 2.72 -37.25 18.80
N LEU F 218 1.98 -37.17 19.91
CA LEU F 218 1.01 -36.10 20.04
C LEU F 218 1.68 -34.74 19.81
N ALA F 219 2.78 -34.49 20.50
CA ALA F 219 3.51 -33.24 20.31
C ALA F 219 3.99 -33.10 18.88
N ARG F 220 4.64 -34.14 18.35
CA ARG F 220 5.16 -34.05 16.99
C ARG F 220 4.05 -33.84 15.97
N ARG F 221 2.91 -34.48 16.17
CA ARG F 221 1.80 -34.33 15.22
C ARG F 221 1.24 -32.92 15.26
N PHE F 222 0.98 -32.38 16.45
CA PHE F 222 0.54 -31.00 16.56
C PHE F 222 1.61 -30.05 16.04
N ALA F 223 2.87 -30.29 16.39
CA ALA F 223 3.95 -29.45 15.91
C ALA F 223 4.05 -29.49 14.39
N HIS F 224 3.96 -30.69 13.81
CA HIS F 224 4.11 -30.81 12.36
C HIS F 224 3.07 -29.96 11.63
N LEU F 225 1.84 -29.88 12.17
CA LEU F 225 0.83 -29.05 11.54
C LEU F 225 1.27 -27.58 11.46
N THR F 226 1.97 -27.10 12.50
CA THR F 226 2.47 -25.73 12.47
C THR F 226 3.62 -25.56 11.48
N TYR F 227 4.23 -26.65 11.04
CA TYR F 227 5.36 -26.60 10.11
C TYR F 227 4.94 -26.53 8.65
N ARG F 228 3.68 -26.83 8.33
CA ARG F 228 3.23 -26.92 6.94
C ARG F 228 2.24 -25.80 6.64
N GLY F 229 1.93 -25.65 5.36
CA GLY F 229 0.97 -24.66 4.90
C GLY F 229 -0.42 -25.24 4.76
N GLU F 230 -1.42 -24.41 5.07
CA GLU F 230 -2.80 -24.87 5.04
C GLU F 230 -3.21 -25.35 3.65
N ILE F 231 -3.08 -24.47 2.64
CA ILE F 231 -3.46 -24.84 1.28
C ILE F 231 -2.66 -26.06 0.83
N GLU F 232 -1.34 -26.03 1.03
CA GLU F 232 -0.51 -27.17 0.65
C GLU F 232 -1.06 -28.47 1.22
N LEU F 233 -1.51 -28.43 2.49
CA LEU F 233 -2.05 -29.64 3.10
C LEU F 233 -3.36 -30.06 2.44
N ASP F 234 -4.26 -29.11 2.18
CA ASP F 234 -5.54 -29.46 1.58
C ASP F 234 -5.37 -29.94 0.14
N THR F 235 -4.45 -29.32 -0.61
CA THR F 235 -4.22 -29.77 -1.98
C THR F 235 -3.67 -31.19 -2.02
N ARG F 236 -2.93 -31.59 -0.99
CA ARG F 236 -2.28 -32.89 -0.96
C ARG F 236 -3.19 -34.00 -0.45
N PHE F 237 -3.98 -33.73 0.57
CA PHE F 237 -4.78 -34.76 1.23
C PHE F 237 -6.28 -34.51 1.15
N ALA F 238 -6.72 -33.27 1.32
CA ALA F 238 -8.17 -32.97 1.36
C ALA F 238 -8.78 -33.80 2.48
N ASN F 239 -9.99 -34.33 2.31
CA ASN F 239 -10.61 -35.21 3.28
C ASN F 239 -10.55 -36.67 2.86
N HIS F 240 -9.68 -37.00 1.90
CA HIS F 240 -9.61 -38.37 1.39
C HIS F 240 -9.25 -39.34 2.51
N ASN F 241 -9.74 -40.57 2.37
CA ASN F 241 -9.38 -41.64 3.30
C ASN F 241 -8.03 -42.23 2.91
N GLN F 242 -7.42 -42.93 3.85
CA GLN F 242 -6.14 -43.56 3.62
C GLN F 242 -6.35 -44.91 2.94
N GLY F 243 -5.86 -45.04 1.70
CA GLY F 243 -6.01 -46.28 0.97
C GLY F 243 -7.46 -46.72 0.92
N ASN F 244 -7.70 -47.99 1.28
CA ASN F 244 -9.04 -48.57 1.28
C ASN F 244 -9.67 -48.56 2.67
N GLU F 245 -9.13 -47.77 3.59
CA GLU F 245 -9.66 -47.72 4.94
C GLU F 245 -10.93 -46.87 5.01
N ASP F 246 -11.79 -47.18 5.97
CA ASP F 246 -13.05 -46.47 6.15
C ASP F 246 -13.07 -45.81 7.52
N PRO F 247 -13.07 -44.48 7.59
CA PRO F 247 -13.18 -43.81 8.90
C PRO F 247 -14.48 -44.09 9.62
N THR F 248 -15.54 -44.47 8.91
CA THR F 248 -16.81 -44.76 9.57
C THR F 248 -16.74 -46.00 10.45
N ALA F 249 -15.74 -46.86 10.25
CA ALA F 249 -15.59 -48.10 11.00
C ALA F 249 -14.19 -48.21 11.59
N GLY F 250 -13.64 -47.07 12.02
CA GLY F 250 -12.33 -47.07 12.64
C GLY F 250 -11.15 -46.86 11.70
N GLY F 251 -11.40 -46.43 10.46
CA GLY F 251 -10.34 -46.18 9.52
C GLY F 251 -9.63 -44.86 9.78
N ARG F 252 -8.69 -44.54 8.89
CA ARG F 252 -7.90 -43.33 8.99
C ARG F 252 -8.09 -42.46 7.76
N TYR F 253 -7.97 -41.16 7.95
CA TYR F 253 -7.90 -40.23 6.83
C TYR F 253 -6.47 -40.16 6.29
N ALA F 254 -6.35 -39.68 5.05
CA ALA F 254 -5.03 -39.56 4.45
C ALA F 254 -4.11 -38.70 5.31
N VAL F 255 -4.56 -37.49 5.66
CA VAL F 255 -3.74 -36.60 6.48
C VAL F 255 -3.51 -37.20 7.85
N GLN F 256 -4.47 -37.97 8.36
CA GLN F 256 -4.29 -38.62 9.66
C GLN F 256 -3.16 -39.64 9.60
N SER F 257 -3.19 -40.53 8.60
CA SER F 257 -2.11 -41.49 8.44
C SER F 257 -0.77 -40.80 8.23
N TYR F 258 -0.76 -39.72 7.46
CA TYR F 258 0.48 -38.98 7.23
C TYR F 258 1.04 -38.41 8.52
N LEU F 259 0.18 -37.81 9.35
CA LEU F 259 0.63 -37.28 10.64
C LEU F 259 1.14 -38.40 11.55
N GLU F 260 0.49 -39.56 11.52
CA GLU F 260 0.95 -40.68 12.32
C GLU F 260 2.35 -41.10 11.92
N HIS F 261 2.60 -41.21 10.61
CA HIS F 261 3.94 -41.58 10.14
C HIS F 261 4.97 -40.56 10.57
N GLN F 262 4.59 -39.28 10.60
CA GLN F 262 5.52 -38.23 11.03
C GLN F 262 5.99 -38.48 12.45
N GLY F 263 5.06 -38.72 13.38
CA GLY F 263 5.43 -38.99 14.75
C GLY F 263 6.23 -40.27 14.91
N ASP F 264 5.93 -41.28 14.09
CA ASP F 264 6.65 -42.54 14.20
C ASP F 264 8.12 -42.37 13.81
N LYS F 265 8.40 -41.59 12.76
CA LYS F 265 9.78 -41.35 12.39
C LYS F 265 10.54 -40.67 13.52
N LEU F 266 9.88 -39.81 14.30
CA LEU F 266 10.56 -39.09 15.37
C LEU F 266 10.83 -39.99 16.57
N LEU F 267 9.85 -40.82 16.97
CA LEU F 267 10.06 -41.76 18.07
C LEU F 267 11.28 -42.64 17.86
N SER F 268 11.58 -43.06 16.64
CA SER F 268 12.70 -43.97 16.44
C SER F 268 14.05 -43.26 16.42
N ARG F 269 14.09 -41.94 16.63
CA ARG F 269 15.35 -41.21 16.56
C ARG F 269 15.49 -40.08 17.57
N PHE F 270 14.43 -39.65 18.24
CA PHE F 270 14.49 -38.51 19.14
C PHE F 270 14.03 -38.90 20.53
N ASP F 271 14.65 -38.28 21.53
CA ASP F 271 14.36 -38.54 22.93
C ASP F 271 13.38 -37.51 23.45
N ALA F 272 12.30 -37.99 24.09
CA ALA F 272 11.29 -37.08 24.63
C ALA F 272 11.90 -36.09 25.61
N GLY F 273 12.92 -36.50 26.36
CA GLY F 273 13.57 -35.59 27.28
C GLY F 273 14.15 -34.37 26.58
N SER F 274 14.91 -34.61 25.51
CA SER F 274 15.45 -33.50 24.73
C SER F 274 14.34 -32.62 24.17
N TYR F 275 13.25 -33.24 23.70
CA TYR F 275 12.15 -32.47 23.14
C TYR F 275 11.59 -31.49 24.17
N VAL F 276 11.54 -31.89 25.43
CA VAL F 276 10.99 -31.02 26.47
C VAL F 276 11.98 -29.91 26.81
N ILE F 277 13.25 -30.24 26.97
CA ILE F 277 14.24 -29.23 27.33
C ILE F 277 14.43 -28.24 26.18
N LEU F 278 14.47 -28.74 24.95
CA LEU F 278 14.71 -27.85 23.81
C LEU F 278 13.48 -27.03 23.46
N THR F 279 12.29 -27.66 23.48
CA THR F 279 11.07 -26.92 23.24
C THR F 279 10.88 -25.80 24.24
N GLU F 280 11.43 -25.99 25.42
CA GLU F 280 11.23 -25.05 26.52
C GLU F 280 12.33 -24.02 26.60
N ALA F 281 13.47 -24.31 25.97
CA ALA F 281 14.45 -23.27 25.66
C ALA F 281 13.93 -22.34 24.57
N LEU F 282 13.17 -22.86 23.60
CA LEU F 282 12.55 -21.99 22.61
C LEU F 282 11.62 -20.97 23.27
N ASN F 283 10.81 -21.44 24.22
CA ASN F 283 9.88 -20.55 24.90
C ASN F 283 10.59 -19.38 25.56
N SER F 284 11.80 -19.59 26.07
CA SER F 284 12.56 -18.54 26.73
C SER F 284 13.35 -17.67 25.75
N HIS F 285 13.21 -17.91 24.45
CA HIS F 285 13.94 -17.12 23.47
C HIS F 285 13.50 -15.67 23.51
N ASP F 286 14.43 -14.78 23.87
CA ASP F 286 14.14 -13.35 23.93
C ASP F 286 15.48 -12.60 23.84
N VAL F 287 15.74 -12.03 22.66
CA VAL F 287 17.01 -11.35 22.42
C VAL F 287 17.16 -10.07 23.21
N GLY F 288 16.08 -9.54 23.77
CA GLY F 288 16.14 -8.32 24.55
C GLY F 288 16.30 -8.50 26.03
N ARG F 289 16.25 -9.74 26.52
CA ARG F 289 16.39 -9.98 27.95
C ARG F 289 17.72 -9.46 28.47
N GLY F 290 17.66 -8.61 29.50
CA GLY F 290 18.85 -8.07 30.10
C GLY F 290 19.65 -7.12 29.22
N ARG F 291 19.11 -6.73 28.07
CA ARG F 291 19.79 -5.82 27.16
C ARG F 291 18.98 -4.55 26.93
N GLY F 292 17.89 -4.35 27.66
CA GLY F 292 17.05 -3.19 27.50
C GLY F 292 15.87 -3.36 26.57
N GLY F 293 15.58 -4.58 26.15
CA GLY F 293 14.47 -4.85 25.25
C GLY F 293 14.94 -5.24 23.86
N VAL F 294 13.98 -5.68 23.06
CA VAL F 294 14.29 -6.18 21.72
C VAL F 294 14.91 -5.07 20.87
N SER F 295 14.27 -3.90 20.86
CA SER F 295 14.75 -2.80 20.02
C SER F 295 16.17 -2.39 20.41
N ALA F 296 16.40 -2.13 21.69
CA ALA F 296 17.73 -1.71 22.13
C ALA F 296 18.78 -2.77 21.81
N ALA F 297 18.46 -4.04 22.05
CA ALA F 297 19.44 -5.11 21.83
C ALA F 297 19.81 -5.21 20.36
N LEU F 298 18.81 -5.23 19.48
CA LEU F 298 19.09 -5.36 18.05
C LEU F 298 19.71 -4.07 17.50
N ARG F 299 19.27 -2.91 18.01
CA ARG F 299 19.82 -1.65 17.54
C ARG F 299 21.32 -1.55 17.79
N ALA F 300 21.84 -2.31 18.76
CA ALA F 300 23.26 -2.28 19.12
C ALA F 300 24.07 -3.36 18.42
N CYS F 301 23.47 -4.11 17.50
CA CYS F 301 24.18 -5.18 16.82
C CYS F 301 24.71 -4.67 15.48
N PRO F 302 26.02 -4.55 15.31
CA PRO F 302 26.58 -4.06 14.04
C PRO F 302 26.89 -5.14 13.01
N VAL F 303 26.55 -6.39 13.29
CA VAL F 303 26.94 -7.50 12.41
C VAL F 303 26.06 -7.48 11.16
N PRO F 304 26.65 -7.54 9.97
CA PRO F 304 25.82 -7.67 8.76
C PRO F 304 25.13 -9.02 8.72
N VAL F 305 23.83 -9.00 8.45
CA VAL F 305 23.01 -10.22 8.48
C VAL F 305 22.03 -10.20 7.32
N VAL F 306 21.64 -11.38 6.89
CA VAL F 306 20.58 -11.57 5.89
C VAL F 306 19.41 -12.25 6.58
N VAL F 307 18.23 -11.63 6.49
CA VAL F 307 17.03 -12.12 7.14
C VAL F 307 16.03 -12.55 6.07
N GLY F 308 15.50 -13.76 6.22
CA GLY F 308 14.56 -14.28 5.25
C GLY F 308 13.38 -14.99 5.89
N GLY F 309 12.18 -14.86 5.28
CA GLY F 309 11.01 -15.50 5.78
C GLY F 309 10.26 -16.21 4.67
N ILE F 310 9.32 -17.06 5.07
CA ILE F 310 8.48 -17.82 4.15
C ILE F 310 7.09 -17.22 4.15
N THR F 311 6.49 -17.11 2.96
CA THR F 311 5.20 -16.46 2.84
C THR F 311 4.09 -17.24 3.53
N SER F 312 4.17 -18.57 3.52
CA SER F 312 3.12 -19.42 4.08
C SER F 312 3.51 -19.99 5.44
N ASP F 313 4.48 -19.39 6.11
CA ASP F 313 4.90 -19.85 7.43
C ASP F 313 3.80 -19.56 8.45
N ARG F 314 3.33 -20.61 9.14
CA ARG F 314 2.26 -20.46 10.12
C ARG F 314 2.76 -20.45 11.56
N LEU F 315 3.99 -20.90 11.81
CA LEU F 315 4.56 -20.87 13.15
C LEU F 315 5.40 -19.63 13.39
N TYR F 316 6.18 -19.21 12.40
CA TYR F 316 6.95 -17.97 12.42
C TYR F 316 6.48 -17.11 11.27
N PRO F 317 5.36 -16.38 11.43
CA PRO F 317 4.81 -15.60 10.32
C PRO F 317 5.80 -14.57 9.80
N LEU F 318 5.55 -14.12 8.57
CA LEU F 318 6.46 -13.20 7.92
C LEU F 318 6.68 -11.93 8.73
N ARG F 319 5.65 -11.46 9.44
CA ARG F 319 5.80 -10.22 10.19
C ARG F 319 6.93 -10.31 11.21
N LEU F 320 7.25 -11.51 11.69
CA LEU F 320 8.36 -11.67 12.61
C LEU F 320 9.69 -11.39 11.92
N GLN F 321 9.88 -11.94 10.72
CA GLN F 321 11.10 -11.67 9.97
C GLN F 321 11.15 -10.21 9.53
N GLN F 322 10.00 -9.60 9.24
CA GLN F 322 9.98 -8.18 8.90
C GLN F 322 10.46 -7.33 10.07
N GLU F 323 10.02 -7.65 11.28
CA GLU F 323 10.45 -6.90 12.45
C GLU F 323 11.96 -7.03 12.66
N LEU F 324 12.48 -8.25 12.55
CA LEU F 324 13.92 -8.45 12.69
C LEU F 324 14.68 -7.57 11.70
N ALA F 325 14.33 -7.66 10.41
CA ALA F 325 15.00 -6.84 9.40
C ALA F 325 14.89 -5.36 9.72
N ASP F 326 13.75 -4.94 10.27
CA ASP F 326 13.54 -3.53 10.57
C ASP F 326 14.38 -3.05 11.75
N LEU F 327 14.77 -3.94 12.65
CA LEU F 327 15.47 -3.55 13.87
C LEU F 327 16.96 -3.85 13.84
N LEU F 328 17.43 -4.69 12.91
CA LEU F 328 18.84 -5.02 12.83
C LEU F 328 19.53 -4.06 11.88
N PRO F 329 20.37 -3.14 12.37
CA PRO F 329 21.05 -2.21 11.46
C PRO F 329 21.82 -2.90 10.36
N GLY F 330 22.39 -4.08 10.64
CA GLY F 330 23.14 -4.83 9.66
C GLY F 330 22.34 -5.55 8.62
N CYS F 331 21.02 -5.36 8.60
CA CYS F 331 20.15 -6.01 7.63
C CYS F 331 19.75 -5.00 6.55
N ALA F 332 19.98 -5.38 5.29
CA ALA F 332 19.62 -4.50 4.19
C ALA F 332 18.12 -4.48 3.94
N GLY F 333 17.44 -5.61 4.16
CA GLY F 333 16.02 -5.70 3.95
C GLY F 333 15.52 -7.13 3.98
N LEU F 334 14.22 -7.30 4.24
CA LEU F 334 13.64 -8.64 4.33
C LEU F 334 13.70 -9.35 2.97
N ARG F 335 14.13 -10.61 3.00
CA ARG F 335 14.15 -11.46 1.81
C ARG F 335 13.00 -12.47 1.94
N VAL F 336 12.03 -12.36 1.04
CA VAL F 336 10.83 -13.17 1.10
C VAL F 336 11.01 -14.38 0.19
N VAL F 337 10.91 -15.57 0.78
CA VAL F 337 10.95 -16.83 0.03
C VAL F 337 9.50 -17.22 -0.24
N GLU F 338 9.03 -16.93 -1.46
CA GLU F 338 7.68 -17.32 -1.85
C GLU F 338 7.60 -18.85 -1.91
N SER F 339 6.79 -19.43 -1.03
CA SER F 339 6.71 -20.88 -0.92
C SER F 339 5.32 -21.27 -0.42
N VAL F 340 4.94 -22.52 -0.73
CA VAL F 340 3.66 -23.07 -0.28
C VAL F 340 3.81 -24.08 0.83
N TYR F 341 5.04 -24.48 1.18
CA TYR F 341 5.27 -25.54 2.15
C TYR F 341 5.41 -25.02 3.58
N GLY F 342 4.97 -23.79 3.83
CA GLY F 342 4.95 -23.26 5.18
C GLY F 342 6.33 -23.15 5.80
N HIS F 343 6.37 -23.36 7.12
CA HIS F 343 7.63 -23.25 7.86
C HIS F 343 8.70 -24.15 7.24
N ASP F 344 8.33 -25.38 6.87
CA ASP F 344 9.28 -26.32 6.31
C ASP F 344 9.88 -25.85 4.99
N GLY F 345 9.39 -24.74 4.44
CA GLY F 345 9.94 -24.24 3.20
C GLY F 345 11.43 -23.99 3.26
N PHE F 346 11.91 -23.50 4.41
CA PHE F 346 13.33 -23.25 4.57
C PHE F 346 14.17 -24.53 4.54
N LEU F 347 13.52 -25.69 4.54
CA LEU F 347 14.21 -26.96 4.32
C LEU F 347 13.98 -27.54 2.92
N VAL F 348 12.88 -27.16 2.27
CA VAL F 348 12.51 -27.71 0.98
C VAL F 348 12.94 -26.81 -0.17
N GLU F 349 12.67 -25.50 -0.05
CA GLU F 349 13.06 -24.55 -1.08
C GLU F 349 14.57 -24.39 -1.13
N THR F 350 15.26 -25.41 -1.65
CA THR F 350 16.72 -25.40 -1.62
C THR F 350 17.30 -24.34 -2.55
N GLU F 351 16.63 -24.07 -3.67
CA GLU F 351 17.14 -23.04 -4.58
C GLU F 351 17.00 -21.65 -3.96
N ALA F 352 15.89 -21.40 -3.26
CA ALA F 352 15.69 -20.10 -2.63
C ALA F 352 16.59 -19.91 -1.43
N VAL F 353 16.67 -20.93 -0.56
CA VAL F 353 17.52 -20.83 0.61
C VAL F 353 18.99 -20.89 0.22
N GLY F 354 19.31 -21.56 -0.88
CA GLY F 354 20.68 -21.68 -1.34
C GLY F 354 21.32 -20.35 -1.68
N GLU F 355 20.72 -19.62 -2.62
CA GLU F 355 21.26 -18.31 -2.98
C GLU F 355 21.18 -17.32 -1.82
N LEU F 356 20.29 -17.55 -0.86
CA LEU F 356 20.28 -16.73 0.34
C LEU F 356 21.48 -17.00 1.22
N ILE F 357 21.91 -18.27 1.26
CA ILE F 357 23.16 -18.59 1.97
C ILE F 357 24.35 -17.96 1.27
N ARG F 358 24.32 -17.90 -0.06
CA ARG F 358 25.42 -17.30 -0.80
C ARG F 358 25.51 -15.80 -0.52
N GLN F 359 24.37 -15.12 -0.41
CA GLN F 359 24.39 -13.71 -0.04
C GLN F 359 25.05 -13.52 1.33
N THR F 360 24.72 -14.39 2.28
CA THR F 360 25.33 -14.31 3.61
C THR F 360 26.84 -14.45 3.53
N LEU F 361 27.32 -15.43 2.76
CA LEU F 361 28.76 -15.62 2.62
C LEU F 361 29.40 -14.52 1.79
N GLY F 362 28.65 -13.94 0.86
CA GLY F 362 29.14 -12.76 0.17
C GLY F 362 29.54 -11.66 1.13
N LEU F 363 28.73 -11.44 2.16
CA LEU F 363 29.09 -10.47 3.20
C LEU F 363 30.25 -10.97 4.05
N ALA F 364 30.38 -12.25 4.25
CA ALA F 364 31.47 -12.76 5.11
C ALA F 364 32.80 -12.39 4.47
N ASP F 365 32.87 -12.51 3.16
CA ASP F 365 34.09 -12.20 2.39
C ASP F 365 34.43 -10.72 2.49
N ARG F 366 33.42 -9.85 2.51
CA ARG F 366 33.65 -8.39 2.50
C ARG F 366 34.09 -7.88 3.87
N GLU F 367 33.70 -8.55 4.96
CA GLU F 367 34.08 -8.04 6.27
C GLU F 367 35.46 -8.55 6.67
#